data_9NZ6
#
_entry.id   9NZ6
#
_cell.length_a   129.620
_cell.length_b   129.756
_cell.length_c   228.937
_cell.angle_alpha   90.000
_cell.angle_beta   90.000
_cell.angle_gamma   90.000
#
_symmetry.space_group_name_H-M   'P 2 21 21'
#
loop_
_entity.id
_entity.type
_entity.pdbx_description
1 polymer Oxidoreductase
2 water water
#
_entity_poly.entity_id   1
_entity_poly.type   'polypeptide(L)'
_entity_poly.pdbx_seq_one_letter_code
;MGSSHHHHHHSSGLVPRGSMRYLAHPDRYDRIAYRRVGRSGLVLPALSLGLWHNFGDSTPIDTQRALLRTAFDLGITHFD
LANNYGPPYGSAEINFGRLLREDFKPYRDELILSTKAGWDMWPGPYGQGGSSRKYLLSSLDQSLQRLGVDYVDIFYSHRF
DADTPLEETAGALASAVQQGKALYVGISSYSAARTREIAALLRAWKVPLLIHQPAYNLFNRWAEHELFDATAELGAGVIA
FTPLAQGLLTGKYLDGVPADARVNRPGGQSLRPEHLSDDNLQRARGLDAIARGRGQSLAQLALAWVLRDARVSSALLGAS
RPEQLIENVAALQAPPFSAEELAEIDRHAVEGGINLWEKPSTDWQ
;
_entity_poly.pdbx_strand_id   A,B,C,D,E,F,G,H
#
# COMPACT_ATOMS: atom_id res chain seq x y z
N GLY A 18 34.41 -5.63 -6.60
CA GLY A 18 33.33 -6.18 -5.79
C GLY A 18 31.95 -5.75 -6.26
N SER A 19 31.64 -4.47 -6.07
CA SER A 19 30.37 -3.90 -6.50
C SER A 19 30.65 -2.59 -7.23
N MET A 20 30.23 -2.50 -8.48
CA MET A 20 30.55 -1.36 -9.34
C MET A 20 29.42 -0.35 -9.26
N ARG A 21 29.57 0.63 -8.37
CA ARG A 21 28.61 1.73 -8.25
C ARG A 21 28.89 2.74 -9.36
N TYR A 22 27.93 2.93 -10.26
CA TYR A 22 28.12 3.83 -11.38
C TYR A 22 28.14 5.28 -10.90
N LEU A 23 29.20 6.00 -11.24
CA LEU A 23 29.30 7.43 -10.98
C LEU A 23 29.57 8.14 -12.30
N ALA A 24 28.73 9.11 -12.63
CA ALA A 24 28.89 9.85 -13.87
C ALA A 24 30.11 10.76 -13.80
N HIS A 25 30.68 11.06 -14.97
CA HIS A 25 31.87 11.89 -15.02
C HIS A 25 31.54 13.30 -14.52
N PRO A 26 32.32 13.86 -13.60
CA PRO A 26 32.03 15.23 -13.13
C PRO A 26 32.13 16.27 -14.22
N ASP A 27 32.83 15.99 -15.32
CA ASP A 27 32.97 16.93 -16.43
C ASP A 27 32.02 16.61 -17.58
N ARG A 28 30.92 15.90 -17.30
CA ARG A 28 30.03 15.48 -18.37
C ARG A 28 29.26 16.64 -18.97
N TYR A 29 28.98 17.68 -18.17
CA TYR A 29 28.21 18.83 -18.64
C TYR A 29 29.11 19.93 -19.21
N ASP A 30 30.39 19.65 -19.41
CA ASP A 30 31.31 20.56 -20.09
C ASP A 30 31.92 19.87 -21.31
N ARG A 31 31.15 19.01 -21.97
CA ARG A 31 31.62 18.24 -23.12
C ARG A 31 30.88 18.64 -24.40
N ILE A 32 29.56 18.51 -24.42
CA ILE A 32 28.77 18.73 -25.62
C ILE A 32 28.03 20.06 -25.51
N ALA A 33 27.60 20.57 -26.67
CA ALA A 33 26.78 21.75 -26.72
C ALA A 33 25.30 21.38 -26.56
N TYR A 34 24.50 22.34 -26.13
CA TYR A 34 23.07 22.14 -25.90
C TYR A 34 22.29 23.14 -26.72
N ARG A 35 21.39 22.64 -27.56
CA ARG A 35 20.62 23.44 -28.50
C ARG A 35 19.15 23.43 -28.10
N ARG A 36 18.55 24.62 -28.03
CA ARG A 36 17.17 24.75 -27.61
C ARG A 36 16.22 24.30 -28.71
N VAL A 37 15.18 23.57 -28.32
CA VAL A 37 14.20 23.04 -29.28
C VAL A 37 13.18 24.12 -29.59
N GLY A 38 13.22 24.64 -30.81
CA GLY A 38 12.23 25.61 -31.25
C GLY A 38 12.29 26.88 -30.41
N ARG A 39 11.17 27.22 -29.79
CA ARG A 39 11.04 28.41 -28.96
C ARG A 39 10.40 28.05 -27.62
N SER A 40 10.79 26.93 -27.04
CA SER A 40 10.30 26.49 -25.75
C SER A 40 11.39 26.68 -24.70
N GLY A 41 11.21 26.05 -23.54
CA GLY A 41 12.20 26.11 -22.48
C GLY A 41 13.10 24.90 -22.47
N LEU A 42 12.69 23.85 -23.18
CA LEU A 42 13.46 22.62 -23.22
C LEU A 42 14.70 22.81 -24.08
N VAL A 43 15.80 22.18 -23.67
CA VAL A 43 17.05 22.19 -24.42
C VAL A 43 17.52 20.75 -24.59
N LEU A 44 18.03 20.44 -25.77
CA LEU A 44 18.46 19.10 -26.11
C LEU A 44 19.98 19.05 -26.32
N PRO A 45 20.61 17.90 -26.09
CA PRO A 45 22.02 17.76 -26.46
C PRO A 45 22.19 17.86 -27.97
N ALA A 46 23.36 18.30 -28.40
CA ALA A 46 23.64 18.41 -29.83
C ALA A 46 23.43 17.09 -30.54
N LEU A 47 23.81 15.98 -29.89
CA LEU A 47 23.59 14.65 -30.42
C LEU A 47 22.93 13.80 -29.34
N SER A 48 21.86 13.09 -29.71
CA SER A 48 21.15 12.20 -28.81
C SER A 48 21.48 10.75 -29.15
N LEU A 49 20.89 9.83 -28.40
CA LEU A 49 21.11 8.40 -28.58
C LEU A 49 19.76 7.71 -28.66
N GLY A 50 19.48 7.09 -29.81
CA GLY A 50 18.23 6.38 -30.03
C GLY A 50 18.43 4.87 -29.91
N LEU A 51 17.56 4.25 -29.12
CA LEU A 51 17.60 2.80 -28.89
C LEU A 51 16.87 2.02 -29.98
N TRP A 52 17.00 2.44 -31.24
CA TRP A 52 16.31 1.77 -32.33
C TRP A 52 16.84 0.35 -32.54
N HIS A 53 18.16 0.19 -32.53
CA HIS A 53 18.79 -1.10 -32.77
C HIS A 53 19.73 -1.44 -31.62
N ASN A 54 20.03 -2.73 -31.50
CA ASN A 54 21.02 -3.24 -30.54
C ASN A 54 20.65 -2.89 -29.10
N PHE A 55 19.35 -2.92 -28.79
CA PHE A 55 18.92 -2.75 -27.41
C PHE A 55 17.82 -3.73 -27.02
N GLY A 56 17.55 -4.74 -27.84
CA GLY A 56 16.61 -5.78 -27.48
C GLY A 56 17.27 -6.87 -26.66
N ASP A 57 16.61 -8.03 -26.61
CA ASP A 57 17.17 -9.17 -25.88
C ASP A 57 18.33 -9.82 -26.61
N SER A 58 18.56 -9.47 -27.88
CA SER A 58 19.66 -10.08 -28.63
C SER A 58 21.01 -9.52 -28.19
N THR A 59 21.04 -8.28 -27.68
CA THR A 59 22.28 -7.65 -27.26
C THR A 59 22.51 -7.90 -25.77
N PRO A 60 23.72 -8.29 -25.37
CA PRO A 60 23.99 -8.51 -23.94
C PRO A 60 23.83 -7.22 -23.14
N ILE A 61 23.63 -7.40 -21.84
CA ILE A 61 23.40 -6.25 -20.95
C ILE A 61 24.69 -5.47 -20.74
N ASP A 62 25.85 -6.14 -20.78
CA ASP A 62 27.11 -5.45 -20.58
C ASP A 62 27.32 -4.35 -21.61
N THR A 63 27.10 -4.66 -22.89
CA THR A 63 27.33 -3.68 -23.94
C THR A 63 26.29 -2.56 -23.92
N GLN A 64 25.05 -2.88 -23.52
CA GLN A 64 24.03 -1.83 -23.42
C GLN A 64 24.32 -0.89 -22.27
N ARG A 65 24.74 -1.43 -21.12
CA ARG A 65 25.08 -0.59 -19.99
C ARG A 65 26.31 0.27 -20.29
N ALA A 66 27.30 -0.30 -20.99
CA ALA A 66 28.50 0.45 -21.31
C ALA A 66 28.22 1.59 -22.29
N LEU A 67 27.31 1.36 -23.24
CA LEU A 67 26.99 2.41 -24.21
C LEU A 67 26.25 3.56 -23.55
N LEU A 68 25.31 3.25 -22.63
CA LEU A 68 24.59 4.31 -21.95
C LEU A 68 25.48 5.02 -20.94
N ARG A 69 26.38 4.29 -20.27
CA ARG A 69 27.31 4.92 -19.35
C ARG A 69 28.26 5.87 -20.08
N THR A 70 28.73 5.45 -21.26
CA THR A 70 29.63 6.31 -22.02
C THR A 70 28.90 7.53 -22.58
N ALA A 71 27.66 7.33 -23.04
CA ALA A 71 26.87 8.45 -23.55
C ALA A 71 26.62 9.49 -22.47
N PHE A 72 26.26 9.05 -21.26
CA PHE A 72 26.03 9.99 -20.18
C PHE A 72 27.33 10.53 -19.60
N ASP A 73 28.44 9.79 -19.74
CA ASP A 73 29.74 10.36 -19.40
C ASP A 73 30.11 11.50 -20.33
N LEU A 74 29.58 11.49 -21.56
CA LEU A 74 29.65 12.64 -22.43
C LEU A 74 28.57 13.64 -22.04
N GLY A 75 28.11 14.45 -22.98
CA GLY A 75 27.03 15.36 -22.71
C GLY A 75 25.66 14.87 -23.08
N ILE A 76 25.55 13.63 -23.55
CA ILE A 76 24.27 13.09 -24.00
C ILE A 76 23.35 12.91 -22.80
N THR A 77 22.21 13.58 -22.82
CA THR A 77 21.21 13.48 -21.77
C THR A 77 19.83 13.08 -22.27
N HIS A 78 19.68 12.88 -23.58
CA HIS A 78 18.41 12.46 -24.16
C HIS A 78 18.54 11.06 -24.72
N PHE A 79 17.55 10.21 -24.44
CA PHE A 79 17.52 8.84 -24.92
C PHE A 79 16.13 8.58 -25.51
N ASP A 80 16.07 8.42 -26.82
CA ASP A 80 14.81 8.24 -27.54
C ASP A 80 14.52 6.75 -27.67
N LEU A 81 13.34 6.33 -27.20
CA LEU A 81 12.88 4.96 -27.29
C LEU A 81 11.55 4.91 -28.03
N ALA A 82 11.06 3.69 -28.24
CA ALA A 82 9.75 3.47 -28.84
C ALA A 82 9.25 2.11 -28.38
N ASN A 83 7.92 1.95 -28.45
CA ASN A 83 7.31 0.73 -27.93
C ASN A 83 7.69 -0.50 -28.75
N ASN A 84 7.95 -0.33 -30.04
CA ASN A 84 8.26 -1.46 -30.91
C ASN A 84 9.76 -1.65 -31.13
N TYR A 85 10.60 -1.00 -30.34
CA TYR A 85 12.04 -1.13 -30.49
C TYR A 85 12.52 -2.45 -29.88
N GLY A 86 13.31 -3.19 -30.64
CA GLY A 86 13.85 -4.46 -30.17
C GLY A 86 14.96 -4.95 -31.08
N PRO A 87 14.87 -6.22 -31.52
CA PRO A 87 13.83 -7.21 -31.20
C PRO A 87 14.11 -7.92 -29.88
N PRO A 88 13.11 -8.49 -29.19
CA PRO A 88 11.68 -8.51 -29.53
C PRO A 88 11.00 -7.16 -29.31
N TYR A 89 9.72 -7.04 -29.65
CA TYR A 89 9.02 -5.77 -29.50
C TYR A 89 8.83 -5.43 -28.02
N GLY A 90 9.24 -4.24 -27.63
CA GLY A 90 9.09 -3.77 -26.27
C GLY A 90 10.25 -4.07 -25.35
N SER A 91 11.21 -4.87 -25.79
CA SER A 91 12.33 -5.24 -24.93
C SER A 91 13.35 -4.11 -24.74
N ALA A 92 13.33 -3.11 -25.62
CA ALA A 92 14.23 -1.97 -25.44
C ALA A 92 13.81 -1.13 -24.25
N GLU A 93 12.50 -0.96 -24.04
CA GLU A 93 12.02 -0.24 -22.87
C GLU A 93 12.23 -1.04 -21.59
N ILE A 94 12.19 -2.37 -21.68
CA ILE A 94 12.45 -3.20 -20.51
C ILE A 94 13.93 -3.14 -20.14
N ASN A 95 14.81 -3.22 -21.14
CA ASN A 95 16.25 -3.15 -20.87
C ASN A 95 16.63 -1.77 -20.34
N PHE A 96 16.12 -0.72 -20.95
CA PHE A 96 16.43 0.62 -20.47
C PHE A 96 15.83 0.88 -19.09
N GLY A 97 14.65 0.31 -18.82
CA GLY A 97 14.07 0.45 -17.50
C GLY A 97 14.87 -0.26 -16.43
N ARG A 98 15.61 -1.30 -16.81
CA ARG A 98 16.49 -1.97 -15.86
C ARG A 98 17.74 -1.15 -15.57
N LEU A 99 18.38 -0.65 -16.63
CA LEU A 99 19.58 0.18 -16.45
C LEU A 99 19.26 1.50 -15.76
N LEU A 100 18.01 1.97 -15.82
CA LEU A 100 17.63 3.18 -15.11
C LEU A 100 17.43 2.90 -13.62
N ARG A 101 16.85 1.75 -13.29
CA ARG A 101 16.68 1.37 -11.89
C ARG A 101 18.01 1.04 -11.22
N GLU A 102 18.95 0.44 -11.97
CA GLU A 102 20.22 0.02 -11.40
C GLU A 102 21.26 1.13 -11.38
N ASP A 103 21.32 1.95 -12.42
CA ASP A 103 22.41 2.92 -12.58
C ASP A 103 21.94 4.36 -12.66
N PHE A 104 20.90 4.65 -13.42
CA PHE A 104 20.54 6.01 -13.78
C PHE A 104 19.39 6.58 -12.94
N LYS A 105 19.14 6.03 -11.75
CA LYS A 105 18.07 6.56 -10.92
C LYS A 105 18.44 7.90 -10.28
N PRO A 106 19.62 8.08 -9.67
CA PRO A 106 19.95 9.41 -9.12
C PRO A 106 20.14 10.48 -10.19
N TYR A 107 20.11 10.13 -11.47
CA TYR A 107 20.24 11.10 -12.55
C TYR A 107 18.95 11.25 -13.36
N ARG A 108 17.82 10.77 -12.84
CA ARG A 108 16.60 10.76 -13.63
C ARG A 108 16.13 12.17 -13.95
N ASP A 109 16.16 13.08 -12.98
CA ASP A 109 15.80 14.46 -13.24
C ASP A 109 16.76 15.14 -14.21
N GLU A 110 17.98 14.61 -14.34
CA GLU A 110 18.92 15.11 -15.33
C GLU A 110 18.72 14.47 -16.70
N LEU A 111 18.03 13.33 -16.76
CA LEU A 111 17.80 12.62 -18.00
C LEU A 111 16.51 13.10 -18.67
N ILE A 112 16.38 12.76 -19.94
CA ILE A 112 15.17 13.05 -20.72
C ILE A 112 14.84 11.80 -21.53
N LEU A 113 13.65 11.24 -21.28
CA LEU A 113 13.19 10.05 -21.97
C LEU A 113 12.02 10.40 -22.86
N SER A 114 11.93 9.70 -23.99
CA SER A 114 10.84 9.92 -24.94
C SER A 114 10.43 8.58 -25.54
N THR A 115 9.16 8.24 -25.39
CA THR A 115 8.61 7.02 -25.96
C THR A 115 7.57 7.39 -27.02
N LYS A 116 7.35 6.47 -27.95
CA LYS A 116 6.39 6.68 -29.02
C LYS A 116 5.42 5.50 -29.06
N ALA A 117 4.34 5.68 -29.83
CA ALA A 117 3.33 4.63 -29.98
C ALA A 117 2.60 4.89 -31.29
N GLY A 118 2.90 4.10 -32.31
CA GLY A 118 2.28 4.28 -33.61
C GLY A 118 2.51 3.13 -34.57
N TRP A 119 3.30 2.14 -34.17
CA TRP A 119 3.58 1.01 -35.04
C TRP A 119 3.07 -0.31 -34.45
N ASP A 120 3.57 -1.43 -34.97
CA ASP A 120 3.08 -2.73 -34.54
C ASP A 120 3.61 -3.07 -33.14
N MET A 121 2.69 -3.39 -32.24
CA MET A 121 3.06 -3.71 -30.86
C MET A 121 2.50 -5.06 -30.44
N TRP A 122 1.17 -5.16 -30.35
CA TRP A 122 0.48 -6.39 -29.99
C TRP A 122 -0.51 -6.77 -31.08
N PRO A 123 -0.88 -8.04 -31.18
CA PRO A 123 -1.82 -8.46 -32.23
C PRO A 123 -3.21 -7.87 -32.02
N GLY A 124 -3.83 -7.47 -33.12
CA GLY A 124 -5.16 -6.91 -33.08
C GLY A 124 -5.27 -5.59 -33.81
N PRO A 125 -6.49 -5.21 -34.19
CA PRO A 125 -6.68 -3.93 -34.89
C PRO A 125 -6.40 -2.72 -34.01
N TYR A 126 -6.34 -2.89 -32.70
CA TYR A 126 -5.97 -1.81 -31.78
C TYR A 126 -4.49 -1.81 -31.44
N GLY A 127 -3.71 -2.73 -32.00
CA GLY A 127 -2.30 -2.82 -31.66
C GLY A 127 -1.38 -2.99 -32.85
N GLN A 128 -1.95 -2.99 -34.06
CA GLN A 128 -1.15 -3.09 -35.29
C GLN A 128 -0.83 -1.73 -35.88
N GLY A 129 -0.53 -0.74 -35.04
CA GLY A 129 -0.19 0.58 -35.53
C GLY A 129 -1.39 1.50 -35.66
N GLY A 130 -1.21 2.75 -35.30
CA GLY A 130 -2.29 3.72 -35.41
C GLY A 130 -2.04 4.90 -34.49
N SER A 131 -3.05 5.78 -34.44
CA SER A 131 -3.01 6.96 -33.59
C SER A 131 -4.31 7.16 -32.82
N SER A 132 -5.07 6.09 -32.62
CA SER A 132 -6.32 6.18 -31.90
C SER A 132 -6.08 6.43 -30.42
N ARG A 133 -7.09 7.01 -29.76
CA ARG A 133 -6.98 7.26 -28.32
C ARG A 133 -6.84 5.95 -27.54
N LYS A 134 -7.43 4.87 -28.04
CA LYS A 134 -7.34 3.59 -27.34
C LYS A 134 -5.93 3.02 -27.41
N TYR A 135 -5.31 3.07 -28.60
CA TYR A 135 -3.96 2.51 -28.75
C TYR A 135 -2.91 3.42 -28.14
N LEU A 136 -3.09 4.75 -28.22
CA LEU A 136 -2.11 5.67 -27.66
C LEU A 136 -2.05 5.56 -26.14
N LEU A 137 -3.21 5.62 -25.48
CA LEU A 137 -3.24 5.58 -24.02
C LEU A 137 -2.90 4.20 -23.48
N SER A 138 -3.14 3.14 -24.27
CA SER A 138 -2.76 1.80 -23.84
C SER A 138 -1.26 1.60 -23.92
N SER A 139 -0.68 1.91 -25.08
CA SER A 139 0.77 1.73 -25.27
C SER A 139 1.58 2.68 -24.41
N LEU A 140 1.00 3.81 -23.98
CA LEU A 140 1.71 4.69 -23.07
C LEU A 140 1.73 4.13 -21.66
N ASP A 141 0.62 3.55 -21.20
CA ASP A 141 0.62 2.89 -19.89
C ASP A 141 1.56 1.69 -19.87
N GLN A 142 1.78 1.07 -21.03
CA GLN A 142 2.75 -0.01 -21.10
C GLN A 142 4.19 0.49 -21.09
N SER A 143 4.45 1.60 -21.78
CA SER A 143 5.80 2.17 -21.78
C SER A 143 6.20 2.66 -20.40
N LEU A 144 5.24 3.21 -19.64
CA LEU A 144 5.55 3.65 -18.28
C LEU A 144 5.81 2.46 -17.36
N GLN A 145 5.06 1.38 -17.53
CA GLN A 145 5.25 0.22 -16.67
C GLN A 145 6.55 -0.51 -17.00
N ARG A 146 6.95 -0.53 -18.27
CA ARG A 146 8.19 -1.19 -18.65
C ARG A 146 9.40 -0.36 -18.26
N LEU A 147 9.33 0.97 -18.40
CA LEU A 147 10.45 1.82 -18.03
C LEU A 147 10.59 1.96 -16.53
N GLY A 148 9.49 1.81 -15.78
CA GLY A 148 9.54 2.02 -14.36
C GLY A 148 9.63 3.48 -13.96
N VAL A 149 9.03 4.37 -14.75
CA VAL A 149 9.06 5.81 -14.48
C VAL A 149 7.63 6.31 -14.39
N ASP A 150 7.43 7.37 -13.60
CA ASP A 150 6.11 7.97 -13.46
C ASP A 150 5.68 8.64 -14.77
N TYR A 151 6.61 9.28 -15.47
CA TYR A 151 6.29 10.00 -16.69
C TYR A 151 7.47 9.92 -17.64
N VAL A 152 7.17 10.06 -18.93
CA VAL A 152 8.19 10.26 -19.95
C VAL A 152 8.26 11.74 -20.27
N ASP A 153 9.46 12.26 -20.51
CA ASP A 153 9.62 13.69 -20.75
C ASP A 153 8.91 14.12 -22.03
N ILE A 154 9.03 13.33 -23.09
CA ILE A 154 8.33 13.58 -24.34
C ILE A 154 7.53 12.35 -24.71
N PHE A 155 6.45 12.56 -25.47
CA PHE A 155 5.61 11.46 -25.94
C PHE A 155 5.23 11.75 -27.39
N TYR A 156 5.68 10.90 -28.31
CA TYR A 156 5.46 11.09 -29.72
C TYR A 156 4.20 10.36 -30.19
N SER A 157 3.87 10.55 -31.47
CA SER A 157 2.84 9.76 -32.13
C SER A 157 3.42 8.69 -33.05
N HIS A 158 4.66 8.89 -33.50
CA HIS A 158 5.46 7.93 -34.27
C HIS A 158 5.01 7.81 -35.73
N ARG A 159 3.70 7.67 -35.96
CA ARG A 159 3.18 7.48 -37.30
C ARG A 159 1.90 8.28 -37.45
N PHE A 160 1.70 8.86 -38.64
CA PHE A 160 0.45 9.52 -38.97
C PHE A 160 -0.58 8.49 -39.42
N ASP A 161 -1.78 8.59 -38.87
CA ASP A 161 -2.88 7.67 -39.18
C ASP A 161 -3.87 8.39 -40.08
N ALA A 162 -3.89 8.03 -41.36
CA ALA A 162 -4.78 8.69 -42.31
C ALA A 162 -6.24 8.33 -42.10
N ASP A 163 -6.53 7.27 -41.34
CA ASP A 163 -7.89 6.85 -41.09
C ASP A 163 -8.44 7.34 -39.75
N THR A 164 -7.58 7.80 -38.85
CA THR A 164 -8.01 8.34 -37.56
C THR A 164 -7.96 9.86 -37.61
N PRO A 165 -9.04 10.55 -37.23
CA PRO A 165 -9.02 12.01 -37.26
C PRO A 165 -8.05 12.57 -36.23
N LEU A 166 -7.42 13.70 -36.59
CA LEU A 166 -6.42 14.30 -35.73
C LEU A 166 -7.00 14.90 -34.46
N GLU A 167 -8.33 15.08 -34.38
CA GLU A 167 -8.92 15.54 -33.13
C GLU A 167 -8.78 14.50 -32.04
N GLU A 168 -8.99 13.22 -32.37
CA GLU A 168 -8.85 12.16 -31.38
C GLU A 168 -7.40 11.97 -30.97
N THR A 169 -6.46 12.17 -31.90
CA THR A 169 -5.05 12.07 -31.56
C THR A 169 -4.61 13.21 -30.65
N ALA A 170 -4.96 14.45 -31.01
CA ALA A 170 -4.60 15.59 -30.18
C ALA A 170 -5.24 15.51 -28.80
N GLY A 171 -6.45 14.95 -28.72
CA GLY A 171 -7.07 14.75 -27.42
C GLY A 171 -6.38 13.70 -26.58
N ALA A 172 -5.81 12.68 -27.23
CA ALA A 172 -5.07 11.66 -26.50
C ALA A 172 -3.73 12.19 -26.01
N LEU A 173 -3.04 12.96 -26.85
CA LEU A 173 -1.77 13.57 -26.43
C LEU A 173 -2.00 14.56 -25.30
N ALA A 174 -3.09 15.35 -25.38
CA ALA A 174 -3.40 16.28 -24.31
C ALA A 174 -3.79 15.55 -23.03
N SER A 175 -4.41 14.37 -23.16
CA SER A 175 -4.75 13.59 -21.97
C SER A 175 -3.49 13.07 -21.28
N ALA A 176 -2.44 12.75 -22.04
CA ALA A 176 -1.19 12.33 -21.45
C ALA A 176 -0.54 13.45 -20.65
N VAL A 177 -0.71 14.70 -21.08
CA VAL A 177 -0.14 15.83 -20.37
C VAL A 177 -0.99 16.18 -19.15
N GLN A 178 -2.32 16.09 -19.28
CA GLN A 178 -3.19 16.42 -18.16
C GLN A 178 -3.04 15.40 -17.02
N GLN A 179 -2.88 14.12 -17.35
CA GLN A 179 -2.73 13.09 -16.33
C GLN A 179 -1.33 13.05 -15.74
N GLY A 180 -0.39 13.82 -16.26
CA GLY A 180 0.96 13.81 -15.73
C GLY A 180 1.81 12.65 -16.21
N LYS A 181 1.42 11.98 -17.28
CA LYS A 181 2.20 10.88 -17.84
C LYS A 181 3.25 11.34 -18.84
N ALA A 182 3.10 12.55 -19.39
CA ALA A 182 4.06 13.08 -20.34
C ALA A 182 4.13 14.59 -20.19
N LEU A 183 5.34 15.11 -20.02
CA LEU A 183 5.49 16.55 -19.83
C LEU A 183 5.33 17.32 -21.14
N TYR A 184 5.75 16.73 -22.26
CA TYR A 184 5.60 17.34 -23.57
C TYR A 184 5.10 16.29 -24.56
N VAL A 185 4.56 16.78 -25.68
CA VAL A 185 4.08 15.91 -26.75
C VAL A 185 4.78 16.28 -28.04
N GLY A 186 4.90 15.30 -28.93
CA GLY A 186 5.57 15.49 -30.20
C GLY A 186 4.99 14.57 -31.25
N ILE A 187 5.51 14.71 -32.47
CA ILE A 187 5.08 13.90 -33.61
C ILE A 187 6.32 13.47 -34.39
N SER A 188 6.21 12.32 -35.04
CA SER A 188 7.31 11.75 -35.81
C SER A 188 6.83 11.37 -37.20
N SER A 189 7.58 11.79 -38.22
CA SER A 189 7.28 11.48 -39.62
C SER A 189 5.88 11.97 -40.00
N TYR A 190 5.58 13.22 -39.64
CA TYR A 190 4.31 13.85 -39.96
C TYR A 190 4.49 14.80 -41.13
N SER A 191 3.46 14.88 -41.97
CA SER A 191 3.47 15.81 -43.09
C SER A 191 3.59 17.25 -42.60
N ALA A 192 4.08 18.12 -43.47
CA ALA A 192 4.18 19.53 -43.13
C ALA A 192 2.80 20.14 -42.89
N ALA A 193 1.82 19.76 -43.71
CA ALA A 193 0.46 20.24 -43.51
C ALA A 193 -0.19 19.56 -42.32
N ARG A 194 0.10 18.27 -42.11
CA ARG A 194 -0.45 17.55 -40.97
C ARG A 194 0.11 18.09 -39.66
N THR A 195 1.36 18.57 -39.66
CA THR A 195 1.95 19.15 -38.46
C THR A 195 1.21 20.43 -38.06
N ARG A 196 0.85 21.26 -39.05
CA ARG A 196 0.09 22.47 -38.73
C ARG A 196 -1.32 22.15 -38.28
N GLU A 197 -1.88 21.02 -38.70
CA GLU A 197 -3.20 20.63 -38.26
C GLU A 197 -3.19 20.16 -36.80
N ILE A 198 -2.33 19.20 -36.49
CA ILE A 198 -2.30 18.64 -35.14
C ILE A 198 -1.75 19.63 -34.13
N ALA A 199 -0.95 20.61 -34.57
CA ALA A 199 -0.45 21.61 -33.63
C ALA A 199 -1.53 22.62 -33.27
N ALA A 200 -2.36 23.01 -34.24
CA ALA A 200 -3.46 23.92 -33.96
C ALA A 200 -4.53 23.23 -33.10
N LEU A 201 -4.77 21.95 -33.35
CA LEU A 201 -5.72 21.20 -32.52
C LEU A 201 -5.17 20.99 -31.11
N LEU A 202 -3.84 20.92 -30.97
CA LEU A 202 -3.24 20.84 -29.64
C LEU A 202 -3.20 22.18 -28.94
N ARG A 203 -3.14 23.28 -29.70
CA ARG A 203 -3.22 24.60 -29.08
C ARG A 203 -4.57 24.84 -28.43
N ALA A 204 -5.62 24.20 -28.95
CA ALA A 204 -6.94 24.31 -28.33
C ALA A 204 -6.94 23.67 -26.94
N TRP A 205 -6.19 22.59 -26.76
CA TRP A 205 -6.04 21.95 -25.46
C TRP A 205 -5.01 22.64 -24.58
N LYS A 206 -4.43 23.75 -25.02
CA LYS A 206 -3.36 24.44 -24.30
C LYS A 206 -2.15 23.54 -24.07
N VAL A 207 -1.88 22.64 -25.01
CA VAL A 207 -0.73 21.76 -24.97
C VAL A 207 0.10 22.01 -26.23
N PRO A 208 1.16 22.81 -26.13
CA PRO A 208 1.95 23.14 -27.33
C PRO A 208 2.71 21.94 -27.86
N LEU A 209 2.78 21.85 -29.19
CA LEU A 209 3.58 20.83 -29.84
C LEU A 209 5.06 21.13 -29.60
N LEU A 210 5.75 20.22 -28.93
CA LEU A 210 7.13 20.47 -28.53
C LEU A 210 8.11 20.29 -29.69
N ILE A 211 8.15 19.09 -30.26
CA ILE A 211 9.20 18.73 -31.19
C ILE A 211 8.65 17.83 -32.29
N HIS A 212 9.30 17.88 -33.46
CA HIS A 212 8.97 17.04 -34.60
C HIS A 212 10.21 16.22 -34.95
N GLN A 213 10.01 14.92 -35.16
CA GLN A 213 11.11 13.98 -35.41
C GLN A 213 10.99 13.41 -36.82
N PRO A 214 11.55 14.08 -37.83
CA PRO A 214 11.53 13.52 -39.18
C PRO A 214 12.85 12.86 -39.54
N ALA A 215 12.89 12.19 -40.70
CA ALA A 215 14.15 11.69 -41.23
C ALA A 215 14.86 12.83 -41.95
N TYR A 216 16.13 13.03 -41.61
CA TYR A 216 16.86 14.18 -42.13
C TYR A 216 18.34 13.83 -42.23
N ASN A 217 18.87 13.81 -43.44
CA ASN A 217 20.29 13.57 -43.69
C ASN A 217 20.63 14.11 -45.07
N LEU A 218 21.82 13.79 -45.56
CA LEU A 218 22.27 14.31 -46.85
C LEU A 218 21.53 13.67 -48.01
N PHE A 219 21.12 12.41 -47.87
CA PHE A 219 20.42 11.69 -48.93
C PHE A 219 18.91 11.69 -48.75
N ASN A 220 18.38 12.51 -47.82
CA ASN A 220 16.95 12.57 -47.57
C ASN A 220 16.63 13.99 -47.10
N ARG A 221 16.44 14.89 -48.07
CA ARG A 221 16.18 16.29 -47.77
C ARG A 221 14.74 16.64 -48.09
N TRP A 222 13.79 15.85 -47.59
CA TRP A 222 12.38 16.12 -47.84
C TRP A 222 11.82 17.17 -46.90
N ALA A 223 12.41 17.31 -45.70
CA ALA A 223 11.90 18.26 -44.72
C ALA A 223 12.29 19.70 -45.05
N GLU A 224 13.32 19.90 -45.88
CA GLU A 224 13.75 21.25 -46.20
C GLU A 224 12.73 22.01 -47.03
N HIS A 225 11.80 21.30 -47.69
CA HIS A 225 10.82 21.96 -48.53
C HIS A 225 9.86 22.83 -47.73
N GLU A 226 9.05 22.20 -46.88
CA GLU A 226 8.04 22.92 -46.09
C GLU A 226 8.03 22.58 -44.61
N LEU A 227 8.67 21.49 -44.18
CA LEU A 227 8.56 21.09 -42.78
C LEU A 227 9.28 22.07 -41.86
N PHE A 228 10.50 22.48 -42.23
CA PHE A 228 11.23 23.42 -41.40
C PHE A 228 10.56 24.79 -41.36
N ASP A 229 9.91 25.20 -42.45
CA ASP A 229 9.20 26.46 -42.45
C ASP A 229 7.92 26.39 -41.62
N ALA A 230 7.32 25.21 -41.51
CA ALA A 230 6.12 25.05 -40.69
C ALA A 230 6.46 24.98 -39.21
N THR A 231 7.51 24.24 -38.86
CA THR A 231 7.92 24.13 -37.46
C THR A 231 8.50 25.43 -36.93
N ALA A 232 8.95 26.33 -37.82
CA ALA A 232 9.47 27.61 -37.37
C ALA A 232 8.34 28.59 -37.03
N GLU A 233 7.26 28.56 -37.82
CA GLU A 233 6.11 29.41 -37.50
C GLU A 233 5.39 28.92 -36.24
N LEU A 234 5.34 27.61 -36.03
CA LEU A 234 4.74 27.06 -34.83
C LEU A 234 5.64 27.23 -33.62
N GLY A 235 6.94 27.04 -33.79
CA GLY A 235 7.88 27.09 -32.69
C GLY A 235 8.34 25.75 -32.18
N ALA A 236 8.03 24.66 -32.89
CA ALA A 236 8.41 23.33 -32.46
C ALA A 236 9.81 22.99 -32.96
N GLY A 237 10.64 22.45 -32.08
CA GLY A 237 11.98 22.05 -32.46
C GLY A 237 11.96 20.83 -33.36
N VAL A 238 13.14 20.49 -33.87
CA VAL A 238 13.33 19.36 -34.76
C VAL A 238 14.42 18.47 -34.18
N ILE A 239 14.27 17.16 -34.35
CA ILE A 239 15.32 16.21 -34.01
C ILE A 239 15.46 15.23 -35.18
N ALA A 240 16.68 15.03 -35.63
CA ALA A 240 16.92 14.26 -36.86
C ALA A 240 16.94 12.77 -36.55
N PHE A 241 16.11 12.02 -37.27
CA PHE A 241 16.13 10.57 -37.22
C PHE A 241 16.98 10.05 -38.37
N THR A 242 17.81 9.05 -38.08
CA THR A 242 18.82 8.51 -38.97
C THR A 242 19.61 9.63 -39.66
N PRO A 243 20.37 10.42 -38.91
CA PRO A 243 21.20 11.44 -39.56
C PRO A 243 22.36 10.88 -40.35
N LEU A 244 22.75 9.63 -40.09
CA LEU A 244 23.78 8.95 -40.86
C LEU A 244 23.19 8.07 -41.95
N ALA A 245 21.87 8.16 -42.18
CA ALA A 245 21.19 7.49 -43.29
C ALA A 245 21.33 5.97 -43.23
N GLN A 246 21.42 5.41 -42.02
CA GLN A 246 21.53 3.96 -41.82
C GLN A 246 22.70 3.39 -42.62
N GLY A 247 23.80 4.12 -42.63
CA GLY A 247 24.91 3.83 -43.53
C GLY A 247 24.96 4.82 -44.67
N LEU A 248 25.96 4.61 -45.54
CA LEU A 248 26.23 5.48 -46.68
C LEU A 248 26.72 6.86 -46.25
N LEU A 249 26.65 7.15 -44.95
CA LEU A 249 27.12 8.41 -44.36
C LEU A 249 27.88 8.13 -43.08
N THR A 250 28.57 7.00 -43.04
CA THR A 250 29.35 6.61 -41.87
C THR A 250 30.76 6.16 -42.20
N GLY A 251 31.11 5.98 -43.47
CA GLY A 251 32.45 5.58 -43.84
C GLY A 251 32.73 4.10 -43.77
N LYS A 252 31.73 3.27 -43.44
CA LYS A 252 31.95 1.84 -43.33
C LYS A 252 31.90 1.15 -44.70
N TYR A 253 30.88 1.47 -45.50
CA TYR A 253 30.70 0.81 -46.78
C TYR A 253 31.70 1.25 -47.84
N LEU A 254 32.53 2.26 -47.55
CA LEU A 254 33.51 2.73 -48.52
C LEU A 254 34.82 1.95 -48.39
N LEU A 276 21.27 2.50 -52.12
CA LEU A 276 22.09 1.63 -51.29
C LEU A 276 23.44 1.38 -51.94
N SER A 277 23.48 1.53 -53.27
CA SER A 277 24.73 1.37 -54.03
C SER A 277 24.68 2.22 -55.29
N ASP A 278 25.39 1.78 -56.32
CA ASP A 278 25.42 2.45 -57.63
C ASP A 278 26.00 3.85 -57.43
N ASP A 279 25.37 4.91 -57.94
CA ASP A 279 25.90 6.26 -57.79
C ASP A 279 25.77 6.78 -56.35
N ASN A 280 24.99 6.12 -55.51
CA ASN A 280 24.87 6.56 -54.13
C ASN A 280 26.19 6.41 -53.38
N LEU A 281 27.02 5.45 -53.79
CA LEU A 281 28.36 5.33 -53.23
C LEU A 281 29.32 6.36 -53.80
N GLN A 282 29.13 6.76 -55.05
CA GLN A 282 29.96 7.80 -55.64
C GLN A 282 29.69 9.15 -55.01
N ARG A 283 28.44 9.42 -54.62
CA ARG A 283 28.15 10.64 -53.88
C ARG A 283 28.70 10.59 -52.46
N ALA A 284 28.70 9.41 -51.84
CA ALA A 284 29.26 9.27 -50.50
C ALA A 284 30.78 9.44 -50.52
N ARG A 285 31.44 9.03 -51.60
CA ARG A 285 32.89 9.22 -51.70
C ARG A 285 33.23 10.69 -51.85
N GLY A 286 32.43 11.44 -52.63
CA GLY A 286 32.65 12.87 -52.76
C GLY A 286 32.45 13.61 -51.46
N LEU A 287 31.46 13.19 -50.67
CA LEU A 287 31.26 13.80 -49.36
C LEU A 287 32.40 13.45 -48.42
N ASP A 288 32.91 12.22 -48.50
CA ASP A 288 34.07 11.84 -47.69
C ASP A 288 35.29 12.65 -48.06
N ALA A 289 35.40 13.06 -49.33
CA ALA A 289 36.50 13.93 -49.73
C ALA A 289 36.37 15.31 -49.11
N ILE A 290 35.15 15.83 -49.03
CA ILE A 290 34.93 17.12 -48.38
C ILE A 290 35.21 17.02 -46.88
N ALA A 291 34.87 15.88 -46.28
CA ALA A 291 35.14 15.68 -44.86
C ALA A 291 36.63 15.56 -44.60
N ARG A 292 37.35 14.84 -45.46
CA ARG A 292 38.79 14.72 -45.30
C ARG A 292 39.48 16.08 -45.44
N GLY A 293 39.03 16.89 -46.39
CA GLY A 293 39.57 18.22 -46.56
C GLY A 293 39.16 19.20 -45.46
N ARG A 294 38.11 18.87 -44.71
CA ARG A 294 37.69 19.71 -43.59
C ARG A 294 38.31 19.29 -42.27
N GLY A 295 38.81 18.07 -42.17
CA GLY A 295 39.40 17.57 -40.94
C GLY A 295 38.56 16.60 -40.16
N GLN A 296 37.48 16.09 -40.73
CA GLN A 296 36.57 15.17 -40.06
C GLN A 296 36.50 13.86 -40.84
N SER A 297 35.55 13.01 -40.45
CA SER A 297 35.18 11.82 -41.19
C SER A 297 33.82 12.05 -41.85
N LEU A 298 33.36 11.05 -42.61
CA LEU A 298 32.08 11.19 -43.30
C LEU A 298 30.93 11.31 -42.31
N ALA A 299 31.00 10.58 -41.20
CA ALA A 299 29.95 10.66 -40.19
C ALA A 299 29.91 12.04 -39.55
N GLN A 300 31.08 12.58 -39.19
CA GLN A 300 31.12 13.90 -38.55
C GLN A 300 30.71 15.01 -39.51
N LEU A 301 30.94 14.81 -40.82
CA LEU A 301 30.51 15.80 -41.79
C LEU A 301 29.00 15.78 -41.95
N ALA A 302 28.40 14.59 -42.01
CA ALA A 302 26.94 14.49 -42.17
C ALA A 302 26.21 15.01 -40.94
N LEU A 303 26.76 14.77 -39.75
CA LEU A 303 26.14 15.26 -38.53
C LEU A 303 26.23 16.78 -38.44
N ALA A 304 27.35 17.36 -38.86
CA ALA A 304 27.50 18.80 -38.82
C ALA A 304 26.60 19.48 -39.86
N TRP A 305 26.37 18.82 -41.00
CA TRP A 305 25.47 19.37 -42.00
C TRP A 305 24.02 19.34 -41.53
N VAL A 306 23.66 18.37 -40.70
CA VAL A 306 22.31 18.34 -40.14
C VAL A 306 22.14 19.46 -39.12
N LEU A 307 23.14 19.68 -38.27
CA LEU A 307 23.10 20.70 -37.24
C LEU A 307 23.60 22.05 -37.73
N ARG A 308 23.61 22.29 -39.04
CA ARG A 308 24.15 23.53 -39.57
C ARG A 308 23.24 24.73 -39.33
N ASP A 309 21.95 24.49 -39.10
CA ASP A 309 21.01 25.57 -38.84
C ASP A 309 20.26 25.29 -37.54
N ALA A 310 19.77 26.35 -36.92
CA ALA A 310 19.10 26.23 -35.62
C ALA A 310 17.75 25.54 -35.71
N ARG A 311 17.23 25.30 -36.92
CA ARG A 311 15.98 24.56 -37.05
C ARG A 311 16.10 23.18 -36.43
N VAL A 312 17.15 22.45 -36.78
CA VAL A 312 17.43 21.15 -36.17
C VAL A 312 18.05 21.38 -34.80
N SER A 313 17.62 20.58 -33.82
CA SER A 313 18.08 20.72 -32.45
C SER A 313 18.95 19.55 -31.97
N SER A 314 18.91 18.41 -32.66
CA SER A 314 19.69 17.25 -32.27
C SER A 314 19.71 16.27 -33.43
N ALA A 315 20.52 15.23 -33.28
CA ALA A 315 20.60 14.13 -34.24
C ALA A 315 20.69 12.81 -33.48
N LEU A 316 19.86 11.85 -33.86
CA LEU A 316 19.73 10.59 -33.13
C LEU A 316 20.81 9.62 -33.61
N LEU A 317 21.91 9.54 -32.85
CA LEU A 317 22.93 8.55 -33.13
C LEU A 317 22.44 7.16 -32.75
N GLY A 318 22.79 6.17 -33.57
CA GLY A 318 22.43 4.80 -33.31
C GLY A 318 23.40 4.11 -32.36
N ALA A 319 23.06 2.88 -32.01
CA ALA A 319 23.94 2.08 -31.16
C ALA A 319 25.16 1.64 -31.94
N SER A 320 26.34 1.92 -31.39
CA SER A 320 27.59 1.53 -32.03
C SER A 320 28.61 1.24 -30.94
N ARG A 321 29.83 0.94 -31.36
CA ARG A 321 30.91 0.75 -30.41
C ARG A 321 31.23 2.07 -29.71
N PRO A 322 31.73 2.02 -28.47
CA PRO A 322 31.92 3.28 -27.72
C PRO A 322 32.86 4.26 -28.38
N GLU A 323 33.93 3.78 -29.02
CA GLU A 323 34.85 4.70 -29.68
C GLU A 323 34.22 5.36 -30.90
N GLN A 324 33.22 4.72 -31.51
CA GLN A 324 32.48 5.35 -32.60
C GLN A 324 31.59 6.46 -32.08
N LEU A 325 31.00 6.28 -30.90
CA LEU A 325 30.14 7.30 -30.32
C LEU A 325 30.95 8.53 -29.93
N ILE A 326 32.12 8.33 -29.32
CA ILE A 326 32.94 9.47 -28.88
C ILE A 326 33.40 10.29 -30.07
N GLU A 327 33.76 9.62 -31.17
CA GLU A 327 34.17 10.34 -32.37
C GLU A 327 33.00 11.15 -32.96
N ASN A 328 31.79 10.59 -32.92
CA ASN A 328 30.65 11.28 -33.50
C ASN A 328 30.25 12.50 -32.66
N VAL A 329 30.36 12.40 -31.34
CA VAL A 329 29.95 13.50 -30.46
C VAL A 329 30.71 14.78 -30.79
N ALA A 330 31.96 14.66 -31.24
CA ALA A 330 32.75 15.82 -31.68
C ALA A 330 32.44 16.21 -33.12
N ALA A 331 31.17 16.17 -33.52
CA ALA A 331 30.82 16.48 -34.91
C ALA A 331 30.87 17.98 -35.15
N LEU A 332 30.42 18.78 -34.18
CA LEU A 332 30.47 20.23 -34.29
C LEU A 332 31.79 20.82 -33.83
N GLN A 333 32.80 19.98 -33.59
CA GLN A 333 34.10 20.48 -33.15
C GLN A 333 34.81 21.22 -34.29
N ALA A 334 34.58 20.82 -35.52
CA ALA A 334 35.16 21.50 -36.67
C ALA A 334 34.56 22.91 -36.81
N PRO A 335 35.24 23.81 -37.49
CA PRO A 335 34.68 25.15 -37.71
C PRO A 335 33.41 25.07 -38.55
N PRO A 336 32.54 26.08 -38.44
CA PRO A 336 31.29 26.05 -39.21
C PRO A 336 31.54 26.01 -40.70
N PHE A 337 30.52 25.57 -41.43
CA PHE A 337 30.65 25.38 -42.87
C PHE A 337 30.79 26.72 -43.59
N SER A 338 31.75 26.81 -44.50
CA SER A 338 31.90 27.99 -45.33
C SER A 338 30.78 28.04 -46.36
N ALA A 339 30.53 29.26 -46.87
CA ALA A 339 29.48 29.44 -47.87
C ALA A 339 29.76 28.63 -49.13
N GLU A 340 31.04 28.55 -49.52
CA GLU A 340 31.41 27.73 -50.67
C GLU A 340 31.40 26.24 -50.36
N GLU A 341 31.56 25.86 -49.09
CA GLU A 341 31.49 24.45 -48.73
C GLU A 341 30.08 23.90 -48.89
N LEU A 342 29.05 24.73 -48.70
CA LEU A 342 27.67 24.28 -48.89
C LEU A 342 27.43 23.90 -50.34
N ALA A 343 27.87 24.74 -51.28
CA ALA A 343 27.67 24.45 -52.69
C ALA A 343 28.45 23.21 -53.13
N GLU A 344 29.57 22.92 -52.47
CA GLU A 344 30.32 21.71 -52.79
C GLU A 344 29.59 20.47 -52.30
N ILE A 345 28.98 20.53 -51.13
CA ILE A 345 28.23 19.39 -50.61
C ILE A 345 26.97 19.16 -51.43
N ASP A 346 26.33 20.24 -51.88
CA ASP A 346 25.12 20.12 -52.67
C ASP A 346 25.35 19.50 -54.03
N ARG A 347 26.60 19.46 -54.50
CA ARG A 347 26.92 18.74 -55.74
C ARG A 347 26.85 17.24 -55.56
N HIS A 348 26.80 16.74 -54.32
CA HIS A 348 26.70 15.30 -54.07
C HIS A 348 25.51 14.96 -53.17
N ALA A 349 24.64 15.93 -52.87
CA ALA A 349 23.52 15.72 -51.95
C ALA A 349 22.19 15.59 -52.66
N VAL A 350 21.95 16.36 -53.72
CA VAL A 350 20.69 16.31 -54.44
C VAL A 350 20.94 16.25 -55.94
N SER B 19 -25.55 -10.71 13.02
CA SER B 19 -25.60 -10.70 14.47
C SER B 19 -26.34 -9.46 14.98
N MET B 20 -25.59 -8.51 15.54
CA MET B 20 -26.14 -7.25 16.03
C MET B 20 -25.96 -6.13 15.01
N ARG B 21 -26.41 -6.38 13.79
CA ARG B 21 -26.23 -5.45 12.68
C ARG B 21 -27.54 -4.75 12.34
N TYR B 22 -27.50 -3.92 11.30
CA TYR B 22 -28.60 -3.06 10.92
C TYR B 22 -29.18 -3.53 9.59
N LEU B 23 -30.50 -3.73 9.56
CA LEU B 23 -31.23 -4.06 8.35
C LEU B 23 -32.23 -2.95 8.09
N ALA B 24 -32.05 -2.22 6.99
CA ALA B 24 -32.96 -1.14 6.65
C ALA B 24 -34.35 -1.68 6.37
N HIS B 25 -35.36 -0.89 6.71
CA HIS B 25 -36.73 -1.31 6.50
C HIS B 25 -37.01 -1.46 5.01
N PRO B 26 -37.69 -2.54 4.60
CA PRO B 26 -37.91 -2.74 3.15
C PRO B 26 -38.84 -1.70 2.54
N ASP B 27 -39.80 -1.19 3.29
CA ASP B 27 -40.75 -0.19 2.79
C ASP B 27 -40.21 1.24 2.91
N ARG B 28 -38.89 1.41 3.09
CA ARG B 28 -38.34 2.73 3.38
C ARG B 28 -38.51 3.69 2.21
N TYR B 29 -38.55 3.18 0.98
CA TYR B 29 -38.70 4.01 -0.20
C TYR B 29 -40.14 4.13 -0.67
N ASP B 30 -41.10 3.59 0.10
CA ASP B 30 -42.52 3.73 -0.18
C ASP B 30 -43.22 4.59 0.87
N ARG B 31 -42.47 5.39 1.61
CA ARG B 31 -43.01 6.16 2.73
C ARG B 31 -42.97 7.66 2.48
N ILE B 32 -41.77 8.24 2.35
CA ILE B 32 -41.64 9.68 2.18
C ILE B 32 -41.59 10.01 0.69
N ALA B 33 -41.99 11.23 0.36
CA ALA B 33 -41.92 11.72 -1.01
C ALA B 33 -40.55 12.33 -1.28
N TYR B 34 -40.26 12.54 -2.56
CA TYR B 34 -38.97 13.06 -2.99
C TYR B 34 -39.20 14.22 -3.96
N ARG B 35 -38.63 15.37 -3.64
CA ARG B 35 -38.78 16.56 -4.46
C ARG B 35 -37.51 16.81 -5.26
N ARG B 36 -37.67 17.26 -6.50
CA ARG B 36 -36.54 17.53 -7.37
C ARG B 36 -35.86 18.84 -6.97
N VAL B 37 -34.53 18.82 -6.93
CA VAL B 37 -33.75 19.99 -6.55
C VAL B 37 -33.65 20.95 -7.74
N GLY B 38 -34.60 21.87 -7.84
CA GLY B 38 -34.66 22.80 -8.95
C GLY B 38 -34.76 22.14 -10.31
N ARG B 39 -33.75 22.34 -11.16
CA ARG B 39 -33.67 21.74 -12.48
C ARG B 39 -32.39 20.91 -12.58
N SER B 40 -32.34 19.81 -11.83
CA SER B 40 -31.20 18.91 -11.82
C SER B 40 -31.70 17.47 -11.74
N GLY B 41 -30.77 16.53 -11.71
CA GLY B 41 -31.10 15.13 -11.60
C GLY B 41 -31.11 14.58 -10.19
N LEU B 42 -30.91 15.43 -9.19
CA LEU B 42 -30.87 15.01 -7.80
C LEU B 42 -32.24 15.21 -7.16
N VAL B 43 -32.73 14.17 -6.48
CA VAL B 43 -34.04 14.21 -5.83
C VAL B 43 -33.82 13.94 -4.35
N LEU B 44 -33.95 14.97 -3.53
CA LEU B 44 -33.84 14.86 -2.08
C LEU B 44 -35.19 14.51 -1.48
N PRO B 45 -35.21 13.91 -0.28
CA PRO B 45 -36.48 13.66 0.39
C PRO B 45 -37.15 14.96 0.81
N ALA B 46 -38.47 14.88 0.99
CA ALA B 46 -39.24 16.06 1.39
C ALA B 46 -38.74 16.62 2.70
N LEU B 47 -38.22 15.77 3.58
CA LEU B 47 -37.58 16.19 4.82
C LEU B 47 -36.23 15.52 4.94
N SER B 48 -35.28 16.24 5.53
CA SER B 48 -33.92 15.76 5.72
C SER B 48 -33.57 15.78 7.19
N LEU B 49 -32.35 15.34 7.51
CA LEU B 49 -31.88 15.25 8.89
C LEU B 49 -30.51 15.91 8.98
N GLY B 50 -30.45 17.06 9.65
CA GLY B 50 -29.20 17.78 9.83
C GLY B 50 -28.61 17.50 11.19
N LEU B 51 -27.30 17.24 11.20
CA LEU B 51 -26.56 16.95 12.43
C LEU B 51 -25.99 18.20 13.08
N TRP B 52 -26.77 19.28 13.11
CA TRP B 52 -26.29 20.54 13.70
C TRP B 52 -25.99 20.37 15.19
N HIS B 53 -26.84 19.65 15.90
CA HIS B 53 -26.68 19.47 17.33
C HIS B 53 -27.11 18.06 17.72
N ASN B 54 -26.85 17.70 18.98
CA ASN B 54 -27.16 16.38 19.53
C ASN B 54 -26.50 15.26 18.74
N PHE B 55 -25.35 15.54 18.15
CA PHE B 55 -24.55 14.52 17.49
C PHE B 55 -23.07 14.61 17.81
N GLY B 56 -22.66 15.52 18.70
CA GLY B 56 -21.28 15.61 19.12
C GLY B 56 -20.95 14.61 20.20
N ASP B 57 -19.87 14.88 20.92
CA ASP B 57 -19.42 13.98 21.97
C ASP B 57 -20.20 14.14 23.27
N SER B 58 -21.10 15.12 23.35
CA SER B 58 -21.93 15.29 24.54
C SER B 58 -23.16 14.38 24.54
N THR B 59 -23.45 13.71 23.42
CA THR B 59 -24.58 12.83 23.27
C THR B 59 -24.11 11.41 23.02
N PRO B 60 -24.69 10.42 23.70
CA PRO B 60 -24.29 9.03 23.48
C PRO B 60 -24.45 8.61 22.04
N ILE B 61 -23.59 7.68 21.61
CA ILE B 61 -23.63 7.22 20.23
C ILE B 61 -24.83 6.33 19.97
N ASP B 62 -25.41 5.72 21.00
CA ASP B 62 -26.56 4.85 20.81
C ASP B 62 -27.80 5.65 20.39
N THR B 63 -28.01 6.82 21.00
CA THR B 63 -29.13 7.65 20.60
C THR B 63 -28.93 8.22 19.20
N GLN B 64 -27.68 8.53 18.83
CA GLN B 64 -27.41 8.94 17.46
C GLN B 64 -27.65 7.79 16.49
N ARG B 65 -27.24 6.58 16.85
CA ARG B 65 -27.43 5.43 15.98
C ARG B 65 -28.92 5.12 15.81
N ALA B 66 -29.68 5.13 16.90
CA ALA B 66 -31.10 4.85 16.82
C ALA B 66 -31.86 5.94 16.07
N LEU B 67 -31.35 7.17 16.10
CA LEU B 67 -31.99 8.25 15.36
C LEU B 67 -31.65 8.20 13.88
N LEU B 68 -30.42 7.79 13.54
CA LEU B 68 -30.06 7.59 12.13
C LEU B 68 -30.66 6.32 11.56
N ARG B 69 -31.03 5.35 12.42
CA ARG B 69 -31.73 4.17 11.95
C ARG B 69 -33.23 4.42 11.83
N THR B 70 -33.81 5.23 12.72
CA THR B 70 -35.19 5.65 12.55
C THR B 70 -35.34 6.47 11.27
N ALA B 71 -34.46 7.44 11.07
CA ALA B 71 -34.31 8.03 9.75
C ALA B 71 -33.79 6.98 8.77
N PHE B 72 -33.93 7.27 7.48
CA PHE B 72 -33.60 6.36 6.38
C PHE B 72 -34.59 5.21 6.30
N ASP B 73 -34.98 4.63 7.44
CA ASP B 73 -36.10 3.70 7.46
C ASP B 73 -37.41 4.41 7.11
N LEU B 74 -37.51 5.71 7.41
CA LEU B 74 -38.63 6.53 6.98
C LEU B 74 -38.41 7.14 5.61
N GLY B 75 -37.29 6.85 4.96
CA GLY B 75 -36.97 7.41 3.66
C GLY B 75 -36.01 8.57 3.69
N ILE B 76 -35.51 8.97 4.86
CA ILE B 76 -34.60 10.09 4.99
C ILE B 76 -33.23 9.71 4.42
N THR B 77 -33.00 10.05 3.15
CA THR B 77 -31.74 9.71 2.50
C THR B 77 -30.70 10.81 2.61
N HIS B 78 -31.13 12.07 2.74
CA HIS B 78 -30.21 13.20 2.82
C HIS B 78 -29.82 13.44 4.26
N PHE B 79 -28.51 13.62 4.49
CA PHE B 79 -27.97 13.92 5.82
C PHE B 79 -27.05 15.13 5.70
N ASP B 80 -27.34 16.18 6.44
CA ASP B 80 -26.66 17.46 6.32
C ASP B 80 -25.68 17.63 7.47
N LEU B 81 -24.39 17.74 7.13
CA LEU B 81 -23.31 17.92 8.11
C LEU B 81 -22.60 19.24 7.85
N ALA B 82 -21.61 19.52 8.69
CA ALA B 82 -20.76 20.68 8.55
C ALA B 82 -19.49 20.44 9.34
N ASN B 83 -18.44 21.19 8.99
CA ASN B 83 -17.13 20.96 9.60
C ASN B 83 -17.13 21.31 11.08
N ASN B 84 -17.94 22.30 11.50
CA ASN B 84 -17.94 22.75 12.88
C ASN B 84 -19.13 22.23 13.68
N TYR B 85 -19.94 21.35 13.10
CA TYR B 85 -21.02 20.73 13.85
C TYR B 85 -20.47 19.87 14.99
N GLY B 86 -20.93 20.13 16.20
CA GLY B 86 -20.47 19.40 17.37
C GLY B 86 -21.51 19.34 18.46
N PRO B 87 -21.11 19.67 19.69
CA PRO B 87 -19.76 20.04 20.14
C PRO B 87 -18.97 18.84 20.65
N PRO B 88 -17.63 18.87 20.64
CA PRO B 88 -16.76 19.96 20.18
C PRO B 88 -16.74 20.07 18.65
N TYR B 89 -16.05 21.07 18.11
CA TYR B 89 -16.08 21.31 16.67
C TYR B 89 -15.52 20.11 15.91
N GLY B 90 -16.35 19.52 15.04
CA GLY B 90 -15.94 18.41 14.21
C GLY B 90 -16.29 17.04 14.75
N SER B 91 -16.77 16.95 16.00
CA SER B 91 -17.08 15.66 16.59
C SER B 91 -18.34 15.03 16.00
N ALA B 92 -19.17 15.80 15.29
CA ALA B 92 -20.34 15.22 14.66
C ALA B 92 -19.97 14.47 13.39
N GLU B 93 -18.99 14.98 12.64
CA GLU B 93 -18.51 14.27 11.45
C GLU B 93 -17.78 12.98 11.82
N ILE B 94 -17.13 12.95 12.98
CA ILE B 94 -16.45 11.73 13.42
C ILE B 94 -17.48 10.68 13.82
N ASN B 95 -18.52 11.09 14.55
CA ASN B 95 -19.55 10.14 14.98
C ASN B 95 -20.34 9.61 13.80
N PHE B 96 -20.71 10.48 12.86
CA PHE B 96 -21.39 10.02 11.66
C PHE B 96 -20.47 9.20 10.76
N GLY B 97 -19.15 9.42 10.84
CA GLY B 97 -18.23 8.57 10.10
C GLY B 97 -18.17 7.16 10.65
N ARG B 98 -18.25 7.03 11.97
CA ARG B 98 -18.25 5.70 12.59
C ARG B 98 -19.57 4.98 12.31
N LEU B 99 -20.70 5.66 12.52
CA LEU B 99 -21.99 5.04 12.29
C LEU B 99 -22.19 4.67 10.82
N LEU B 100 -21.55 5.41 9.91
CA LEU B 100 -21.63 5.05 8.50
C LEU B 100 -20.78 3.82 8.20
N ARG B 101 -19.62 3.70 8.85
CA ARG B 101 -18.76 2.55 8.63
C ARG B 101 -19.33 1.28 9.25
N GLU B 102 -20.18 1.41 10.26
CA GLU B 102 -20.71 0.23 10.94
C GLU B 102 -22.06 -0.20 10.38
N ASP B 103 -22.95 0.73 10.06
CA ASP B 103 -24.31 0.39 9.67
C ASP B 103 -24.66 0.79 8.24
N PHE B 104 -24.18 1.93 7.77
CA PHE B 104 -24.63 2.50 6.51
C PHE B 104 -23.67 2.24 5.35
N LYS B 105 -22.64 1.42 5.56
CA LYS B 105 -21.67 1.19 4.49
C LYS B 105 -22.28 0.54 3.26
N PRO B 106 -23.11 -0.51 3.37
CA PRO B 106 -23.76 -1.03 2.16
C PRO B 106 -24.75 -0.06 1.52
N TYR B 107 -25.29 0.89 2.29
CA TYR B 107 -26.27 1.82 1.79
C TYR B 107 -25.68 3.18 1.44
N ARG B 108 -24.36 3.25 1.24
CA ARG B 108 -23.72 4.55 1.04
C ARG B 108 -24.17 5.20 -0.26
N ASP B 109 -24.28 4.43 -1.34
CA ASP B 109 -24.73 4.99 -2.62
C ASP B 109 -26.21 5.31 -2.64
N GLU B 110 -26.94 5.02 -1.57
CA GLU B 110 -28.35 5.37 -1.45
C GLU B 110 -28.56 6.62 -0.59
N LEU B 111 -27.48 7.28 -0.18
CA LEU B 111 -27.54 8.43 0.71
C LEU B 111 -27.00 9.67 0.01
N ILE B 112 -27.31 10.82 0.59
CA ILE B 112 -26.82 12.12 0.11
C ILE B 112 -26.19 12.80 1.31
N LEU B 113 -24.86 12.78 1.37
CA LEU B 113 -24.11 13.41 2.45
C LEU B 113 -23.58 14.77 2.00
N SER B 114 -23.62 15.74 2.90
CA SER B 114 -23.13 17.08 2.60
C SER B 114 -22.32 17.60 3.77
N THR B 115 -21.29 18.39 3.44
CA THR B 115 -20.46 19.05 4.43
C THR B 115 -20.27 20.51 4.02
N LYS B 116 -19.98 21.35 5.01
CA LYS B 116 -19.86 22.79 4.79
C LYS B 116 -18.54 23.28 5.35
N ALA B 117 -18.23 24.54 5.04
CA ALA B 117 -17.02 25.20 5.52
C ALA B 117 -17.18 26.69 5.32
N GLY B 118 -17.10 27.46 6.40
CA GLY B 118 -17.26 28.90 6.30
C GLY B 118 -17.10 29.67 7.58
N TRP B 119 -17.43 29.05 8.72
CA TRP B 119 -17.31 29.71 10.01
C TRP B 119 -16.13 29.14 10.79
N ASP B 120 -16.00 29.56 12.04
CA ASP B 120 -14.82 29.24 12.84
C ASP B 120 -14.69 27.72 13.02
N MET B 121 -13.49 27.21 12.79
CA MET B 121 -13.23 25.78 12.87
C MET B 121 -12.01 25.51 13.74
N TRP B 122 -10.82 25.85 13.24
CA TRP B 122 -9.59 25.71 14.01
C TRP B 122 -8.97 27.08 14.24
N PRO B 123 -8.19 27.25 15.31
CA PRO B 123 -7.62 28.57 15.61
C PRO B 123 -6.66 29.03 14.53
N GLY B 124 -6.68 30.33 14.25
CA GLY B 124 -5.85 30.92 13.23
C GLY B 124 -6.65 31.67 12.20
N PRO B 125 -6.00 32.59 11.48
CA PRO B 125 -6.71 33.36 10.45
C PRO B 125 -7.13 32.55 9.25
N TYR B 126 -6.65 31.31 9.12
CA TYR B 126 -7.00 30.43 8.01
C TYR B 126 -8.06 29.40 8.39
N GLY B 127 -8.49 29.38 9.64
CA GLY B 127 -9.51 28.45 10.08
C GLY B 127 -10.68 29.11 10.76
N GLN B 128 -10.44 30.30 11.33
CA GLN B 128 -11.49 31.10 11.95
C GLN B 128 -12.32 31.77 10.85
N GLY B 129 -13.27 31.02 10.33
CA GLY B 129 -14.12 31.54 9.28
C GLY B 129 -13.40 31.63 7.94
N GLY B 130 -14.01 32.39 7.03
CA GLY B 130 -13.44 32.63 5.73
C GLY B 130 -14.00 31.71 4.66
N SER B 131 -13.71 32.08 3.40
CA SER B 131 -14.12 31.29 2.24
C SER B 131 -12.99 31.16 1.23
N SER B 132 -11.74 31.33 1.67
CA SER B 132 -10.60 31.28 0.76
C SER B 132 -10.36 29.85 0.29
N ARG B 133 -9.57 29.74 -0.79
CA ARG B 133 -9.26 28.44 -1.36
C ARG B 133 -8.47 27.57 -0.39
N LYS B 134 -7.64 28.18 0.45
CA LYS B 134 -6.87 27.41 1.42
C LYS B 134 -7.78 26.81 2.48
N TYR B 135 -8.70 27.61 3.02
CA TYR B 135 -9.56 27.12 4.09
C TYR B 135 -10.59 26.13 3.57
N LEU B 136 -11.11 26.34 2.36
CA LEU B 136 -12.15 25.46 1.84
C LEU B 136 -11.59 24.07 1.55
N LEU B 137 -10.45 24.00 0.86
CA LEU B 137 -9.89 22.69 0.51
C LEU B 137 -9.31 21.98 1.73
N SER B 138 -8.79 22.73 2.69
CA SER B 138 -8.28 22.09 3.91
C SER B 138 -9.42 21.54 4.75
N SER B 139 -10.49 22.32 4.91
CA SER B 139 -11.63 21.86 5.71
C SER B 139 -12.39 20.74 4.99
N LEU B 140 -12.30 20.67 3.66
CA LEU B 140 -12.93 19.58 2.94
C LEU B 140 -12.12 18.29 3.09
N ASP B 141 -10.79 18.39 3.04
CA ASP B 141 -9.96 17.22 3.27
C ASP B 141 -10.07 16.73 4.72
N GLN B 142 -10.24 17.66 5.66
CA GLN B 142 -10.50 17.26 7.05
C GLN B 142 -11.81 16.48 7.15
N SER B 143 -12.88 17.05 6.60
CA SER B 143 -14.19 16.41 6.69
C SER B 143 -14.22 15.08 5.98
N LEU B 144 -13.49 14.94 4.86
CA LEU B 144 -13.45 13.66 4.16
C LEU B 144 -12.73 12.59 4.98
N GLN B 145 -11.72 12.97 5.76
CA GLN B 145 -11.01 12.00 6.57
C GLN B 145 -11.84 11.58 7.78
N ARG B 146 -12.60 12.53 8.35
CA ARG B 146 -13.44 12.19 9.50
C ARG B 146 -14.65 11.37 9.07
N LEU B 147 -15.23 11.69 7.92
CA LEU B 147 -16.42 10.96 7.47
C LEU B 147 -16.09 9.54 7.05
N GLY B 148 -14.89 9.30 6.54
CA GLY B 148 -14.53 8.00 6.02
C GLY B 148 -14.95 7.75 4.59
N VAL B 149 -15.56 8.75 3.93
CA VAL B 149 -15.93 8.64 2.52
C VAL B 149 -14.91 9.41 1.69
N ASP B 150 -14.73 8.97 0.45
CA ASP B 150 -13.77 9.60 -0.45
C ASP B 150 -14.36 10.79 -1.19
N TYR B 151 -15.68 10.97 -1.17
CA TYR B 151 -16.30 12.13 -1.80
C TYR B 151 -17.64 12.39 -1.13
N VAL B 152 -17.94 13.66 -0.90
CA VAL B 152 -19.24 14.07 -0.41
C VAL B 152 -20.14 14.38 -1.60
N ASP B 153 -21.46 14.30 -1.37
CA ASP B 153 -22.40 14.53 -2.45
C ASP B 153 -22.62 16.02 -2.71
N ILE B 154 -22.69 16.81 -1.64
CA ILE B 154 -22.86 18.26 -1.75
C ILE B 154 -21.80 18.93 -0.88
N PHE B 155 -21.18 19.98 -1.41
CA PHE B 155 -20.15 20.73 -0.69
C PHE B 155 -20.59 22.19 -0.63
N TYR B 156 -21.01 22.65 0.55
CA TYR B 156 -21.55 23.98 0.72
C TYR B 156 -20.45 24.99 1.06
N SER B 157 -20.67 26.24 0.67
CA SER B 157 -19.95 27.38 1.22
C SER B 157 -20.83 27.96 2.32
N HIS B 158 -20.37 27.88 3.56
CA HIS B 158 -21.27 28.07 4.69
C HIS B 158 -21.75 29.50 4.84
N ARG B 159 -20.92 30.48 4.46
CA ARG B 159 -21.32 31.88 4.57
C ARG B 159 -20.66 32.67 3.44
N PHE B 160 -21.14 33.89 3.25
CA PHE B 160 -20.55 34.81 2.28
C PHE B 160 -19.41 35.58 2.93
N ASP B 161 -18.25 35.55 2.29
CA ASP B 161 -17.06 36.23 2.79
C ASP B 161 -16.87 37.52 1.98
N ALA B 162 -17.11 38.66 2.62
CA ALA B 162 -16.96 39.94 1.95
C ALA B 162 -15.49 40.31 1.72
N ASP B 163 -14.57 39.71 2.47
CA ASP B 163 -13.15 40.00 2.34
C ASP B 163 -12.46 39.09 1.33
N THR B 164 -13.17 38.12 0.77
CA THR B 164 -12.62 37.19 -0.21
C THR B 164 -13.41 37.28 -1.50
N PRO B 165 -12.75 37.39 -2.66
CA PRO B 165 -13.49 37.48 -3.92
C PRO B 165 -14.25 36.21 -4.21
N LEU B 166 -15.41 36.38 -4.85
CA LEU B 166 -16.21 35.21 -5.21
C LEU B 166 -15.59 34.40 -6.33
N GLU B 167 -14.63 34.97 -7.06
CA GLU B 167 -13.93 34.19 -8.08
C GLU B 167 -13.02 33.14 -7.46
N GLU B 168 -12.42 33.45 -6.31
CA GLU B 168 -11.58 32.47 -5.62
C GLU B 168 -12.42 31.40 -4.93
N THR B 169 -13.53 31.80 -4.31
CA THR B 169 -14.40 30.83 -3.66
C THR B 169 -15.04 29.89 -4.69
N ALA B 170 -15.54 30.45 -5.79
CA ALA B 170 -16.09 29.62 -6.86
C ALA B 170 -15.01 28.75 -7.50
N GLY B 171 -13.78 29.27 -7.61
CA GLY B 171 -12.70 28.46 -8.14
C GLY B 171 -12.31 27.32 -7.22
N ALA B 172 -12.47 27.52 -5.91
CA ALA B 172 -12.17 26.44 -4.97
C ALA B 172 -13.25 25.37 -5.01
N LEU B 173 -14.51 25.77 -5.15
CA LEU B 173 -15.59 24.79 -5.28
C LEU B 173 -15.48 24.02 -6.59
N ALA B 174 -15.07 24.70 -7.66
CA ALA B 174 -14.89 24.01 -8.94
C ALA B 174 -13.78 22.99 -8.87
N SER B 175 -12.72 23.29 -8.11
CA SER B 175 -11.64 22.33 -7.94
C SER B 175 -12.08 21.12 -7.13
N ALA B 176 -13.00 21.32 -6.18
CA ALA B 176 -13.48 20.21 -5.37
C ALA B 176 -14.24 19.18 -6.20
N VAL B 177 -14.97 19.63 -7.21
CA VAL B 177 -15.72 18.71 -8.06
C VAL B 177 -14.79 18.00 -9.03
N GLN B 178 -13.86 18.73 -9.64
CA GLN B 178 -12.95 18.14 -10.62
C GLN B 178 -11.95 17.20 -9.98
N GLN B 179 -11.66 17.36 -8.68
CA GLN B 179 -10.80 16.42 -7.98
C GLN B 179 -11.52 15.17 -7.52
N GLY B 180 -12.82 15.08 -7.75
CA GLY B 180 -13.58 13.91 -7.34
C GLY B 180 -13.92 13.86 -5.87
N LYS B 181 -13.91 15.00 -5.18
CA LYS B 181 -14.25 15.07 -3.77
C LYS B 181 -15.66 15.59 -3.52
N ALA B 182 -16.37 15.99 -4.56
CA ALA B 182 -17.73 16.51 -4.42
C ALA B 182 -18.45 16.33 -5.74
N LEU B 183 -19.67 15.77 -5.69
CA LEU B 183 -20.46 15.63 -6.90
C LEU B 183 -21.14 16.93 -7.29
N TYR B 184 -21.64 17.68 -6.31
CA TYR B 184 -22.22 18.99 -6.55
C TYR B 184 -21.72 19.95 -5.46
N VAL B 185 -21.99 21.24 -5.68
CA VAL B 185 -21.61 22.27 -4.72
C VAL B 185 -22.80 23.19 -4.50
N GLY B 186 -22.85 23.82 -3.33
CA GLY B 186 -23.91 24.73 -2.98
C GLY B 186 -23.40 25.82 -2.07
N ILE B 187 -24.32 26.67 -1.62
CA ILE B 187 -24.00 27.79 -0.74
C ILE B 187 -25.12 27.94 0.29
N SER B 188 -24.79 28.63 1.38
CA SER B 188 -25.72 28.83 2.49
C SER B 188 -25.57 30.25 3.02
N SER B 189 -26.69 30.81 3.49
CA SER B 189 -26.74 32.16 4.04
C SER B 189 -26.20 33.19 3.06
N TYR B 190 -26.40 32.97 1.77
CA TYR B 190 -25.93 33.87 0.73
C TYR B 190 -27.04 34.84 0.34
N SER B 191 -26.67 36.12 0.19
CA SER B 191 -27.61 37.12 -0.30
C SER B 191 -28.05 36.77 -1.72
N ALA B 192 -29.22 37.30 -2.10
CA ALA B 192 -29.76 36.99 -3.42
C ALA B 192 -28.84 37.46 -4.52
N ALA B 193 -28.30 38.68 -4.40
CA ALA B 193 -27.41 39.21 -5.42
C ALA B 193 -26.08 38.47 -5.44
N ARG B 194 -25.59 38.04 -4.27
CA ARG B 194 -24.33 37.31 -4.23
C ARG B 194 -24.49 35.87 -4.70
N THR B 195 -25.68 35.29 -4.52
CA THR B 195 -25.96 33.96 -5.06
C THR B 195 -25.91 33.99 -6.58
N ARG B 196 -26.48 35.04 -7.19
CA ARG B 196 -26.49 35.16 -8.64
C ARG B 196 -25.10 35.43 -9.19
N GLU B 197 -24.24 36.08 -8.41
CA GLU B 197 -22.89 36.39 -8.88
C GLU B 197 -21.99 35.17 -8.85
N ILE B 198 -22.02 34.42 -7.74
CA ILE B 198 -21.19 33.22 -7.64
C ILE B 198 -21.67 32.13 -8.58
N ALA B 199 -22.94 32.19 -9.00
CA ALA B 199 -23.45 31.20 -9.95
C ALA B 199 -22.94 31.46 -11.37
N ALA B 200 -22.92 32.73 -11.78
CA ALA B 200 -22.36 33.07 -13.09
C ALA B 200 -20.86 32.80 -13.13
N LEU B 201 -20.18 32.89 -11.99
CA LEU B 201 -18.77 32.53 -11.93
C LEU B 201 -18.57 31.02 -12.00
N LEU B 202 -19.46 30.26 -11.33
CA LEU B 202 -19.36 28.81 -11.38
C LEU B 202 -19.70 28.26 -12.75
N ARG B 203 -20.60 28.92 -13.48
CA ARG B 203 -20.94 28.49 -14.83
C ARG B 203 -19.75 28.62 -15.79
N ALA B 204 -18.80 29.51 -15.49
CA ALA B 204 -17.58 29.58 -16.29
C ALA B 204 -16.73 28.33 -16.11
N TRP B 205 -16.81 27.70 -14.94
CA TRP B 205 -16.12 26.45 -14.66
C TRP B 205 -16.92 25.22 -15.09
N LYS B 206 -18.10 25.42 -15.70
CA LYS B 206 -19.00 24.33 -16.07
C LYS B 206 -19.36 23.46 -14.87
N VAL B 207 -19.39 24.06 -13.69
CA VAL B 207 -19.87 23.40 -12.48
C VAL B 207 -21.07 24.21 -11.97
N PRO B 208 -22.29 23.86 -12.35
CA PRO B 208 -23.43 24.70 -12.00
C PRO B 208 -23.76 24.61 -10.52
N LEU B 209 -24.27 25.73 -9.99
CA LEU B 209 -24.67 25.80 -8.59
C LEU B 209 -25.90 24.91 -8.38
N LEU B 210 -25.75 23.87 -7.55
CA LEU B 210 -26.83 22.91 -7.39
C LEU B 210 -27.94 23.46 -6.51
N ILE B 211 -27.63 23.75 -5.25
CA ILE B 211 -28.65 24.00 -4.24
C ILE B 211 -28.21 25.14 -3.33
N HIS B 212 -29.20 25.83 -2.75
CA HIS B 212 -28.99 26.91 -1.81
C HIS B 212 -29.69 26.58 -0.51
N GLN B 213 -29.06 26.92 0.62
CA GLN B 213 -29.57 26.59 1.94
C GLN B 213 -29.79 27.87 2.74
N PRO B 214 -30.97 28.48 2.65
CA PRO B 214 -31.26 29.65 3.48
C PRO B 214 -32.09 29.29 4.71
N ALA B 215 -32.07 30.16 5.72
CA ALA B 215 -32.93 29.99 6.89
C ALA B 215 -34.32 30.48 6.52
N TYR B 216 -35.26 29.56 6.35
CA TYR B 216 -36.58 29.86 5.83
C TYR B 216 -37.64 29.17 6.68
N ASN B 217 -38.47 29.96 7.34
CA ASN B 217 -39.57 29.45 8.16
C ASN B 217 -40.65 30.53 8.23
N LEU B 218 -41.66 30.29 9.08
CA LEU B 218 -42.80 31.20 9.14
C LEU B 218 -42.41 32.58 9.63
N PHE B 219 -41.41 32.68 10.51
CA PHE B 219 -41.03 33.96 11.10
C PHE B 219 -39.85 34.61 10.40
N ASN B 220 -39.20 33.91 9.47
CA ASN B 220 -38.04 34.44 8.73
C ASN B 220 -38.26 34.10 7.26
N ARG B 221 -38.91 35.02 6.54
CA ARG B 221 -39.30 34.80 5.15
C ARG B 221 -38.55 35.75 4.20
N TRP B 222 -37.27 36.00 4.49
CA TRP B 222 -36.48 36.89 3.64
C TRP B 222 -36.19 36.29 2.27
N ALA B 223 -36.25 34.96 2.15
CA ALA B 223 -35.98 34.32 0.87
C ALA B 223 -37.07 34.58 -0.15
N GLU B 224 -38.26 34.98 0.29
CA GLU B 224 -39.34 35.24 -0.66
C GLU B 224 -39.17 36.56 -1.41
N HIS B 225 -38.35 37.46 -0.88
CA HIS B 225 -38.22 38.79 -1.49
C HIS B 225 -37.57 38.70 -2.86
N GLU B 226 -36.31 38.26 -2.91
CA GLU B 226 -35.57 38.17 -4.16
C GLU B 226 -34.83 36.86 -4.35
N LEU B 227 -34.65 36.05 -3.29
CA LEU B 227 -33.82 34.85 -3.41
C LEU B 227 -34.53 33.75 -4.19
N PHE B 228 -35.81 33.52 -3.89
CA PHE B 228 -36.54 32.43 -4.56
C PHE B 228 -36.65 32.66 -6.06
N ASP B 229 -36.67 33.92 -6.49
CA ASP B 229 -36.67 34.20 -7.92
C ASP B 229 -35.32 33.91 -8.55
N ALA B 230 -34.23 34.19 -7.81
CA ALA B 230 -32.89 33.91 -8.33
C ALA B 230 -32.64 32.41 -8.42
N THR B 231 -33.07 31.65 -7.42
CA THR B 231 -32.87 30.20 -7.45
C THR B 231 -33.70 29.54 -8.53
N ALA B 232 -34.86 30.11 -8.87
CA ALA B 232 -35.70 29.54 -9.91
C ALA B 232 -35.15 29.85 -11.30
N GLU B 233 -34.67 31.07 -11.52
CA GLU B 233 -34.13 31.43 -12.83
C GLU B 233 -32.84 30.68 -13.12
N LEU B 234 -32.00 30.48 -12.10
CA LEU B 234 -30.76 29.73 -12.26
C LEU B 234 -30.97 28.23 -12.32
N GLY B 235 -32.14 27.73 -11.92
CA GLY B 235 -32.37 26.31 -11.87
C GLY B 235 -31.84 25.61 -10.64
N ALA B 236 -31.43 26.36 -9.62
CA ALA B 236 -30.91 25.78 -8.39
C ALA B 236 -32.04 25.53 -7.41
N GLY B 237 -31.93 24.45 -6.65
CA GLY B 237 -32.92 24.13 -5.64
C GLY B 237 -32.67 24.89 -4.35
N VAL B 238 -33.63 24.75 -3.44
CA VAL B 238 -33.58 25.39 -2.12
C VAL B 238 -33.88 24.35 -1.06
N ILE B 239 -33.09 24.34 0.00
CA ILE B 239 -33.34 23.48 1.15
C ILE B 239 -33.45 24.36 2.40
N ALA B 240 -34.53 24.20 3.15
CA ALA B 240 -34.86 25.12 4.23
C ALA B 240 -34.10 24.74 5.49
N PHE B 241 -33.28 25.66 5.98
CA PHE B 241 -32.59 25.51 7.25
C PHE B 241 -33.40 26.14 8.36
N THR B 242 -33.33 25.53 9.55
CA THR B 242 -34.12 25.88 10.73
C THR B 242 -35.58 26.14 10.34
N PRO B 243 -36.30 25.12 9.89
CA PRO B 243 -37.70 25.34 9.48
C PRO B 243 -38.67 25.42 10.65
N LEU B 244 -38.33 24.85 11.80
CA LEU B 244 -39.14 24.95 13.00
C LEU B 244 -38.63 26.03 13.94
N ALA B 245 -37.77 26.92 13.45
CA ALA B 245 -37.35 28.13 14.17
C ALA B 245 -36.66 27.83 15.49
N GLN B 246 -36.00 26.67 15.59
CA GLN B 246 -35.30 26.26 16.80
C GLN B 246 -36.24 26.31 18.01
N GLY B 247 -37.37 25.64 17.88
CA GLY B 247 -38.46 25.81 18.81
C GLY B 247 -39.39 26.92 18.37
N LEU B 248 -40.39 27.17 19.21
CA LEU B 248 -41.44 28.16 18.94
C LEU B 248 -42.36 27.70 17.80
N LEU B 249 -42.02 26.59 17.15
CA LEU B 249 -42.84 25.99 16.11
C LEU B 249 -43.05 24.51 16.30
N THR B 250 -42.55 23.92 17.38
CA THR B 250 -42.69 22.50 17.65
C THR B 250 -43.71 22.21 18.75
N GLY B 251 -44.41 23.23 19.23
CA GLY B 251 -45.38 23.04 20.30
C GLY B 251 -44.78 22.78 21.66
N LYS B 252 -43.46 22.92 21.81
CA LYS B 252 -42.81 22.66 23.09
C LYS B 252 -42.91 23.84 24.04
N TYR B 253 -42.87 25.06 23.52
CA TYR B 253 -42.91 26.26 24.35
C TYR B 253 -44.33 26.77 24.60
N LEU B 254 -45.35 25.95 24.33
CA LEU B 254 -46.72 26.36 24.56
C LEU B 254 -47.13 26.08 26.01
N LEU B 276 -38.44 32.40 22.45
CA LEU B 276 -38.16 33.69 23.07
C LEU B 276 -39.29 34.69 22.80
N SER B 277 -39.39 35.70 23.66
CA SER B 277 -40.36 36.78 23.55
C SER B 277 -41.80 36.28 23.75
N ASP B 278 -42.69 37.19 24.13
CA ASP B 278 -44.09 36.84 24.34
C ASP B 278 -44.95 37.07 23.10
N ASP B 279 -44.54 37.97 22.20
CA ASP B 279 -45.27 38.16 20.96
C ASP B 279 -45.15 36.93 20.06
N ASN B 280 -44.04 36.21 20.15
CA ASN B 280 -43.87 35.00 19.35
C ASN B 280 -44.68 33.84 19.91
N LEU B 281 -44.95 33.83 21.22
CA LEU B 281 -45.78 32.78 21.79
C LEU B 281 -47.24 32.93 21.38
N GLN B 282 -47.72 34.17 21.23
CA GLN B 282 -49.10 34.37 20.78
C GLN B 282 -49.25 34.00 19.31
N ARG B 283 -48.23 34.29 18.50
CA ARG B 283 -48.29 33.94 17.08
C ARG B 283 -48.26 32.42 16.89
N ALA B 284 -47.51 31.71 17.73
CA ALA B 284 -47.49 30.26 17.65
C ALA B 284 -48.78 29.65 18.17
N ARG B 285 -49.40 30.26 19.18
CA ARG B 285 -50.68 29.77 19.68
C ARG B 285 -51.78 29.96 18.65
N GLY B 286 -51.74 31.07 17.89
CA GLY B 286 -52.72 31.27 16.84
C GLY B 286 -52.51 30.36 15.65
N LEU B 287 -51.26 30.02 15.35
CA LEU B 287 -50.98 29.10 14.26
C LEU B 287 -51.37 27.68 14.62
N ASP B 288 -51.12 27.27 15.86
CA ASP B 288 -51.49 25.93 16.30
C ASP B 288 -53.00 25.72 16.22
N ALA B 289 -53.78 26.77 16.44
CA ALA B 289 -55.23 26.65 16.33
C ALA B 289 -55.64 26.34 14.89
N ILE B 290 -54.94 26.93 13.92
CA ILE B 290 -55.21 26.60 12.52
C ILE B 290 -54.75 25.18 12.20
N ALA B 291 -53.73 24.69 12.91
CA ALA B 291 -53.21 23.35 12.66
C ALA B 291 -54.22 22.29 13.07
N ARG B 292 -54.76 22.39 14.29
CA ARG B 292 -55.75 21.42 14.73
C ARG B 292 -57.04 21.50 13.93
N GLY B 293 -57.30 22.61 13.24
CA GLY B 293 -58.46 22.69 12.39
C GLY B 293 -58.35 21.81 11.17
N ARG B 294 -57.12 21.49 10.78
CA ARG B 294 -56.88 20.61 9.63
C ARG B 294 -56.26 19.28 10.04
N GLY B 295 -56.14 19.01 11.34
CA GLY B 295 -55.67 17.70 11.79
C GLY B 295 -54.18 17.55 11.88
N GLN B 296 -53.43 18.65 11.96
CA GLN B 296 -51.98 18.60 12.05
C GLN B 296 -51.52 19.20 13.37
N SER B 297 -50.27 18.92 13.73
CA SER B 297 -49.62 19.55 14.86
C SER B 297 -48.99 20.87 14.42
N LEU B 298 -48.39 21.59 15.37
CA LEU B 298 -47.74 22.84 15.02
C LEU B 298 -46.52 22.61 14.16
N ALA B 299 -45.76 21.55 14.45
CA ALA B 299 -44.59 21.23 13.63
C ALA B 299 -45.00 20.76 12.24
N GLN B 300 -46.04 19.93 12.16
CA GLN B 300 -46.52 19.48 10.85
C GLN B 300 -47.02 20.64 10.01
N LEU B 301 -47.63 21.64 10.65
CA LEU B 301 -48.15 22.78 9.91
C LEU B 301 -47.02 23.62 9.32
N ALA B 302 -45.96 23.85 10.09
CA ALA B 302 -44.86 24.68 9.61
C ALA B 302 -44.08 23.98 8.50
N LEU B 303 -43.89 22.66 8.64
CA LEU B 303 -43.14 21.93 7.61
C LEU B 303 -43.92 21.84 6.31
N ALA B 304 -45.25 21.66 6.40
CA ALA B 304 -46.06 21.64 5.20
C ALA B 304 -46.14 23.01 4.55
N TRP B 305 -46.06 24.08 5.34
CA TRP B 305 -46.11 25.43 4.78
C TRP B 305 -44.82 25.78 4.04
N VAL B 306 -43.68 25.32 4.56
CA VAL B 306 -42.42 25.56 3.87
C VAL B 306 -42.37 24.79 2.56
N LEU B 307 -42.88 23.56 2.56
CA LEU B 307 -42.91 22.71 1.37
C LEU B 307 -44.17 22.90 0.54
N ARG B 308 -44.77 24.09 0.57
CA ARG B 308 -46.06 24.29 -0.10
C ARG B 308 -45.94 24.42 -1.61
N ASP B 309 -44.73 24.60 -2.14
CA ASP B 309 -44.55 24.63 -3.58
C ASP B 309 -43.17 24.06 -3.92
N ALA B 310 -42.94 23.87 -5.22
CA ALA B 310 -41.78 23.12 -5.70
C ALA B 310 -40.47 23.87 -5.56
N ARG B 311 -40.49 25.18 -5.31
CA ARG B 311 -39.25 25.93 -5.17
C ARG B 311 -38.43 25.40 -3.99
N VAL B 312 -39.06 25.22 -2.84
CA VAL B 312 -38.42 24.57 -1.71
C VAL B 312 -38.40 23.07 -1.95
N SER B 313 -37.26 22.44 -1.68
CA SER B 313 -37.06 21.03 -1.97
C SER B 313 -37.03 20.14 -0.73
N SER B 314 -36.69 20.68 0.43
CA SER B 314 -36.59 19.90 1.66
C SER B 314 -36.54 20.86 2.84
N ALA B 315 -36.41 20.29 4.04
CA ALA B 315 -36.29 21.06 5.27
C ALA B 315 -35.54 20.24 6.29
N LEU B 316 -34.50 20.83 6.89
CA LEU B 316 -33.67 20.12 7.86
C LEU B 316 -34.43 19.95 9.17
N LEU B 317 -34.83 18.71 9.47
CA LEU B 317 -35.58 18.47 10.70
C LEU B 317 -34.71 18.60 11.94
N GLY B 318 -33.49 18.07 11.89
CA GLY B 318 -32.61 18.09 13.04
C GLY B 318 -32.90 16.96 14.01
N ALA B 319 -32.04 16.84 15.01
CA ALA B 319 -32.14 15.74 15.97
C ALA B 319 -33.32 15.93 16.89
N SER B 320 -33.98 14.83 17.23
CA SER B 320 -35.13 14.83 18.13
C SER B 320 -35.35 13.40 18.61
N ARG B 321 -36.35 13.23 19.47
CA ARG B 321 -36.72 11.90 19.91
C ARG B 321 -37.32 11.11 18.75
N PRO B 322 -37.24 9.77 18.79
CA PRO B 322 -37.70 8.98 17.63
C PRO B 322 -39.15 9.25 17.25
N GLU B 323 -40.07 9.32 18.21
CA GLU B 323 -41.47 9.52 17.86
C GLU B 323 -41.72 10.92 17.30
N GLN B 324 -40.92 11.90 17.71
CA GLN B 324 -41.07 13.25 17.16
C GLN B 324 -40.57 13.33 15.73
N LEU B 325 -39.64 12.44 15.35
CA LEU B 325 -39.18 12.41 13.97
C LEU B 325 -40.21 11.76 13.05
N ILE B 326 -40.84 10.69 13.53
CA ILE B 326 -41.83 9.98 12.70
C ILE B 326 -43.06 10.85 12.47
N GLU B 327 -43.48 11.59 13.50
CA GLU B 327 -44.66 12.44 13.37
C GLU B 327 -44.43 13.57 12.38
N ASN B 328 -43.24 14.16 12.39
CA ASN B 328 -42.95 15.25 11.46
C ASN B 328 -42.77 14.75 10.03
N VAL B 329 -42.27 13.52 9.86
CA VAL B 329 -42.00 12.99 8.53
C VAL B 329 -43.28 12.93 7.69
N ALA B 330 -44.39 12.55 8.32
CA ALA B 330 -45.68 12.45 7.62
C ALA B 330 -46.43 13.77 7.59
N ALA B 331 -45.73 14.90 7.54
CA ALA B 331 -46.40 16.19 7.55
C ALA B 331 -47.09 16.48 6.22
N LEU B 332 -46.57 15.95 5.11
CA LEU B 332 -47.18 16.19 3.81
C LEU B 332 -48.46 15.38 3.61
N GLN B 333 -48.73 14.38 4.45
CA GLN B 333 -49.94 13.57 4.35
C GLN B 333 -51.10 14.37 4.94
N ALA B 334 -51.65 15.26 4.12
CA ALA B 334 -52.70 16.17 4.53
C ALA B 334 -53.22 16.87 3.29
N PRO B 335 -54.43 17.44 3.36
CA PRO B 335 -54.94 18.23 2.23
C PRO B 335 -54.09 19.48 2.04
N PRO B 336 -53.85 19.88 0.79
CA PRO B 336 -53.07 21.10 0.54
C PRO B 336 -53.77 22.34 1.07
N PHE B 337 -52.99 23.39 1.25
CA PHE B 337 -53.54 24.64 1.79
C PHE B 337 -54.44 25.31 0.77
N SER B 338 -55.55 25.87 1.26
CA SER B 338 -56.49 26.60 0.43
C SER B 338 -56.19 28.09 0.52
N ALA B 339 -57.06 28.90 -0.10
CA ALA B 339 -56.87 30.35 -0.04
C ALA B 339 -57.20 30.89 1.35
N GLU B 340 -58.23 30.33 1.99
CA GLU B 340 -58.61 30.79 3.32
C GLU B 340 -57.56 30.40 4.36
N GLU B 341 -57.02 29.19 4.26
CA GLU B 341 -56.03 28.74 5.23
C GLU B 341 -54.73 29.50 5.12
N LEU B 342 -54.25 29.73 3.89
CA LEU B 342 -53.02 30.49 3.70
C LEU B 342 -53.16 31.92 4.18
N ALA B 343 -54.37 32.50 4.05
CA ALA B 343 -54.59 33.86 4.53
C ALA B 343 -54.54 33.93 6.05
N GLU B 344 -55.12 32.94 6.73
CA GLU B 344 -55.08 32.92 8.19
C GLU B 344 -53.66 32.72 8.71
N ILE B 345 -52.84 31.94 8.00
CA ILE B 345 -51.47 31.73 8.41
C ILE B 345 -50.67 33.02 8.30
N ASP B 346 -50.90 33.79 7.22
CA ASP B 346 -50.20 35.06 7.04
C ASP B 346 -50.56 36.07 8.13
N ARG B 347 -51.72 35.93 8.76
CA ARG B 347 -52.11 36.83 9.84
C ARG B 347 -51.34 36.57 11.13
N HIS B 348 -50.60 35.47 11.21
CA HIS B 348 -49.78 35.17 12.38
C HIS B 348 -48.29 35.09 12.06
N ALA B 349 -47.89 35.23 10.81
CA ALA B 349 -46.50 35.18 10.40
C ALA B 349 -46.04 36.56 9.94
N VAL B 350 -44.82 36.61 9.41
CA VAL B 350 -44.25 37.87 8.93
C VAL B 350 -44.52 37.97 7.42
N GLU B 351 -44.34 39.16 6.86
CA GLU B 351 -44.59 39.38 5.45
C GLU B 351 -43.56 38.66 4.59
N GLY B 352 -42.30 39.09 4.67
CA GLY B 352 -41.24 38.49 3.90
C GLY B 352 -40.19 39.47 3.43
N GLY C 18 13.43 13.07 28.11
CA GLY C 18 12.12 12.76 28.66
C GLY C 18 11.00 12.90 27.66
N SER C 19 10.31 14.04 27.68
CA SER C 19 9.21 14.33 26.77
C SER C 19 9.51 15.64 26.06
N MET C 20 9.60 15.59 24.73
CA MET C 20 9.89 16.77 23.91
C MET C 20 8.66 17.26 23.16
N ARG C 21 7.47 16.94 23.64
CA ARG C 21 6.25 17.41 22.99
C ARG C 21 6.18 18.94 23.03
N TYR C 22 5.70 19.53 21.93
CA TYR C 22 5.64 20.97 21.80
C TYR C 22 4.21 21.38 21.43
N LEU C 23 3.60 22.19 22.28
CA LEU C 23 2.32 22.82 21.98
C LEU C 23 2.53 24.33 21.85
N ALA C 24 1.90 24.92 20.86
CA ALA C 24 2.10 26.33 20.58
C ALA C 24 1.48 27.20 21.68
N HIS C 25 1.92 28.45 21.72
CA HIS C 25 1.42 29.38 22.72
C HIS C 25 -0.07 29.63 22.51
N PRO C 26 -0.88 29.59 23.56
CA PRO C 26 -2.33 29.83 23.38
C PRO C 26 -2.65 31.23 22.90
N ASP C 27 -1.84 32.22 23.26
CA ASP C 27 -2.04 33.59 22.83
C ASP C 27 -1.25 33.93 21.57
N ARG C 28 -0.87 32.93 20.78
CA ARG C 28 -0.04 33.19 19.60
C ARG C 28 -0.80 33.99 18.54
N TYR C 29 -2.12 33.83 18.47
CA TYR C 29 -2.94 34.57 17.51
C TYR C 29 -3.49 35.86 18.09
N ASP C 30 -3.02 36.26 19.27
CA ASP C 30 -3.32 37.57 19.84
C ASP C 30 -2.08 38.43 19.92
N ARG C 31 -1.12 38.19 19.02
CA ARG C 31 0.16 38.90 19.05
C ARG C 31 0.23 39.94 17.94
N ILE C 32 0.41 39.49 16.70
CA ILE C 32 0.65 40.37 15.57
C ILE C 32 -0.58 40.38 14.66
N ALA C 33 -0.62 41.35 13.77
CA ALA C 33 -1.72 41.51 12.82
C ALA C 33 -1.48 40.65 11.58
N TYR C 34 -2.51 40.58 10.74
CA TYR C 34 -2.46 39.82 9.49
C TYR C 34 -2.97 40.69 8.35
N ARG C 35 -2.16 40.82 7.30
CA ARG C 35 -2.49 41.65 6.16
C ARG C 35 -2.95 40.78 4.99
N ARG C 36 -3.89 41.31 4.22
CA ARG C 36 -4.44 40.58 3.09
C ARG C 36 -3.54 40.69 1.87
N VAL C 37 -3.37 39.58 1.16
CA VAL C 37 -2.54 39.53 -0.03
C VAL C 37 -3.28 40.16 -1.20
N GLY C 38 -3.07 41.46 -1.42
CA GLY C 38 -3.73 42.14 -2.52
C GLY C 38 -5.24 42.10 -2.37
N ARG C 39 -5.91 41.70 -3.44
CA ARG C 39 -7.35 41.51 -3.40
C ARG C 39 -7.69 40.03 -3.53
N SER C 40 -7.10 39.18 -2.69
CA SER C 40 -7.45 37.76 -2.65
C SER C 40 -8.07 37.42 -1.30
N GLY C 41 -8.09 36.15 -0.97
CA GLY C 41 -8.66 35.72 0.29
C GLY C 41 -7.62 35.29 1.30
N LEU C 42 -6.41 35.00 0.83
CA LEU C 42 -5.34 34.54 1.71
C LEU C 42 -4.71 35.71 2.42
N VAL C 43 -4.53 35.57 3.74
CA VAL C 43 -3.83 36.57 4.54
C VAL C 43 -2.47 36.01 4.93
N LEU C 44 -1.56 36.90 5.27
CA LEU C 44 -0.23 36.55 5.71
C LEU C 44 0.11 37.33 6.97
N PRO C 45 1.00 36.82 7.81
CA PRO C 45 1.43 37.60 8.98
C PRO C 45 2.14 38.88 8.56
N ALA C 46 2.15 39.85 9.47
CA ALA C 46 2.82 41.11 9.18
C ALA C 46 4.29 40.90 8.85
N LEU C 47 4.92 39.88 9.43
CA LEU C 47 6.30 39.54 9.15
C LEU C 47 6.42 38.03 9.04
N SER C 48 6.88 37.56 7.89
CA SER C 48 7.07 36.13 7.66
C SER C 48 8.48 35.72 8.07
N LEU C 49 8.80 34.44 7.90
CA LEU C 49 10.10 33.89 8.27
C LEU C 49 10.68 33.15 7.07
N GLY C 50 11.65 33.77 6.40
CA GLY C 50 12.32 33.14 5.28
C GLY C 50 13.53 32.33 5.71
N LEU C 51 13.54 31.04 5.36
CA LEU C 51 14.62 30.13 5.74
C LEU C 51 15.78 30.20 4.76
N TRP C 52 16.30 31.40 4.53
CA TRP C 52 17.41 31.57 3.59
C TRP C 52 18.71 31.07 4.19
N HIS C 53 19.17 31.70 5.27
CA HIS C 53 20.42 31.33 5.91
C HIS C 53 20.15 30.57 7.21
N ASN C 54 21.19 29.90 7.69
CA ASN C 54 21.22 29.27 9.01
C ASN C 54 20.07 28.27 9.19
N PHE C 55 19.66 27.63 8.11
CA PHE C 55 18.72 26.52 8.19
C PHE C 55 19.17 25.30 7.40
N GLY C 56 20.38 25.31 6.85
CA GLY C 56 20.91 24.16 6.15
C GLY C 56 21.53 23.16 7.11
N ASP C 57 22.42 22.33 6.57
CA ASP C 57 23.08 21.31 7.37
C ASP C 57 24.23 21.84 8.21
N SER C 58 24.58 23.12 8.05
CA SER C 58 25.69 23.69 8.82
C SER C 58 25.26 24.11 10.22
N THR C 59 23.97 24.42 10.41
CA THR C 59 23.43 24.88 11.69
C THR C 59 22.83 23.71 12.45
N PRO C 60 23.09 23.62 13.76
CA PRO C 60 22.50 22.54 14.55
C PRO C 60 20.98 22.57 14.49
N ILE C 61 20.39 21.38 14.55
CA ILE C 61 18.94 21.25 14.37
C ILE C 61 18.19 21.78 15.59
N ASP C 62 18.80 21.73 16.78
CA ASP C 62 18.14 22.26 17.96
C ASP C 62 17.99 23.77 17.90
N THR C 63 18.92 24.45 17.24
CA THR C 63 18.80 25.90 17.09
C THR C 63 17.66 26.26 16.13
N GLN C 64 17.57 25.56 15.00
CA GLN C 64 16.45 25.80 14.08
C GLN C 64 15.13 25.43 14.74
N ARG C 65 15.12 24.38 15.55
CA ARG C 65 13.90 23.98 16.24
C ARG C 65 13.42 25.07 17.20
N ALA C 66 14.36 25.71 17.90
CA ALA C 66 13.98 26.78 18.82
C ALA C 66 13.46 28.00 18.07
N LEU C 67 14.08 28.33 16.93
CA LEU C 67 13.67 29.51 16.19
C LEU C 67 12.31 29.30 15.51
N LEU C 68 12.00 28.08 15.10
CA LEU C 68 10.70 27.82 14.50
C LEU C 68 9.60 27.81 15.55
N ARG C 69 9.86 27.21 16.71
CA ARG C 69 8.87 27.21 17.79
C ARG C 69 8.62 28.62 18.31
N THR C 70 9.66 29.44 18.36
CA THR C 70 9.49 30.82 18.82
C THR C 70 8.71 31.65 17.82
N ALA C 71 8.97 31.45 16.53
CA ALA C 71 8.28 32.22 15.50
C ALA C 71 6.78 31.92 15.48
N PHE C 72 6.42 30.64 15.58
CA PHE C 72 5.01 30.28 15.54
C PHE C 72 4.27 30.75 16.79
N ASP C 73 4.94 30.76 17.94
CA ASP C 73 4.33 31.31 19.15
C ASP C 73 4.13 32.82 19.05
N LEU C 74 4.88 33.48 18.17
CA LEU C 74 4.70 34.92 17.92
C LEU C 74 3.56 35.20 16.95
N GLY C 75 2.98 34.18 16.34
CA GLY C 75 1.95 34.35 15.34
C GLY C 75 2.44 34.20 13.91
N ILE C 76 3.75 34.14 13.70
CA ILE C 76 4.33 33.96 12.37
C ILE C 76 3.88 32.62 11.81
N THR C 77 3.04 32.65 10.78
CA THR C 77 2.48 31.45 10.18
C THR C 77 3.07 31.10 8.82
N HIS C 78 3.59 32.08 8.09
CA HIS C 78 4.19 31.83 6.78
C HIS C 78 5.67 31.54 6.94
N PHE C 79 6.13 30.48 6.28
CA PHE C 79 7.54 30.08 6.29
C PHE C 79 8.00 29.93 4.85
N ASP C 80 8.86 30.84 4.42
CA ASP C 80 9.30 30.93 3.03
C ASP C 80 10.49 30.01 2.81
N LEU C 81 10.35 29.05 1.90
CA LEU C 81 11.40 28.10 1.57
C LEU C 81 11.75 28.20 0.08
N ALA C 82 12.77 27.45 -0.32
CA ALA C 82 13.18 27.36 -1.71
C ALA C 82 14.02 26.11 -1.88
N ASN C 83 14.11 25.65 -3.14
CA ASN C 83 14.83 24.41 -3.41
C ASN C 83 16.34 24.56 -3.27
N ASN C 84 16.85 25.79 -3.27
CA ASN C 84 18.28 26.03 -3.17
C ASN C 84 18.71 26.50 -1.78
N TYR C 85 17.77 26.73 -0.87
CA TYR C 85 18.10 27.20 0.47
C TYR C 85 18.90 26.14 1.22
N GLY C 86 20.09 26.50 1.67
CA GLY C 86 20.95 25.60 2.40
C GLY C 86 21.92 26.33 3.30
N PRO C 87 23.22 26.00 3.19
CA PRO C 87 23.81 24.98 2.33
C PRO C 87 23.87 23.61 3.01
N PRO C 88 23.97 22.52 2.25
CA PRO C 88 23.99 22.42 0.78
C PRO C 88 22.62 22.63 0.17
N TYR C 89 22.48 22.46 -1.14
CA TYR C 89 21.22 22.72 -1.82
C TYR C 89 20.11 21.81 -1.27
N GLY C 90 18.96 22.41 -0.98
CA GLY C 90 17.79 21.68 -0.55
C GLY C 90 17.83 21.17 0.88
N SER C 91 18.89 21.44 1.63
CA SER C 91 18.98 20.95 3.01
C SER C 91 18.01 21.67 3.95
N ALA C 92 17.60 22.89 3.61
CA ALA C 92 16.60 23.59 4.43
C ALA C 92 15.24 22.95 4.29
N GLU C 93 14.92 22.39 3.12
CA GLU C 93 13.65 21.69 2.95
C GLU C 93 13.65 20.36 3.67
N ILE C 94 14.82 19.74 3.83
CA ILE C 94 14.91 18.48 4.56
C ILE C 94 14.81 18.73 6.06
N ASN C 95 15.44 19.80 6.55
CA ASN C 95 15.35 20.12 7.97
C ASN C 95 13.94 20.59 8.35
N PHE C 96 13.32 21.41 7.51
CA PHE C 96 11.96 21.82 7.79
C PHE C 96 10.98 20.66 7.67
N GLY C 97 11.30 19.67 6.82
CA GLY C 97 10.45 18.49 6.73
C GLY C 97 10.48 17.67 8.00
N ARG C 98 11.64 17.59 8.65
CA ARG C 98 11.73 16.87 9.92
C ARG C 98 11.03 17.64 11.04
N LEU C 99 11.29 18.94 11.13
CA LEU C 99 10.60 19.77 12.12
C LEU C 99 9.10 19.78 11.92
N LEU C 100 8.63 19.51 10.71
CA LEU C 100 7.19 19.46 10.45
C LEU C 100 6.58 18.15 10.95
N ARG C 101 7.23 17.03 10.64
CA ARG C 101 6.70 15.73 11.05
C ARG C 101 6.89 15.45 12.54
N GLU C 102 7.61 16.31 13.26
CA GLU C 102 7.85 16.13 14.68
C GLU C 102 7.15 17.16 15.56
N ASP C 103 7.05 18.40 15.10
CA ASP C 103 6.47 19.47 15.89
C ASP C 103 5.26 20.12 15.24
N PHE C 104 5.36 20.50 13.97
CA PHE C 104 4.32 21.27 13.29
C PHE C 104 3.29 20.41 12.57
N LYS C 105 3.18 19.12 12.94
CA LYS C 105 2.22 18.26 12.25
C LYS C 105 0.78 18.61 12.59
N PRO C 106 0.37 18.75 13.86
CA PRO C 106 -1.02 19.13 14.14
C PRO C 106 -1.35 20.58 13.80
N TYR C 107 -0.36 21.38 13.40
CA TYR C 107 -0.58 22.78 13.02
C TYR C 107 -0.40 23.01 11.52
N ARG C 108 -0.50 21.94 10.72
CA ARG C 108 -0.27 22.08 9.28
C ARG C 108 -1.34 22.92 8.62
N ASP C 109 -2.61 22.69 8.95
CA ASP C 109 -3.70 23.39 8.29
C ASP C 109 -3.78 24.87 8.66
N GLU C 110 -2.86 25.38 9.47
CA GLU C 110 -2.78 26.81 9.75
C GLU C 110 -1.41 27.38 9.41
N LEU C 111 -0.53 26.59 8.80
CA LEU C 111 0.75 27.06 8.31
C LEU C 111 0.66 27.39 6.83
N ILE C 112 1.42 28.39 6.41
CA ILE C 112 1.53 28.78 5.01
C ILE C 112 2.96 28.48 4.57
N LEU C 113 3.12 27.51 3.67
CA LEU C 113 4.41 27.10 3.18
C LEU C 113 4.57 27.47 1.72
N SER C 114 5.81 27.81 1.33
CA SER C 114 6.10 28.18 -0.04
C SER C 114 7.46 27.62 -0.44
N THR C 115 7.61 27.34 -1.73
CA THR C 115 8.87 26.86 -2.28
C THR C 115 9.06 27.48 -3.67
N LYS C 116 10.30 27.44 -4.15
CA LYS C 116 10.68 28.10 -5.38
C LYS C 116 11.43 27.15 -6.29
N ALA C 117 11.70 27.62 -7.51
CA ALA C 117 12.47 26.86 -8.49
C ALA C 117 12.90 27.83 -9.58
N GLY C 118 14.17 28.21 -9.57
CA GLY C 118 14.66 29.18 -10.55
C GLY C 118 16.16 29.28 -10.67
N TRP C 119 16.89 28.89 -9.64
CA TRP C 119 18.35 28.97 -9.64
C TRP C 119 18.95 27.57 -9.73
N ASP C 120 20.28 27.52 -9.75
CA ASP C 120 20.97 26.25 -9.91
C ASP C 120 20.73 25.34 -8.71
N MET C 121 20.30 24.11 -8.99
CA MET C 121 19.99 23.13 -7.96
C MET C 121 20.80 21.85 -8.15
N TRP C 122 20.60 21.14 -9.25
CA TRP C 122 21.35 19.93 -9.57
C TRP C 122 22.11 20.13 -10.88
N PRO C 123 23.16 19.37 -11.12
CA PRO C 123 23.95 19.55 -12.36
C PRO C 123 23.12 19.25 -13.59
N GLY C 124 23.40 19.99 -14.66
CA GLY C 124 22.74 19.80 -15.93
C GLY C 124 22.05 21.05 -16.42
N PRO C 125 21.77 21.10 -17.73
CA PRO C 125 21.03 22.25 -18.28
C PRO C 125 19.61 22.34 -17.76
N TYR C 126 19.01 21.23 -17.31
CA TYR C 126 17.70 21.24 -16.71
C TYR C 126 17.75 21.42 -15.20
N GLY C 127 18.93 21.67 -14.64
CA GLY C 127 19.09 21.82 -13.21
C GLY C 127 19.84 23.07 -12.82
N GLN C 128 20.39 23.79 -13.80
CA GLN C 128 21.08 25.04 -13.55
C GLN C 128 20.13 26.24 -13.52
N GLY C 129 18.90 26.03 -13.11
CA GLY C 129 17.93 27.12 -13.02
C GLY C 129 17.21 27.37 -14.34
N GLY C 130 16.02 27.92 -14.21
CA GLY C 130 15.22 28.26 -15.36
C GLY C 130 13.74 28.26 -15.01
N SER C 131 12.92 28.44 -16.04
CA SER C 131 11.46 28.45 -15.91
C SER C 131 10.80 27.39 -16.78
N SER C 132 11.56 26.38 -17.20
CA SER C 132 11.02 25.35 -18.09
C SER C 132 10.04 24.46 -17.34
N ARG C 133 9.13 23.85 -18.11
CA ARG C 133 8.15 22.93 -17.51
C ARG C 133 8.82 21.69 -16.94
N LYS C 134 9.91 21.23 -17.57
CA LYS C 134 10.64 20.08 -17.05
C LYS C 134 11.26 20.39 -15.69
N TYR C 135 11.94 21.54 -15.59
CA TYR C 135 12.63 21.88 -14.34
C TYR C 135 11.65 22.26 -13.24
N LEU C 136 10.56 22.94 -13.60
CA LEU C 136 9.62 23.41 -12.59
C LEU C 136 8.87 22.24 -11.95
N LEU C 137 8.33 21.34 -12.76
CA LEU C 137 7.53 20.26 -12.22
C LEU C 137 8.39 19.19 -11.55
N SER C 138 9.64 19.03 -11.99
CA SER C 138 10.52 18.07 -11.35
C SER C 138 11.07 18.60 -10.03
N SER C 139 11.44 19.88 -9.98
CA SER C 139 11.92 20.46 -8.73
C SER C 139 10.80 20.60 -7.72
N LEU C 140 9.56 20.77 -8.18
CA LEU C 140 8.44 20.81 -7.25
C LEU C 140 8.15 19.43 -6.67
N ASP C 141 8.30 18.38 -7.49
CA ASP C 141 8.09 17.02 -6.99
C ASP C 141 9.12 16.64 -5.95
N GLN C 142 10.39 17.03 -6.15
CA GLN C 142 11.42 16.72 -5.18
C GLN C 142 11.34 17.63 -3.96
N SER C 143 10.85 18.87 -4.14
CA SER C 143 10.63 19.74 -2.99
C SER C 143 9.44 19.31 -2.16
N LEU C 144 8.47 18.60 -2.76
CA LEU C 144 7.37 18.05 -1.98
C LEU C 144 7.80 16.83 -1.19
N GLN C 145 8.75 16.05 -1.70
CA GLN C 145 9.24 14.90 -0.95
C GLN C 145 10.10 15.34 0.22
N ARG C 146 10.95 16.35 0.02
CA ARG C 146 11.81 16.81 1.10
C ARG C 146 11.01 17.46 2.22
N LEU C 147 9.98 18.23 1.87
CA LEU C 147 9.14 18.86 2.88
C LEU C 147 8.20 17.89 3.56
N GLY C 148 7.91 16.75 2.94
CA GLY C 148 7.02 15.79 3.53
C GLY C 148 5.55 16.18 3.50
N VAL C 149 5.19 17.13 2.65
CA VAL C 149 3.80 17.58 2.54
C VAL C 149 3.27 17.18 1.17
N ASP C 150 1.95 17.03 1.09
CA ASP C 150 1.32 16.71 -0.19
C ASP C 150 1.36 17.90 -1.14
N TYR C 151 1.24 19.12 -0.60
CA TYR C 151 1.22 20.32 -1.43
C TYR C 151 1.84 21.47 -0.65
N VAL C 152 2.27 22.48 -1.39
CA VAL C 152 2.70 23.75 -0.81
C VAL C 152 1.59 24.76 -1.03
N ASP C 153 1.50 25.74 -0.13
CA ASP C 153 0.44 26.72 -0.23
C ASP C 153 0.69 27.73 -1.35
N ILE C 154 1.95 28.10 -1.55
CA ILE C 154 2.34 28.99 -2.64
C ILE C 154 3.54 28.38 -3.35
N PHE C 155 3.53 28.42 -4.68
CA PHE C 155 4.64 27.93 -5.49
C PHE C 155 5.13 29.08 -6.37
N TYR C 156 6.34 29.56 -6.09
CA TYR C 156 6.91 30.70 -6.78
C TYR C 156 7.64 30.29 -8.05
N SER C 157 7.87 31.28 -8.91
CA SER C 157 8.83 31.18 -10.02
C SER C 157 9.98 32.09 -9.63
N HIS C 158 11.10 31.50 -9.21
CA HIS C 158 12.12 32.25 -8.48
C HIS C 158 12.75 33.35 -9.31
N ARG C 159 12.89 33.14 -10.62
CA ARG C 159 13.50 34.15 -11.49
C ARG C 159 12.78 34.15 -12.84
N PHE C 160 13.05 35.18 -13.63
CA PHE C 160 12.51 35.32 -14.97
C PHE C 160 13.54 34.82 -15.97
N ASP C 161 13.20 33.73 -16.66
CA ASP C 161 14.06 33.17 -17.70
C ASP C 161 13.69 33.80 -19.04
N ALA C 162 14.61 34.59 -19.59
CA ALA C 162 14.35 35.27 -20.85
C ALA C 162 14.35 34.30 -22.04
N ASP C 163 14.95 33.13 -21.89
CA ASP C 163 15.02 32.15 -22.96
C ASP C 163 13.83 31.19 -22.97
N THR C 164 12.96 31.25 -21.96
CA THR C 164 11.77 30.42 -21.90
C THR C 164 10.53 31.30 -22.02
N PRO C 165 9.61 30.99 -22.93
CA PRO C 165 8.40 31.81 -23.06
C PRO C 165 7.53 31.71 -21.82
N LEU C 166 6.86 32.81 -21.50
CA LEU C 166 5.99 32.85 -20.33
C LEU C 166 4.69 32.07 -20.55
N GLU C 167 4.48 31.51 -21.74
CA GLU C 167 3.34 30.61 -21.94
C GLU C 167 3.61 29.23 -21.37
N GLU C 168 4.87 28.77 -21.45
CA GLU C 168 5.22 27.48 -20.88
C GLU C 168 5.36 27.56 -19.36
N THR C 169 5.86 28.67 -18.84
CA THR C 169 5.98 28.84 -17.40
C THR C 169 4.59 28.99 -16.76
N ALA C 170 3.67 29.69 -17.44
CA ALA C 170 2.32 29.84 -16.91
C ALA C 170 1.59 28.51 -16.88
N GLY C 171 1.69 27.72 -17.96
CA GLY C 171 1.13 26.38 -17.98
C GLY C 171 1.76 25.43 -16.98
N ALA C 172 3.02 25.66 -16.61
CA ALA C 172 3.66 24.83 -15.60
C ALA C 172 3.10 25.14 -14.21
N LEU C 173 2.98 26.42 -13.87
CA LEU C 173 2.39 26.80 -12.59
C LEU C 173 0.92 26.40 -12.54
N ALA C 174 0.21 26.54 -13.65
CA ALA C 174 -1.20 26.14 -13.68
C ALA C 174 -1.33 24.62 -13.52
N SER C 175 -0.40 23.85 -14.08
CA SER C 175 -0.43 22.41 -13.88
C SER C 175 -0.16 22.04 -12.43
N ALA C 176 0.65 22.84 -11.73
CA ALA C 176 0.89 22.58 -10.32
C ALA C 176 -0.35 22.81 -9.48
N VAL C 177 -1.19 23.77 -9.86
CA VAL C 177 -2.42 24.03 -9.13
C VAL C 177 -3.47 22.99 -9.45
N GLN C 178 -3.57 22.57 -10.72
CA GLN C 178 -4.58 21.59 -11.10
C GLN C 178 -4.27 20.22 -10.50
N GLN C 179 -2.99 19.85 -10.44
CA GLN C 179 -2.60 18.56 -9.89
C GLN C 179 -2.65 18.51 -8.37
N GLY C 180 -3.16 19.56 -7.72
CA GLY C 180 -3.27 19.58 -6.28
C GLY C 180 -1.95 19.70 -5.54
N LYS C 181 -0.87 20.07 -6.21
CA LYS C 181 0.42 20.26 -5.57
C LYS C 181 0.64 21.67 -5.06
N ALA C 182 -0.26 22.60 -5.38
CA ALA C 182 -0.16 23.98 -4.90
C ALA C 182 -1.55 24.60 -4.89
N LEU C 183 -1.82 25.41 -3.87
CA LEU C 183 -3.09 26.12 -3.77
C LEU C 183 -3.05 27.43 -4.54
N TYR C 184 -2.00 28.23 -4.33
CA TYR C 184 -1.78 29.45 -5.09
C TYR C 184 -0.38 29.40 -5.70
N VAL C 185 -0.13 30.31 -6.63
CA VAL C 185 1.17 30.45 -7.29
C VAL C 185 1.62 31.89 -7.17
N GLY C 186 2.89 32.12 -7.50
CA GLY C 186 3.46 33.46 -7.44
C GLY C 186 4.72 33.55 -8.26
N ILE C 187 5.24 34.76 -8.36
CA ILE C 187 6.49 35.04 -9.05
C ILE C 187 7.37 35.89 -8.14
N SER C 188 8.67 35.67 -8.24
CA SER C 188 9.65 36.38 -7.44
C SER C 188 10.72 36.98 -8.33
N SER C 189 11.17 38.19 -7.99
CA SER C 189 12.23 38.89 -8.71
C SER C 189 11.88 39.06 -10.19
N TYR C 190 10.61 39.37 -10.45
CA TYR C 190 10.11 39.55 -11.81
C TYR C 190 9.99 41.03 -12.16
N SER C 191 10.12 41.32 -13.45
CA SER C 191 9.95 42.68 -13.93
C SER C 191 8.50 43.12 -13.78
N ALA C 192 8.28 44.43 -13.92
CA ALA C 192 6.92 44.95 -13.84
C ALA C 192 6.11 44.57 -15.06
N ALA C 193 6.73 44.64 -16.25
CA ALA C 193 6.05 44.19 -17.46
C ALA C 193 5.98 42.67 -17.52
N ARG C 194 6.97 41.98 -16.96
CA ARG C 194 6.92 40.52 -16.92
C ARG C 194 5.86 40.02 -15.95
N THR C 195 5.57 40.80 -14.91
CA THR C 195 4.49 40.43 -14.00
C THR C 195 3.13 40.58 -14.68
N ARG C 196 2.93 41.67 -15.42
CA ARG C 196 1.68 41.84 -16.16
C ARG C 196 1.51 40.77 -17.23
N GLU C 197 2.61 40.29 -17.81
CA GLU C 197 2.51 39.32 -18.88
C GLU C 197 2.16 37.94 -18.36
N ILE C 198 2.90 37.45 -17.35
CA ILE C 198 2.64 36.11 -16.84
C ILE C 198 1.30 36.06 -16.12
N ALA C 199 0.85 37.18 -15.54
CA ALA C 199 -0.46 37.20 -14.92
C ALA C 199 -1.57 37.13 -15.96
N ALA C 200 -1.41 37.87 -17.07
CA ALA C 200 -2.41 37.83 -18.13
C ALA C 200 -2.51 36.46 -18.76
N LEU C 201 -1.40 35.72 -18.81
CA LEU C 201 -1.43 34.36 -19.33
C LEU C 201 -2.00 33.36 -18.32
N LEU C 202 -1.89 33.65 -17.02
CA LEU C 202 -2.49 32.80 -16.02
C LEU C 202 -3.99 32.97 -15.96
N ARG C 203 -4.51 34.13 -16.36
CA ARG C 203 -5.95 34.31 -16.45
C ARG C 203 -6.57 33.36 -17.49
N ALA C 204 -5.79 32.99 -18.50
CA ALA C 204 -6.26 32.01 -19.48
C ALA C 204 -6.45 30.64 -18.85
N TRP C 205 -5.62 30.29 -17.88
CA TRP C 205 -5.77 29.04 -17.13
C TRP C 205 -6.71 29.18 -15.94
N LYS C 206 -7.31 30.34 -15.75
CA LYS C 206 -8.26 30.60 -14.66
C LYS C 206 -7.62 30.39 -13.29
N VAL C 207 -6.32 30.64 -13.18
CA VAL C 207 -5.62 30.62 -11.90
C VAL C 207 -4.87 31.94 -11.75
N PRO C 208 -5.42 32.91 -11.03
CA PRO C 208 -4.79 34.23 -10.97
C PRO C 208 -3.49 34.21 -10.19
N LEU C 209 -2.62 35.17 -10.51
CA LEU C 209 -1.36 35.34 -9.79
C LEU C 209 -1.65 35.86 -8.39
N LEU C 210 -1.18 35.12 -7.38
CA LEU C 210 -1.50 35.49 -6.00
C LEU C 210 -0.61 36.60 -5.49
N ILE C 211 0.70 36.43 -5.56
CA ILE C 211 1.63 37.30 -4.85
C ILE C 211 2.92 37.45 -5.66
N HIS C 212 3.59 38.58 -5.47
CA HIS C 212 4.88 38.88 -6.06
C HIS C 212 5.87 39.15 -4.95
N GLN C 213 7.09 38.61 -5.09
CA GLN C 213 8.13 38.76 -4.08
C GLN C 213 9.30 39.55 -4.64
N PRO C 214 9.31 40.88 -4.49
CA PRO C 214 10.48 41.66 -4.89
C PRO C 214 11.39 41.95 -3.72
N ALA C 215 12.57 42.50 -3.99
CA ALA C 215 13.46 42.99 -2.94
C ALA C 215 13.11 44.45 -2.67
N TYR C 216 12.62 44.74 -1.48
CA TYR C 216 12.08 46.06 -1.16
C TYR C 216 12.50 46.45 0.24
N ASN C 217 13.22 47.56 0.35
CA ASN C 217 13.65 48.10 1.64
C ASN C 217 13.95 49.59 1.45
N LEU C 218 14.59 50.19 2.46
CA LEU C 218 14.87 51.63 2.41
C LEU C 218 15.83 51.97 1.28
N PHE C 219 16.76 51.07 0.96
CA PHE C 219 17.76 51.35 -0.07
C PHE C 219 17.40 50.79 -1.43
N ASN C 220 16.63 49.70 -1.49
CA ASN C 220 16.24 49.08 -2.75
C ASN C 220 14.75 49.37 -2.96
N ARG C 221 14.46 50.46 -3.65
CA ARG C 221 13.10 50.93 -3.89
C ARG C 221 12.76 50.91 -5.37
N TRP C 222 13.22 49.87 -6.07
CA TRP C 222 12.96 49.79 -7.51
C TRP C 222 11.50 49.43 -7.80
N ALA C 223 10.84 48.74 -6.86
CA ALA C 223 9.48 48.27 -7.11
C ALA C 223 8.46 49.40 -7.09
N GLU C 224 8.81 50.57 -6.55
CA GLU C 224 7.84 51.65 -6.44
C GLU C 224 7.50 52.25 -7.80
N HIS C 225 8.43 52.20 -8.76
CA HIS C 225 8.23 52.92 -10.01
C HIS C 225 7.12 52.31 -10.85
N GLU C 226 7.13 50.98 -11.01
CA GLU C 226 6.19 50.34 -11.91
C GLU C 226 5.53 49.11 -11.27
N LEU C 227 6.26 48.41 -10.40
CA LEU C 227 5.80 47.11 -9.93
C LEU C 227 4.58 47.22 -9.03
N PHE C 228 4.62 48.13 -8.05
CA PHE C 228 3.48 48.25 -7.13
C PHE C 228 2.22 48.70 -7.84
N ASP C 229 2.35 49.42 -8.96
CA ASP C 229 1.19 49.77 -9.76
C ASP C 229 0.68 48.58 -10.56
N ALA C 230 1.59 47.67 -10.96
CA ALA C 230 1.16 46.49 -11.71
C ALA C 230 0.40 45.52 -10.82
N THR C 231 0.95 45.23 -9.64
CA THR C 231 0.28 44.30 -8.73
C THR C 231 -1.05 44.85 -8.23
N ALA C 232 -1.20 46.17 -8.19
CA ALA C 232 -2.44 46.77 -7.73
C ALA C 232 -3.56 46.58 -8.75
N GLU C 233 -3.29 46.96 -10.01
CA GLU C 233 -4.31 46.83 -11.05
C GLU C 233 -4.60 45.36 -11.37
N LEU C 234 -3.62 44.48 -11.16
CA LEU C 234 -3.85 43.06 -11.37
C LEU C 234 -4.70 42.46 -10.26
N GLY C 235 -4.42 42.85 -9.01
CA GLY C 235 -5.09 42.28 -7.86
C GLY C 235 -4.23 41.37 -7.01
N ALA C 236 -2.95 41.22 -7.34
CA ALA C 236 -2.05 40.37 -6.59
C ALA C 236 -1.51 41.12 -5.37
N GLY C 237 -0.70 40.42 -4.57
CA GLY C 237 -0.06 41.00 -3.42
C GLY C 237 1.45 41.13 -3.61
N VAL C 238 2.11 41.59 -2.54
CA VAL C 238 3.55 41.80 -2.54
C VAL C 238 4.09 41.37 -1.18
N ILE C 239 5.15 40.57 -1.19
CA ILE C 239 5.89 40.24 0.02
C ILE C 239 7.33 40.71 -0.16
N ALA C 240 7.83 41.44 0.83
CA ALA C 240 9.11 42.12 0.70
C ALA C 240 10.25 41.19 1.11
N PHE C 241 11.15 40.91 0.17
CA PHE C 241 12.32 40.09 0.44
C PHE C 241 13.48 40.98 0.87
N THR C 242 14.20 40.53 1.91
CA THR C 242 15.29 41.24 2.57
C THR C 242 14.94 42.71 2.79
N PRO C 243 14.05 43.01 3.74
CA PRO C 243 13.73 44.42 4.04
C PRO C 243 14.72 45.07 4.99
N LEU C 244 15.75 44.35 5.42
CA LEU C 244 16.80 44.90 6.26
C LEU C 244 18.12 45.01 5.51
N ALA C 245 18.11 44.78 4.19
CA ALA C 245 19.29 44.93 3.34
C ALA C 245 20.44 44.05 3.81
N GLN C 246 20.11 42.83 4.25
CA GLN C 246 21.09 41.84 4.68
C GLN C 246 21.97 42.39 5.81
N GLY C 247 21.32 42.73 6.92
CA GLY C 247 22.02 43.24 8.08
C GLY C 247 22.48 44.68 7.98
N LEU C 248 22.20 45.37 6.87
CA LEU C 248 22.62 46.75 6.71
C LEU C 248 21.66 47.73 7.38
N LEU C 249 20.48 47.28 7.79
CA LEU C 249 19.47 48.11 8.44
C LEU C 249 19.10 47.53 9.81
N THR C 250 20.09 46.99 10.53
CA THR C 250 19.85 46.40 11.82
C THR C 250 20.76 46.93 12.93
N GLY C 251 21.68 47.85 12.61
CA GLY C 251 22.61 48.35 13.59
C GLY C 251 23.77 47.43 13.90
N LYS C 252 23.76 46.20 13.38
CA LYS C 252 24.91 45.30 13.59
C LYS C 252 26.17 45.86 12.98
N TYR C 253 26.05 46.70 11.94
CA TYR C 253 27.17 47.37 11.33
C TYR C 253 27.30 48.81 11.80
N LEU C 254 26.97 49.07 13.06
CA LEU C 254 27.04 50.41 13.64
C LEU C 254 26.20 51.42 12.86
N LEU C 276 27.58 48.19 1.70
CA LEU C 276 28.67 47.90 2.64
C LEU C 276 29.73 49.00 2.59
N SER C 277 29.37 50.14 2.01
CA SER C 277 30.29 51.26 1.87
C SER C 277 30.17 52.21 3.06
N ASP C 278 31.13 53.15 3.13
CA ASP C 278 31.12 54.13 4.21
C ASP C 278 29.88 55.02 4.14
N ASP C 279 29.51 55.45 2.94
CA ASP C 279 28.30 56.27 2.81
C ASP C 279 27.05 55.48 3.17
N ASN C 280 27.08 54.16 2.97
CA ASN C 280 25.94 53.33 3.37
C ASN C 280 25.85 53.24 4.88
N LEU C 281 26.99 53.21 5.57
CA LEU C 281 26.98 53.17 7.03
C LEU C 281 26.56 54.52 7.61
N GLN C 282 26.83 55.62 6.91
CA GLN C 282 26.43 56.93 7.40
C GLN C 282 24.94 57.17 7.21
N ARG C 283 24.39 56.67 6.11
CA ARG C 283 22.94 56.74 5.91
C ARG C 283 22.21 55.87 6.93
N ALA C 284 22.82 54.74 7.32
CA ALA C 284 22.20 53.88 8.32
C ALA C 284 22.18 54.55 9.70
N ARG C 285 23.27 55.24 10.05
CA ARG C 285 23.29 55.97 11.33
C ARG C 285 22.30 57.13 11.32
N GLY C 286 22.05 57.72 10.16
CA GLY C 286 21.04 58.76 10.09
C GLY C 286 19.63 58.21 10.24
N LEU C 287 19.37 57.05 9.64
CA LEU C 287 18.06 56.41 9.79
C LEU C 287 17.85 55.92 11.22
N ASP C 288 18.93 55.54 11.92
CA ASP C 288 18.79 55.07 13.29
C ASP C 288 18.45 56.21 14.24
N ALA C 289 19.02 57.40 14.00
CA ALA C 289 18.69 58.54 14.83
C ALA C 289 17.24 58.96 14.67
N ILE C 290 16.66 58.77 13.49
CA ILE C 290 15.25 59.05 13.29
C ILE C 290 14.39 57.94 13.91
N ALA C 291 14.98 56.76 14.11
CA ALA C 291 14.25 55.67 14.75
C ALA C 291 14.23 55.82 16.27
N ARG C 292 15.33 56.29 16.85
CA ARG C 292 15.38 56.46 18.30
C ARG C 292 14.51 57.61 18.77
N GLY C 293 14.22 58.59 17.89
CA GLY C 293 13.26 59.61 18.21
C GLY C 293 11.83 59.13 18.18
N ARG C 294 11.57 58.01 17.49
CA ARG C 294 10.25 57.39 17.45
C ARG C 294 10.09 56.30 18.50
N GLY C 295 11.13 56.00 19.26
CA GLY C 295 11.04 54.94 20.25
C GLY C 295 11.29 53.55 19.72
N GLN C 296 11.88 53.42 18.54
CA GLN C 296 12.16 52.14 17.92
C GLN C 296 13.66 51.96 17.76
N SER C 297 14.05 50.81 17.22
CA SER C 297 15.40 50.56 16.74
C SER C 297 15.43 50.77 15.23
N LEU C 298 16.61 50.59 14.64
CA LEU C 298 16.73 50.75 13.19
C LEU C 298 16.01 49.63 12.46
N ALA C 299 16.11 48.41 12.96
CA ALA C 299 15.41 47.28 12.31
C ALA C 299 13.90 47.47 12.37
N GLN C 300 13.39 47.85 13.55
CA GLN C 300 11.95 48.09 13.67
C GLN C 300 11.49 49.23 12.77
N LEU C 301 12.36 50.23 12.54
CA LEU C 301 11.99 51.35 11.69
C LEU C 301 11.90 50.93 10.23
N ALA C 302 12.87 50.14 9.76
CA ALA C 302 12.86 49.71 8.37
C ALA C 302 11.70 48.78 8.07
N LEU C 303 11.35 47.90 9.01
CA LEU C 303 10.23 46.98 8.81
C LEU C 303 8.91 47.72 8.81
N ALA C 304 8.74 48.69 9.71
CA ALA C 304 7.53 49.50 9.70
C ALA C 304 7.44 50.38 8.48
N TRP C 305 8.60 50.77 7.91
CA TRP C 305 8.59 51.58 6.70
C TRP C 305 8.19 50.75 5.49
N VAL C 306 8.61 49.48 5.45
CA VAL C 306 8.20 48.61 4.36
C VAL C 306 6.70 48.35 4.41
N LEU C 307 6.17 48.15 5.62
CA LEU C 307 4.75 47.88 5.82
C LEU C 307 3.91 49.13 5.93
N ARG C 308 4.44 50.30 5.52
CA ARG C 308 3.72 51.55 5.69
C ARG C 308 2.48 51.62 4.79
N ASP C 309 2.51 50.94 3.65
CA ASP C 309 1.40 50.94 2.71
C ASP C 309 0.81 49.54 2.63
N ALA C 310 -0.52 49.47 2.61
CA ALA C 310 -1.22 48.19 2.57
C ALA C 310 -0.94 47.40 1.30
N ARG C 311 -0.38 48.04 0.26
CA ARG C 311 -0.01 47.30 -0.94
C ARG C 311 1.04 46.25 -0.65
N VAL C 312 1.88 46.47 0.37
CA VAL C 312 2.82 45.46 0.84
C VAL C 312 2.12 44.60 1.88
N SER C 313 2.31 43.29 1.77
CA SER C 313 1.59 42.34 2.61
C SER C 313 2.44 41.74 3.72
N SER C 314 3.74 41.54 3.49
CA SER C 314 4.60 40.92 4.49
C SER C 314 6.04 41.39 4.28
N ALA C 315 6.93 40.88 5.11
CA ALA C 315 8.35 41.19 5.01
C ALA C 315 9.14 40.02 5.58
N LEU C 316 9.96 39.38 4.75
CA LEU C 316 10.70 38.20 5.17
C LEU C 316 11.71 38.58 6.24
N LEU C 317 11.64 37.91 7.39
CA LEU C 317 12.62 38.04 8.44
C LEU C 317 13.59 36.87 8.38
N GLY C 318 14.88 37.17 8.28
CA GLY C 318 15.88 36.12 8.20
C GLY C 318 16.04 35.38 9.52
N ALA C 319 16.86 34.33 9.46
CA ALA C 319 17.18 33.59 10.68
C ALA C 319 18.13 34.39 11.55
N SER C 320 17.85 34.39 12.85
CA SER C 320 18.65 35.16 13.80
C SER C 320 18.50 34.50 15.17
N ARG C 321 18.95 35.21 16.20
CA ARG C 321 18.74 34.76 17.57
C ARG C 321 17.30 35.02 17.97
N PRO C 322 16.75 34.23 18.91
CA PRO C 322 15.33 34.37 19.24
C PRO C 322 14.95 35.76 19.75
N GLU C 323 15.76 36.35 20.64
CA GLU C 323 15.42 37.66 21.18
C GLU C 323 15.46 38.75 20.12
N GLN C 324 16.21 38.56 19.03
CA GLN C 324 16.17 39.50 17.93
C GLN C 324 14.89 39.37 17.13
N LEU C 325 14.37 38.15 16.98
CA LEU C 325 13.08 37.96 16.31
C LEU C 325 11.94 38.54 17.12
N ILE C 326 12.02 38.45 18.46
CA ILE C 326 10.99 39.03 19.31
C ILE C 326 10.92 40.53 19.11
N GLU C 327 12.07 41.18 18.90
CA GLU C 327 12.10 42.63 18.77
C GLU C 327 11.57 43.07 17.41
N ASN C 328 12.06 42.45 16.34
CA ASN C 328 11.65 42.85 14.99
C ASN C 328 10.18 42.54 14.73
N VAL C 329 9.64 41.52 15.38
CA VAL C 329 8.22 41.21 15.23
C VAL C 329 7.36 42.33 15.77
N ALA C 330 7.81 43.00 16.83
CA ALA C 330 7.08 44.13 17.40
C ALA C 330 7.49 45.44 16.71
N ALA C 331 7.32 45.47 15.39
CA ALA C 331 7.62 46.65 14.58
C ALA C 331 6.38 47.45 14.22
N LEU C 332 5.21 46.80 14.14
CA LEU C 332 3.97 47.50 13.84
C LEU C 332 3.33 48.15 15.06
N GLN C 333 3.83 47.85 16.26
CA GLN C 333 3.27 48.46 17.47
C GLN C 333 3.55 49.94 17.57
N ALA C 334 4.51 50.44 16.79
CA ALA C 334 4.78 51.87 16.77
C ALA C 334 3.67 52.61 16.02
N PRO C 335 3.45 53.88 16.31
CA PRO C 335 2.43 54.65 15.59
C PRO C 335 2.80 54.80 14.13
N PRO C 336 1.82 55.03 13.26
CA PRO C 336 2.12 55.18 11.83
C PRO C 336 2.94 56.43 11.56
N PHE C 337 3.74 56.37 10.49
CA PHE C 337 4.58 57.49 10.11
C PHE C 337 3.73 58.69 9.71
N SER C 338 4.28 59.88 9.93
CA SER C 338 3.66 61.11 9.49
C SER C 338 4.28 61.58 8.17
N ALA C 339 3.64 62.58 7.55
CA ALA C 339 4.17 63.12 6.31
C ALA C 339 5.52 63.80 6.54
N GLU C 340 5.73 64.39 7.72
CA GLU C 340 7.01 65.01 8.02
C GLU C 340 8.08 63.96 8.30
N GLU C 341 7.70 62.85 8.92
CA GLU C 341 8.67 61.79 9.21
C GLU C 341 9.07 61.05 7.94
N LEU C 342 8.11 60.82 7.03
CA LEU C 342 8.43 60.12 5.79
C LEU C 342 9.35 60.93 4.89
N ALA C 343 9.11 62.24 4.80
CA ALA C 343 10.01 63.11 4.05
C ALA C 343 11.34 63.30 4.76
N GLU C 344 11.37 63.10 6.09
CA GLU C 344 12.62 63.23 6.84
C GLU C 344 13.56 62.06 6.56
N ILE C 345 13.01 60.87 6.35
CA ILE C 345 13.84 59.70 6.05
C ILE C 345 14.11 59.54 4.55
N ASP C 346 13.46 60.33 3.70
CA ASP C 346 13.72 60.30 2.26
C ASP C 346 14.91 61.22 1.93
N ARG C 347 16.04 60.90 2.55
CA ARG C 347 17.25 61.70 2.39
C ARG C 347 17.92 61.43 1.05
N SER D 19 -0.54 -24.19 -17.74
CA SER D 19 -1.11 -25.42 -17.20
C SER D 19 -2.62 -25.33 -17.09
N MET D 20 -3.31 -25.89 -18.08
CA MET D 20 -4.78 -25.87 -18.14
C MET D 20 -5.33 -24.44 -18.10
N ARG D 21 -4.67 -23.54 -18.82
CA ARG D 21 -5.09 -22.15 -18.92
C ARG D 21 -5.53 -21.85 -20.35
N TYR D 22 -5.74 -20.57 -20.64
CA TYR D 22 -6.30 -20.13 -21.91
C TYR D 22 -5.19 -19.75 -22.88
N LEU D 23 -5.37 -20.14 -24.14
CA LEU D 23 -4.44 -19.79 -25.22
C LEU D 23 -5.29 -19.36 -26.41
N ALA D 24 -5.27 -18.08 -26.74
CA ALA D 24 -6.08 -17.55 -27.82
C ALA D 24 -5.64 -18.15 -29.17
N HIS D 25 -6.59 -18.26 -30.08
CA HIS D 25 -6.31 -18.84 -31.38
C HIS D 25 -5.37 -17.94 -32.16
N PRO D 26 -4.28 -18.47 -32.74
CA PRO D 26 -3.33 -17.61 -33.44
C PRO D 26 -3.89 -16.98 -34.71
N ASP D 27 -4.95 -17.54 -35.28
CA ASP D 27 -5.55 -17.02 -36.50
C ASP D 27 -6.82 -16.22 -36.23
N ARG D 28 -6.93 -15.62 -35.04
CA ARG D 28 -8.18 -14.95 -34.66
C ARG D 28 -8.33 -13.58 -35.31
N TYR D 29 -7.22 -12.89 -35.58
CA TYR D 29 -7.27 -11.55 -36.16
C TYR D 29 -7.20 -11.57 -37.69
N ASP D 30 -7.59 -12.68 -38.31
CA ASP D 30 -7.76 -12.73 -39.75
C ASP D 30 -9.00 -13.53 -40.15
N ARG D 31 -9.91 -13.77 -39.20
CA ARG D 31 -11.17 -14.45 -39.49
C ARG D 31 -12.29 -13.44 -39.70
N ILE D 32 -12.71 -12.77 -38.63
CA ILE D 32 -13.80 -11.81 -38.71
C ILE D 32 -13.27 -10.47 -39.22
N ALA D 33 -14.16 -9.67 -39.77
CA ALA D 33 -13.83 -8.34 -40.27
C ALA D 33 -14.09 -7.30 -39.18
N TYR D 34 -13.45 -6.14 -39.35
CA TYR D 34 -13.56 -5.03 -38.42
C TYR D 34 -14.02 -3.78 -39.15
N ARG D 35 -15.02 -3.10 -38.60
CA ARG D 35 -15.63 -1.94 -39.21
C ARG D 35 -15.41 -0.72 -38.33
N ARG D 36 -15.17 0.42 -38.96
CA ARG D 36 -14.83 1.63 -38.22
C ARG D 36 -16.08 2.28 -37.63
N VAL D 37 -15.95 2.76 -36.39
CA VAL D 37 -17.08 3.34 -35.66
C VAL D 37 -17.11 4.82 -36.02
N GLY D 38 -17.80 5.14 -37.11
CA GLY D 38 -17.96 6.52 -37.52
C GLY D 38 -16.63 7.16 -37.86
N ARG D 39 -16.56 8.48 -37.61
CA ARG D 39 -15.35 9.24 -37.87
C ARG D 39 -14.48 9.34 -36.61
N SER D 40 -14.13 8.17 -36.10
CA SER D 40 -13.23 8.04 -34.96
C SER D 40 -12.13 7.03 -35.31
N GLY D 41 -11.26 6.76 -34.34
CA GLY D 41 -10.16 5.84 -34.53
C GLY D 41 -10.40 4.44 -34.02
N LEU D 42 -11.63 4.09 -33.64
CA LEU D 42 -11.93 2.78 -33.07
C LEU D 42 -12.64 1.92 -34.11
N VAL D 43 -12.31 0.62 -34.10
CA VAL D 43 -12.91 -0.35 -35.01
C VAL D 43 -13.47 -1.49 -34.18
N LEU D 44 -14.73 -1.85 -34.43
CA LEU D 44 -15.36 -2.94 -33.73
C LEU D 44 -15.55 -4.13 -34.65
N PRO D 45 -15.58 -5.36 -34.11
CA PRO D 45 -15.86 -6.52 -34.96
C PRO D 45 -17.24 -6.42 -35.57
N ALA D 46 -17.40 -7.05 -36.75
CA ALA D 46 -18.69 -7.00 -37.43
C ALA D 46 -19.81 -7.56 -36.56
N LEU D 47 -19.48 -8.47 -35.65
CA LEU D 47 -20.45 -9.03 -34.71
C LEU D 47 -19.84 -9.04 -33.32
N SER D 48 -20.54 -8.43 -32.37
CA SER D 48 -20.09 -8.39 -30.99
C SER D 48 -20.91 -9.37 -30.15
N LEU D 49 -20.58 -9.46 -28.86
CA LEU D 49 -21.23 -10.38 -27.94
C LEU D 49 -21.66 -9.62 -26.70
N GLY D 50 -22.97 -9.38 -26.57
CA GLY D 50 -23.50 -8.71 -25.40
C GLY D 50 -23.92 -9.70 -24.34
N LEU D 51 -23.59 -9.39 -23.10
CA LEU D 51 -23.92 -10.24 -21.94
C LEU D 51 -25.29 -9.94 -21.38
N TRP D 52 -26.29 -9.73 -22.25
CA TRP D 52 -27.63 -9.40 -21.77
C TRP D 52 -28.28 -10.58 -21.07
N HIS D 53 -28.14 -11.78 -21.63
CA HIS D 53 -28.81 -12.96 -21.10
C HIS D 53 -27.82 -14.11 -20.96
N ASN D 54 -28.17 -15.04 -20.06
CA ASN D 54 -27.40 -16.27 -19.83
C ASN D 54 -25.97 -15.98 -19.40
N PHE D 55 -25.74 -14.83 -18.78
CA PHE D 55 -24.44 -14.51 -18.19
C PHE D 55 -24.55 -14.13 -16.72
N GLY D 56 -25.69 -14.40 -16.09
CA GLY D 56 -25.86 -14.18 -14.67
C GLY D 56 -25.46 -15.40 -13.86
N ASP D 57 -26.03 -15.52 -12.67
CA ASP D 57 -25.73 -16.64 -11.79
C ASP D 57 -26.60 -17.87 -12.08
N SER D 58 -27.58 -17.76 -12.98
CA SER D 58 -28.38 -18.90 -13.38
C SER D 58 -27.66 -19.79 -14.39
N THR D 59 -26.55 -19.33 -14.96
CA THR D 59 -25.78 -20.07 -15.94
C THR D 59 -24.45 -20.49 -15.34
N PRO D 60 -24.04 -21.75 -15.50
CA PRO D 60 -22.76 -22.19 -14.94
C PRO D 60 -21.58 -21.43 -15.52
N ILE D 61 -20.46 -21.49 -14.82
CA ILE D 61 -19.25 -20.81 -15.27
C ILE D 61 -18.64 -21.54 -16.47
N ASP D 62 -18.84 -22.86 -16.58
CA ASP D 62 -18.37 -23.59 -17.74
C ASP D 62 -18.93 -23.01 -19.04
N THR D 63 -20.22 -22.68 -19.03
CA THR D 63 -20.84 -22.16 -20.25
C THR D 63 -20.32 -20.76 -20.58
N GLN D 64 -20.17 -19.90 -19.57
CA GLN D 64 -19.70 -18.54 -19.83
C GLN D 64 -18.25 -18.52 -20.27
N ARG D 65 -17.43 -19.40 -19.69
CA ARG D 65 -16.01 -19.42 -20.05
C ARG D 65 -15.82 -19.95 -21.47
N ALA D 66 -16.50 -21.03 -21.82
CA ALA D 66 -16.35 -21.60 -23.16
C ALA D 66 -16.92 -20.68 -24.23
N LEU D 67 -18.04 -20.02 -23.94
CA LEU D 67 -18.62 -19.09 -24.90
C LEU D 67 -17.74 -17.87 -25.09
N LEU D 68 -17.08 -17.41 -24.02
CA LEU D 68 -16.19 -16.26 -24.15
C LEU D 68 -14.93 -16.63 -24.92
N ARG D 69 -14.40 -17.83 -24.72
CA ARG D 69 -13.23 -18.27 -25.47
C ARG D 69 -13.56 -18.48 -26.94
N THR D 70 -14.71 -19.10 -27.22
CA THR D 70 -15.12 -19.30 -28.61
C THR D 70 -15.35 -17.97 -29.32
N ALA D 71 -15.87 -16.98 -28.59
CA ALA D 71 -16.11 -15.67 -29.18
C ALA D 71 -14.79 -14.96 -29.50
N PHE D 72 -13.86 -14.93 -28.54
CA PHE D 72 -12.59 -14.26 -28.76
C PHE D 72 -11.74 -14.98 -29.77
N ASP D 73 -11.86 -16.31 -29.86
CA ASP D 73 -11.11 -17.06 -30.87
C ASP D 73 -11.62 -16.73 -32.27
N LEU D 74 -12.88 -16.38 -32.41
CA LEU D 74 -13.45 -15.97 -33.69
C LEU D 74 -13.12 -14.52 -34.04
N GLY D 75 -12.26 -13.86 -33.28
CA GLY D 75 -11.88 -12.50 -33.58
C GLY D 75 -12.79 -11.44 -33.00
N ILE D 76 -13.76 -11.83 -32.16
CA ILE D 76 -14.65 -10.85 -31.53
C ILE D 76 -13.92 -10.22 -30.35
N THR D 77 -13.76 -8.89 -30.40
CA THR D 77 -13.03 -8.16 -29.38
C THR D 77 -13.90 -7.27 -28.52
N HIS D 78 -15.13 -6.98 -28.92
CA HIS D 78 -16.04 -6.13 -28.17
C HIS D 78 -16.96 -7.00 -27.32
N PHE D 79 -16.89 -6.82 -26.00
CA PHE D 79 -17.78 -7.49 -25.06
C PHE D 79 -18.62 -6.43 -24.36
N ASP D 80 -19.89 -6.35 -24.73
CA ASP D 80 -20.79 -5.31 -24.23
C ASP D 80 -21.46 -5.79 -22.96
N LEU D 81 -21.49 -4.93 -21.94
CA LEU D 81 -22.16 -5.25 -20.68
C LEU D 81 -23.04 -4.09 -20.23
N ALA D 82 -23.54 -4.18 -19.01
CA ALA D 82 -24.34 -3.12 -18.40
C ALA D 82 -24.40 -3.39 -16.90
N ASN D 83 -24.73 -2.36 -16.13
CA ASN D 83 -24.79 -2.50 -14.68
C ASN D 83 -25.92 -3.42 -14.23
N ASN D 84 -26.96 -3.59 -15.04
CA ASN D 84 -28.13 -4.36 -14.65
C ASN D 84 -28.26 -5.68 -15.40
N TYR D 85 -27.26 -6.07 -16.18
CA TYR D 85 -27.29 -7.36 -16.86
C TYR D 85 -27.14 -8.48 -15.84
N GLY D 86 -28.17 -9.33 -15.74
CA GLY D 86 -28.16 -10.42 -14.80
C GLY D 86 -28.79 -11.67 -15.35
N PRO D 87 -29.59 -12.36 -14.53
CA PRO D 87 -29.97 -12.06 -13.14
C PRO D 87 -29.08 -12.78 -12.13
N PRO D 88 -28.93 -12.23 -10.91
CA PRO D 88 -29.47 -10.96 -10.41
C PRO D 88 -28.71 -9.77 -10.99
N TYR D 89 -29.17 -8.55 -10.73
CA TYR D 89 -28.55 -7.36 -11.32
C TYR D 89 -27.10 -7.24 -10.86
N GLY D 90 -26.18 -7.21 -11.82
CA GLY D 90 -24.77 -7.04 -11.54
C GLY D 90 -23.95 -8.32 -11.55
N SER D 91 -24.60 -9.48 -11.65
CA SER D 91 -23.85 -10.74 -11.62
C SER D 91 -23.09 -10.99 -12.92
N ALA D 92 -23.48 -10.35 -14.02
CA ALA D 92 -22.75 -10.53 -15.28
C ALA D 92 -21.41 -9.81 -15.24
N GLU D 93 -21.37 -8.62 -14.63
CA GLU D 93 -20.10 -7.91 -14.48
C GLU D 93 -19.18 -8.62 -13.50
N ILE D 94 -19.75 -9.29 -12.49
CA ILE D 94 -18.94 -10.06 -11.55
C ILE D 94 -18.39 -11.31 -12.23
N ASN D 95 -19.21 -11.97 -13.04
CA ASN D 95 -18.77 -13.19 -13.72
C ASN D 95 -17.75 -12.89 -14.81
N PHE D 96 -18.06 -11.90 -15.66
CA PHE D 96 -17.08 -11.47 -16.66
C PHE D 96 -15.82 -10.93 -16.00
N GLY D 97 -15.96 -10.32 -14.82
CA GLY D 97 -14.79 -9.88 -14.08
C GLY D 97 -13.92 -11.03 -13.63
N ARG D 98 -14.54 -12.15 -13.23
CA ARG D 98 -13.76 -13.31 -12.83
C ARG D 98 -13.09 -13.96 -14.03
N LEU D 99 -13.84 -14.15 -15.12
CA LEU D 99 -13.26 -14.70 -16.33
C LEU D 99 -12.18 -13.81 -16.92
N LEU D 100 -12.18 -12.52 -16.56
CA LEU D 100 -11.12 -11.63 -17.01
C LEU D 100 -9.83 -11.86 -16.22
N ARG D 101 -9.94 -12.02 -14.90
CA ARG D 101 -8.77 -12.27 -14.06
C ARG D 101 -8.18 -13.66 -14.27
N GLU D 102 -8.92 -14.57 -14.89
CA GLU D 102 -8.48 -15.95 -15.06
C GLU D 102 -8.03 -16.30 -16.48
N ASP D 103 -8.66 -15.71 -17.50
CA ASP D 103 -8.36 -16.08 -18.88
C ASP D 103 -7.90 -14.89 -19.70
N PHE D 104 -8.71 -13.84 -19.83
CA PHE D 104 -8.46 -12.74 -20.75
C PHE D 104 -7.65 -11.61 -20.11
N LYS D 105 -6.89 -11.89 -19.05
CA LYS D 105 -6.13 -10.82 -18.40
C LYS D 105 -5.01 -10.29 -19.28
N PRO D 106 -4.16 -11.12 -19.90
CA PRO D 106 -3.13 -10.55 -20.80
C PRO D 106 -3.70 -9.94 -22.06
N TYR D 107 -4.94 -10.22 -22.41
CA TYR D 107 -5.56 -9.71 -23.63
C TYR D 107 -6.39 -8.45 -23.36
N ARG D 108 -6.17 -7.77 -22.24
CA ARG D 108 -7.03 -6.64 -21.87
C ARG D 108 -6.90 -5.49 -22.87
N ASP D 109 -5.68 -5.19 -23.31
CA ASP D 109 -5.49 -4.12 -24.28
C ASP D 109 -6.03 -4.47 -25.66
N GLU D 110 -6.42 -5.71 -25.89
CA GLU D 110 -7.02 -6.14 -27.15
C GLU D 110 -8.54 -6.19 -27.09
N LEU D 111 -9.14 -5.84 -25.96
CA LEU D 111 -10.57 -5.94 -25.75
C LEU D 111 -11.20 -4.55 -25.70
N ILE D 112 -12.51 -4.51 -25.98
CA ILE D 112 -13.31 -3.31 -25.87
C ILE D 112 -14.46 -3.64 -24.92
N LEU D 113 -14.30 -3.31 -23.65
CA LEU D 113 -15.28 -3.64 -22.62
C LEU D 113 -16.12 -2.40 -22.32
N SER D 114 -17.41 -2.47 -22.61
CA SER D 114 -18.32 -1.36 -22.43
C SER D 114 -19.30 -1.65 -21.30
N THR D 115 -19.74 -0.59 -20.63
CA THR D 115 -20.65 -0.69 -19.49
C THR D 115 -21.63 0.46 -19.54
N LYS D 116 -22.91 0.16 -19.33
CA LYS D 116 -23.98 1.15 -19.33
C LYS D 116 -24.49 1.36 -17.91
N ALA D 117 -25.36 2.36 -17.76
CA ALA D 117 -25.97 2.67 -16.47
C ALA D 117 -27.18 3.56 -16.72
N GLY D 118 -28.36 3.08 -16.38
CA GLY D 118 -29.57 3.87 -16.59
C GLY D 118 -30.86 3.21 -16.18
N TRP D 119 -30.81 1.95 -15.78
CA TRP D 119 -32.01 1.20 -15.41
C TRP D 119 -31.96 0.84 -13.93
N ASP D 120 -32.98 0.10 -13.49
CA ASP D 120 -33.11 -0.29 -12.10
C ASP D 120 -31.90 -1.10 -11.65
N MET D 121 -31.19 -0.58 -10.64
CA MET D 121 -30.00 -1.24 -10.11
C MET D 121 -30.11 -1.53 -8.62
N TRP D 122 -30.23 -0.50 -7.79
CA TRP D 122 -30.35 -0.66 -6.35
C TRP D 122 -31.55 0.14 -5.86
N PRO D 123 -32.11 -0.24 -4.70
CA PRO D 123 -33.33 0.45 -4.23
C PRO D 123 -33.07 1.91 -3.92
N GLY D 124 -34.08 2.74 -4.19
CA GLY D 124 -34.00 4.16 -3.92
C GLY D 124 -34.16 5.00 -5.16
N PRO D 125 -34.46 6.28 -4.99
CA PRO D 125 -34.59 7.17 -6.15
C PRO D 125 -33.27 7.45 -6.84
N TYR D 126 -32.14 7.19 -6.19
CA TYR D 126 -30.82 7.38 -6.79
C TYR D 126 -30.34 6.14 -7.54
N GLY D 127 -31.06 5.03 -7.45
CA GLY D 127 -30.67 3.81 -8.13
C GLY D 127 -31.77 3.20 -8.96
N GLN D 128 -32.93 3.86 -8.99
CA GLN D 128 -34.05 3.36 -9.78
C GLN D 128 -33.81 3.51 -11.28
N GLY D 129 -32.95 4.42 -11.69
CA GLY D 129 -32.63 4.61 -13.10
C GLY D 129 -32.74 6.05 -13.53
N GLY D 130 -31.86 6.44 -14.45
CA GLY D 130 -31.86 7.80 -14.96
C GLY D 130 -30.51 8.15 -15.59
N SER D 131 -30.22 9.45 -15.61
CA SER D 131 -28.96 9.93 -16.17
C SER D 131 -28.33 11.02 -15.31
N SER D 132 -28.65 11.06 -14.02
CA SER D 132 -28.10 12.09 -13.15
C SER D 132 -26.62 11.85 -12.87
N ARG D 133 -25.93 12.91 -12.46
CA ARG D 133 -24.50 12.81 -12.18
C ARG D 133 -24.22 11.92 -10.98
N LYS D 134 -25.11 11.93 -9.98
CA LYS D 134 -24.95 11.07 -8.82
C LYS D 134 -25.03 9.60 -9.21
N TYR D 135 -26.04 9.23 -9.98
CA TYR D 135 -26.26 7.82 -10.30
C TYR D 135 -25.26 7.31 -11.33
N LEU D 136 -24.92 8.13 -12.32
CA LEU D 136 -24.00 7.70 -13.37
C LEU D 136 -22.60 7.46 -12.81
N LEU D 137 -22.10 8.38 -11.99
CA LEU D 137 -20.76 8.22 -11.43
C LEU D 137 -20.71 7.12 -10.38
N SER D 138 -21.79 6.93 -9.63
CA SER D 138 -21.82 5.85 -8.65
C SER D 138 -21.81 4.49 -9.35
N SER D 139 -22.66 4.31 -10.36
CA SER D 139 -22.76 3.03 -11.03
C SER D 139 -21.52 2.70 -11.84
N LEU D 140 -20.74 3.71 -12.25
CA LEU D 140 -19.49 3.44 -12.96
C LEU D 140 -18.41 3.00 -11.98
N ASP D 141 -18.36 3.62 -10.80
CA ASP D 141 -17.43 3.15 -9.77
C ASP D 141 -17.80 1.75 -9.29
N GLN D 142 -19.09 1.42 -9.30
CA GLN D 142 -19.51 0.06 -8.98
C GLN D 142 -19.04 -0.92 -10.04
N SER D 143 -19.27 -0.59 -11.32
CA SER D 143 -18.91 -1.51 -12.40
C SER D 143 -17.41 -1.73 -12.47
N LEU D 144 -16.62 -0.66 -12.30
CA LEU D 144 -15.17 -0.83 -12.32
C LEU D 144 -14.70 -1.73 -11.20
N GLN D 145 -15.40 -1.74 -10.05
CA GLN D 145 -15.05 -2.64 -8.98
C GLN D 145 -15.46 -4.07 -9.29
N ARG D 146 -16.56 -4.26 -10.01
CA ARG D 146 -17.01 -5.61 -10.34
C ARG D 146 -16.18 -6.22 -11.46
N LEU D 147 -15.86 -5.42 -12.50
CA LEU D 147 -15.07 -5.95 -13.60
C LEU D 147 -13.61 -6.15 -13.19
N GLY D 148 -13.09 -5.27 -12.34
CA GLY D 148 -11.69 -5.34 -11.97
C GLY D 148 -10.76 -4.65 -12.95
N VAL D 149 -11.21 -3.57 -13.57
CA VAL D 149 -10.41 -2.84 -14.55
C VAL D 149 -10.27 -1.40 -14.09
N ASP D 150 -9.15 -0.77 -14.47
CA ASP D 150 -8.97 0.65 -14.18
C ASP D 150 -9.91 1.52 -14.99
N TYR D 151 -10.23 1.11 -16.22
CA TYR D 151 -11.11 1.86 -17.09
C TYR D 151 -11.89 0.91 -17.99
N VAL D 152 -13.08 1.32 -18.37
CA VAL D 152 -13.83 0.67 -19.43
C VAL D 152 -13.60 1.43 -20.72
N ASP D 153 -13.64 0.72 -21.84
CA ASP D 153 -13.33 1.35 -23.12
C ASP D 153 -14.46 2.27 -23.57
N ILE D 154 -15.71 1.89 -23.31
CA ILE D 154 -16.88 2.70 -23.66
C ILE D 154 -17.81 2.75 -22.46
N PHE D 155 -18.34 3.93 -22.16
CA PHE D 155 -19.27 4.12 -21.06
C PHE D 155 -20.57 4.68 -21.63
N TYR D 156 -21.64 3.91 -21.56
CA TYR D 156 -22.93 4.28 -22.13
C TYR D 156 -23.82 4.96 -21.09
N SER D 157 -24.76 5.75 -21.60
CA SER D 157 -25.92 6.20 -20.83
C SER D 157 -27.10 5.36 -21.31
N HIS D 158 -27.54 4.44 -20.46
CA HIS D 158 -28.40 3.35 -20.93
C HIS D 158 -29.76 3.85 -21.41
N ARG D 159 -30.33 4.85 -20.74
CA ARG D 159 -31.62 5.38 -21.15
C ARG D 159 -31.59 6.90 -21.06
N PHE D 160 -32.49 7.53 -21.82
CA PHE D 160 -32.65 8.97 -21.81
C PHE D 160 -33.58 9.37 -20.67
N ASP D 161 -33.16 10.35 -19.88
CA ASP D 161 -33.90 10.81 -18.71
C ASP D 161 -34.49 12.17 -19.02
N ALA D 162 -35.81 12.22 -19.20
CA ALA D 162 -36.49 13.48 -19.47
C ALA D 162 -36.63 14.37 -18.24
N ASP D 163 -36.37 13.83 -17.05
CA ASP D 163 -36.44 14.61 -15.82
C ASP D 163 -35.09 15.17 -15.40
N THR D 164 -34.01 14.83 -16.11
CA THR D 164 -32.67 15.31 -15.81
C THR D 164 -32.18 16.15 -16.98
N PRO D 165 -31.66 17.35 -16.73
CA PRO D 165 -31.15 18.18 -17.83
C PRO D 165 -29.95 17.53 -18.49
N LEU D 166 -29.86 17.67 -19.82
CA LEU D 166 -28.79 17.04 -20.57
C LEU D 166 -27.42 17.66 -20.30
N GLU D 167 -27.38 18.89 -19.77
CA GLU D 167 -26.10 19.47 -19.38
C GLU D 167 -25.46 18.71 -18.23
N GLU D 168 -26.28 18.18 -17.32
CA GLU D 168 -25.77 17.37 -16.21
C GLU D 168 -25.34 16.00 -16.70
N THR D 169 -26.10 15.42 -17.64
CA THR D 169 -25.72 14.12 -18.20
C THR D 169 -24.41 14.22 -18.98
N ALA D 170 -24.26 15.27 -19.78
CA ALA D 170 -23.02 15.47 -20.51
C ALA D 170 -21.85 15.74 -19.57
N GLY D 171 -22.11 16.48 -18.48
CA GLY D 171 -21.07 16.72 -17.50
C GLY D 171 -20.65 15.47 -16.76
N ALA D 172 -21.57 14.53 -16.58
CA ALA D 172 -21.23 13.27 -15.93
C ALA D 172 -20.40 12.38 -16.85
N LEU D 173 -20.77 12.30 -18.13
CA LEU D 173 -19.98 11.52 -19.08
C LEU D 173 -18.61 12.14 -19.30
N ALA D 174 -18.54 13.48 -19.31
CA ALA D 174 -17.25 14.15 -19.48
C ALA D 174 -16.38 13.99 -18.24
N SER D 175 -16.98 13.94 -17.05
CA SER D 175 -16.21 13.72 -15.84
C SER D 175 -15.66 12.31 -15.79
N ALA D 176 -16.35 11.35 -16.39
CA ALA D 176 -15.86 9.97 -16.41
C ALA D 176 -14.66 9.82 -17.32
N VAL D 177 -14.64 10.54 -18.44
CA VAL D 177 -13.52 10.44 -19.37
C VAL D 177 -12.28 11.10 -18.79
N GLN D 178 -12.44 12.28 -18.18
CA GLN D 178 -11.29 13.03 -17.69
C GLN D 178 -10.64 12.33 -16.51
N GLN D 179 -11.44 11.69 -15.65
CA GLN D 179 -10.89 11.01 -14.49
C GLN D 179 -10.19 9.70 -14.83
N GLY D 180 -10.18 9.29 -16.10
CA GLY D 180 -9.61 8.01 -16.48
C GLY D 180 -10.51 6.83 -16.28
N LYS D 181 -11.81 7.04 -16.05
CA LYS D 181 -12.74 5.94 -15.86
C LYS D 181 -13.15 5.32 -17.19
N ALA D 182 -13.20 6.10 -18.26
CA ALA D 182 -13.60 5.61 -19.56
C ALA D 182 -12.84 6.35 -20.65
N LEU D 183 -12.57 5.66 -21.75
CA LEU D 183 -11.87 6.26 -22.87
C LEU D 183 -12.81 6.98 -23.83
N TYR D 184 -14.04 6.50 -23.98
CA TYR D 184 -15.03 7.14 -24.83
C TYR D 184 -16.37 7.12 -24.11
N VAL D 185 -17.35 7.81 -24.70
CA VAL D 185 -18.70 7.87 -24.16
C VAL D 185 -19.68 7.39 -25.24
N GLY D 186 -20.85 6.97 -24.79
CA GLY D 186 -21.90 6.50 -25.68
C GLY D 186 -23.25 6.69 -25.05
N ILE D 187 -24.29 6.54 -25.88
CA ILE D 187 -25.67 6.65 -25.44
C ILE D 187 -26.47 5.51 -26.06
N SER D 188 -27.49 5.06 -25.34
CA SER D 188 -28.34 3.96 -25.76
C SER D 188 -29.79 4.40 -25.76
N SER D 189 -30.47 4.18 -26.88
CA SER D 189 -31.90 4.49 -27.03
C SER D 189 -32.17 5.98 -26.77
N TYR D 190 -31.52 6.82 -27.56
CA TYR D 190 -31.72 8.26 -27.54
C TYR D 190 -32.44 8.68 -28.82
N SER D 191 -33.36 9.64 -28.69
CA SER D 191 -34.07 10.14 -29.85
C SER D 191 -33.10 10.87 -30.78
N ALA D 192 -33.59 11.16 -31.99
CA ALA D 192 -32.75 11.84 -32.98
C ALA D 192 -32.39 13.25 -32.50
N ALA D 193 -33.33 13.95 -31.88
CA ALA D 193 -33.05 15.29 -31.39
C ALA D 193 -32.19 15.26 -30.14
N ARG D 194 -32.47 14.34 -29.21
CA ARG D 194 -31.70 14.27 -27.98
C ARG D 194 -30.25 13.86 -28.24
N THR D 195 -30.00 13.09 -29.30
CA THR D 195 -28.63 12.74 -29.66
C THR D 195 -27.86 13.96 -30.15
N ARG D 196 -28.49 14.79 -30.98
CA ARG D 196 -27.83 15.99 -31.48
C ARG D 196 -27.53 16.97 -30.35
N GLU D 197 -28.38 17.02 -29.33
CA GLU D 197 -28.17 17.96 -28.23
C GLU D 197 -27.04 17.52 -27.33
N ILE D 198 -27.06 16.25 -26.88
CA ILE D 198 -26.04 15.78 -25.97
C ILE D 198 -24.69 15.63 -26.65
N ALA D 199 -24.67 15.44 -27.98
CA ALA D 199 -23.41 15.38 -28.69
C ALA D 199 -22.75 16.75 -28.76
N ALA D 200 -23.55 17.82 -28.87
CA ALA D 200 -22.98 19.16 -28.87
C ALA D 200 -22.55 19.57 -27.46
N LEU D 201 -23.29 19.14 -26.45
CA LEU D 201 -22.91 19.45 -25.08
C LEU D 201 -21.64 18.71 -24.68
N LEU D 202 -21.48 17.47 -25.13
CA LEU D 202 -20.23 16.75 -24.91
C LEU D 202 -19.09 17.38 -25.71
N ARG D 203 -19.39 17.91 -26.90
CA ARG D 203 -18.37 18.58 -27.69
C ARG D 203 -17.91 19.88 -27.06
N ALA D 204 -18.74 20.49 -26.18
CA ALA D 204 -18.30 21.66 -25.44
C ALA D 204 -17.22 21.28 -24.42
N TRP D 205 -17.33 20.10 -23.83
CA TRP D 205 -16.30 19.57 -22.94
C TRP D 205 -15.14 18.95 -23.71
N LYS D 206 -15.14 19.08 -25.04
CA LYS D 206 -14.06 18.56 -25.89
C LYS D 206 -13.92 17.05 -25.74
N VAL D 207 -15.05 16.36 -25.58
CA VAL D 207 -15.10 14.90 -25.58
C VAL D 207 -16.17 14.48 -26.58
N PRO D 208 -15.82 13.76 -27.64
CA PRO D 208 -16.81 13.44 -28.67
C PRO D 208 -17.66 12.23 -28.32
N LEU D 209 -18.87 12.21 -28.87
CA LEU D 209 -19.78 11.08 -28.71
C LEU D 209 -19.32 9.97 -29.64
N LEU D 210 -18.81 8.88 -29.07
CA LEU D 210 -18.15 7.86 -29.87
C LEU D 210 -19.17 7.00 -30.61
N ILE D 211 -20.19 6.51 -29.91
CA ILE D 211 -21.06 5.48 -30.45
C ILE D 211 -22.48 5.64 -29.90
N HIS D 212 -23.45 5.15 -30.66
CA HIS D 212 -24.85 5.12 -30.29
C HIS D 212 -25.38 3.71 -30.47
N GLN D 213 -26.17 3.23 -29.51
CA GLN D 213 -26.69 1.87 -29.49
C GLN D 213 -28.20 1.87 -29.57
N PRO D 214 -28.78 1.85 -30.76
CA PRO D 214 -30.24 1.71 -30.88
C PRO D 214 -30.65 0.28 -31.20
N ALA D 215 -31.95 0.00 -31.11
CA ALA D 215 -32.48 -1.27 -31.58
C ALA D 215 -32.67 -1.22 -33.09
N TYR D 216 -32.08 -2.18 -33.80
CA TYR D 216 -32.11 -2.16 -35.26
C TYR D 216 -32.16 -3.58 -35.78
N ASN D 217 -33.27 -3.92 -36.44
CA ASN D 217 -33.43 -5.22 -37.10
C ASN D 217 -34.52 -5.06 -38.15
N LEU D 218 -34.95 -6.18 -38.73
CA LEU D 218 -35.94 -6.12 -39.80
C LEU D 218 -37.29 -5.64 -39.31
N PHE D 219 -37.68 -6.05 -38.09
CA PHE D 219 -38.98 -5.68 -37.53
C PHE D 219 -38.93 -4.41 -36.70
N ASN D 220 -37.76 -3.77 -36.57
CA ASN D 220 -37.59 -2.57 -35.74
C ASN D 220 -36.69 -1.61 -36.51
N ARG D 221 -37.31 -0.82 -37.41
CA ARG D 221 -36.56 0.10 -38.25
C ARG D 221 -36.91 1.55 -37.95
N TRP D 222 -36.77 1.95 -36.70
CA TRP D 222 -37.03 3.34 -36.31
C TRP D 222 -35.81 4.23 -36.49
N ALA D 223 -34.60 3.65 -36.51
CA ALA D 223 -33.39 4.45 -36.59
C ALA D 223 -33.20 5.09 -37.97
N GLU D 224 -33.84 4.56 -38.99
CA GLU D 224 -33.69 5.10 -40.34
C GLU D 224 -34.44 6.40 -40.56
N HIS D 225 -35.31 6.81 -39.62
CA HIS D 225 -36.07 8.03 -39.79
C HIS D 225 -35.16 9.25 -39.75
N GLU D 226 -34.37 9.40 -38.68
CA GLU D 226 -33.50 10.56 -38.53
C GLU D 226 -32.24 10.22 -37.74
N LEU D 227 -32.22 9.06 -37.08
CA LEU D 227 -31.07 8.72 -36.24
C LEU D 227 -29.83 8.45 -37.07
N PHE D 228 -29.96 7.69 -38.16
CA PHE D 228 -28.81 7.42 -39.02
C PHE D 228 -28.31 8.70 -39.69
N ASP D 229 -29.19 9.69 -39.88
CA ASP D 229 -28.77 10.96 -40.44
C ASP D 229 -27.99 11.78 -39.43
N ALA D 230 -28.34 11.68 -38.15
CA ALA D 230 -27.64 12.44 -37.11
C ALA D 230 -26.31 11.80 -36.76
N THR D 231 -26.26 10.47 -36.66
CA THR D 231 -25.02 9.80 -36.30
C THR D 231 -23.98 9.92 -37.41
N ALA D 232 -24.41 9.84 -38.66
CA ALA D 232 -23.48 10.02 -39.77
C ALA D 232 -23.02 11.47 -39.90
N GLU D 233 -23.86 12.41 -39.47
CA GLU D 233 -23.49 13.83 -39.51
C GLU D 233 -22.51 14.18 -38.39
N LEU D 234 -22.67 13.55 -37.23
CA LEU D 234 -21.77 13.77 -36.11
C LEU D 234 -20.57 12.83 -36.13
N GLY D 235 -20.54 11.86 -37.03
CA GLY D 235 -19.49 10.86 -37.06
C GLY D 235 -19.45 9.98 -35.83
N ALA D 236 -20.60 9.54 -35.35
CA ALA D 236 -20.71 8.81 -34.10
C ALA D 236 -21.04 7.34 -34.27
N GLY D 237 -21.16 6.85 -35.49
CA GLY D 237 -21.41 5.42 -35.73
C GLY D 237 -22.66 4.88 -35.06
N VAL D 238 -22.87 3.57 -35.20
CA VAL D 238 -24.04 2.89 -34.63
C VAL D 238 -23.65 1.45 -34.34
N ILE D 239 -24.12 0.92 -33.21
CA ILE D 239 -24.05 -0.50 -32.91
C ILE D 239 -25.46 -1.02 -32.72
N ALA D 240 -25.81 -2.05 -33.48
CA ALA D 240 -27.18 -2.54 -33.51
C ALA D 240 -27.46 -3.41 -32.29
N PHE D 241 -28.54 -3.10 -31.57
CA PHE D 241 -28.99 -3.87 -30.43
C PHE D 241 -30.17 -4.75 -30.85
N THR D 242 -30.19 -5.99 -30.35
CA THR D 242 -31.13 -7.04 -30.71
C THR D 242 -31.37 -7.06 -32.21
N PRO D 243 -30.36 -7.42 -33.01
CA PRO D 243 -30.53 -7.43 -34.46
C PRO D 243 -31.26 -8.66 -34.98
N LEU D 244 -31.61 -9.61 -34.11
CA LEU D 244 -32.38 -10.78 -34.48
C LEU D 244 -33.78 -10.76 -33.87
N ALA D 245 -34.25 -9.59 -33.44
CA ALA D 245 -35.61 -9.40 -32.94
C ALA D 245 -35.91 -10.32 -31.75
N GLN D 246 -34.90 -10.54 -30.91
CA GLN D 246 -35.04 -11.33 -29.68
C GLN D 246 -35.55 -12.73 -29.95
N GLY D 247 -35.17 -13.31 -31.09
CA GLY D 247 -35.55 -14.66 -31.45
C GLY D 247 -36.45 -14.77 -32.66
N LEU D 248 -37.13 -13.70 -33.04
CA LEU D 248 -38.01 -13.76 -34.21
C LEU D 248 -37.21 -13.97 -35.50
N LEU D 249 -35.97 -13.48 -35.55
CA LEU D 249 -35.11 -13.64 -36.71
C LEU D 249 -33.98 -14.63 -36.46
N THR D 250 -34.12 -15.50 -35.45
CA THR D 250 -33.09 -16.48 -35.16
C THR D 250 -33.18 -17.66 -36.14
N GLY D 251 -34.37 -18.20 -36.34
CA GLY D 251 -34.58 -19.32 -37.23
C GLY D 251 -35.26 -20.51 -36.61
N LYS D 252 -35.44 -20.54 -35.29
CA LYS D 252 -36.10 -21.63 -34.60
C LYS D 252 -37.62 -21.61 -34.75
N TYR D 253 -38.14 -20.78 -35.66
CA TYR D 253 -39.58 -20.66 -35.90
C TYR D 253 -39.90 -21.17 -37.29
N LEU D 254 -40.94 -21.99 -37.40
CA LEU D 254 -41.34 -22.54 -38.69
C LEU D 254 -42.26 -21.60 -39.44
N ASP D 278 -50.14 -15.13 -35.53
CA ASP D 278 -48.96 -14.28 -35.58
C ASP D 278 -48.56 -13.94 -37.01
N ASP D 279 -48.88 -12.71 -37.44
CA ASP D 279 -48.48 -12.28 -38.77
C ASP D 279 -46.98 -12.02 -38.88
N ASN D 280 -46.26 -12.00 -37.75
CA ASN D 280 -44.81 -11.88 -37.80
C ASN D 280 -44.17 -13.13 -38.41
N LEU D 281 -44.82 -14.29 -38.24
CA LEU D 281 -44.31 -15.51 -38.86
C LEU D 281 -44.41 -15.47 -40.38
N GLN D 282 -45.40 -14.74 -40.91
CA GLN D 282 -45.50 -14.57 -42.36
C GLN D 282 -44.28 -13.83 -42.90
N ARG D 283 -43.83 -12.80 -42.19
CA ARG D 283 -42.65 -12.05 -42.63
C ARG D 283 -41.38 -12.85 -42.40
N ALA D 284 -41.32 -13.63 -41.31
CA ALA D 284 -40.13 -14.42 -41.02
C ALA D 284 -39.93 -15.51 -42.06
N ARG D 285 -41.02 -16.14 -42.52
CA ARG D 285 -40.91 -17.16 -43.56
C ARG D 285 -40.57 -16.54 -44.91
N GLY D 286 -41.04 -15.32 -45.17
CA GLY D 286 -40.68 -14.65 -46.40
C GLY D 286 -39.21 -14.29 -46.44
N LEU D 287 -38.65 -13.84 -45.31
CA LEU D 287 -37.22 -13.56 -45.24
C LEU D 287 -36.41 -14.84 -45.28
N ASP D 288 -36.90 -15.90 -44.63
CA ASP D 288 -36.20 -17.18 -44.64
C ASP D 288 -36.14 -17.77 -46.05
N ALA D 289 -37.19 -17.54 -46.85
CA ALA D 289 -37.17 -18.01 -48.23
C ALA D 289 -36.16 -17.24 -49.07
N ILE D 290 -35.86 -16.00 -48.71
CA ILE D 290 -34.83 -15.23 -49.41
C ILE D 290 -33.45 -15.70 -48.99
N ALA D 291 -33.24 -15.95 -47.69
CA ALA D 291 -31.95 -16.41 -47.22
C ALA D 291 -31.64 -17.80 -47.75
N ARG D 292 -32.66 -18.66 -47.88
CA ARG D 292 -32.44 -19.99 -48.44
C ARG D 292 -31.98 -19.91 -49.88
N GLY D 293 -32.46 -18.91 -50.64
CA GLY D 293 -31.97 -18.67 -51.97
C GLY D 293 -30.63 -17.97 -52.03
N ARG D 294 -30.15 -17.45 -50.90
CA ARG D 294 -28.85 -16.80 -50.83
C ARG D 294 -27.80 -17.67 -50.13
N GLY D 295 -28.14 -18.91 -49.77
CA GLY D 295 -27.24 -19.78 -49.07
C GLY D 295 -27.08 -19.49 -47.60
N GLN D 296 -27.86 -18.58 -47.04
CA GLN D 296 -27.79 -18.19 -45.64
C GLN D 296 -28.98 -18.75 -44.88
N SER D 297 -28.90 -18.63 -43.55
CA SER D 297 -30.04 -18.92 -42.69
C SER D 297 -30.80 -17.63 -42.39
N LEU D 298 -31.88 -17.74 -41.61
CA LEU D 298 -32.66 -16.56 -41.28
C LEU D 298 -31.85 -15.59 -40.44
N ALA D 299 -31.04 -16.11 -39.51
CA ALA D 299 -30.22 -15.24 -38.68
C ALA D 299 -29.11 -14.58 -39.48
N GLN D 300 -28.52 -15.33 -40.42
CA GLN D 300 -27.42 -14.77 -41.21
C GLN D 300 -27.90 -13.64 -42.12
N LEU D 301 -29.09 -13.78 -42.71
CA LEU D 301 -29.61 -12.72 -43.56
C LEU D 301 -29.96 -11.49 -42.74
N ALA D 302 -30.51 -11.68 -41.53
CA ALA D 302 -30.86 -10.54 -40.69
C ALA D 302 -29.63 -9.78 -40.23
N LEU D 303 -28.53 -10.50 -39.98
CA LEU D 303 -27.29 -9.84 -39.57
C LEU D 303 -26.62 -9.14 -40.74
N ALA D 304 -26.65 -9.75 -41.91
CA ALA D 304 -26.05 -9.13 -43.09
C ALA D 304 -26.82 -7.89 -43.50
N TRP D 305 -28.15 -7.94 -43.40
CA TRP D 305 -28.97 -6.77 -43.75
C TRP D 305 -28.76 -5.63 -42.76
N VAL D 306 -28.49 -5.95 -41.49
CA VAL D 306 -28.19 -4.90 -40.52
C VAL D 306 -26.84 -4.26 -40.85
N LEU D 307 -25.84 -5.07 -41.18
CA LEU D 307 -24.51 -4.60 -41.53
C LEU D 307 -24.38 -4.25 -43.01
N ARG D 308 -25.50 -4.06 -43.71
CA ARG D 308 -25.45 -3.83 -45.15
C ARG D 308 -24.87 -2.48 -45.51
N ASP D 309 -24.83 -1.54 -44.58
CA ASP D 309 -24.34 -0.20 -44.83
C ASP D 309 -23.36 0.20 -43.75
N ALA D 310 -22.37 1.03 -44.11
CA ALA D 310 -21.34 1.45 -43.18
C ALA D 310 -21.87 2.30 -42.03
N ARG D 311 -23.13 2.72 -42.09
CA ARG D 311 -23.72 3.45 -40.97
C ARG D 311 -23.66 2.62 -39.69
N VAL D 312 -24.09 1.37 -39.76
CA VAL D 312 -23.94 0.44 -38.65
C VAL D 312 -22.51 -0.09 -38.63
N SER D 313 -21.99 -0.33 -37.42
CA SER D 313 -20.62 -0.78 -37.24
C SER D 313 -20.51 -2.17 -36.65
N SER D 314 -21.56 -2.68 -36.00
CA SER D 314 -21.52 -3.99 -35.37
C SER D 314 -22.96 -4.40 -35.04
N ALA D 315 -23.11 -5.66 -34.63
CA ALA D 315 -24.40 -6.18 -34.20
C ALA D 315 -24.18 -6.99 -32.93
N LEU D 316 -25.00 -6.72 -31.91
CA LEU D 316 -24.83 -7.36 -30.60
C LEU D 316 -25.51 -8.72 -30.61
N LEU D 317 -24.71 -9.78 -30.61
CA LEU D 317 -25.22 -11.14 -30.55
C LEU D 317 -25.33 -11.60 -29.11
N GLY D 318 -26.49 -12.15 -28.75
CA GLY D 318 -26.70 -12.68 -27.43
C GLY D 318 -25.96 -13.99 -27.23
N ALA D 319 -26.04 -14.50 -26.00
CA ALA D 319 -25.42 -15.78 -25.68
C ALA D 319 -26.22 -16.91 -26.33
N SER D 320 -25.50 -17.84 -26.95
CA SER D 320 -26.13 -18.99 -27.60
C SER D 320 -25.17 -20.17 -27.54
N ARG D 321 -25.53 -21.26 -28.20
CA ARG D 321 -24.65 -22.41 -28.26
C ARG D 321 -23.40 -22.07 -29.07
N PRO D 322 -22.27 -22.72 -28.79
CA PRO D 322 -21.04 -22.38 -29.51
C PRO D 322 -21.13 -22.57 -31.01
N GLU D 323 -21.76 -23.66 -31.48
CA GLU D 323 -21.86 -23.89 -32.91
C GLU D 323 -22.77 -22.88 -33.59
N GLN D 324 -23.74 -22.32 -32.85
CA GLN D 324 -24.60 -21.29 -33.42
C GLN D 324 -23.85 -19.98 -33.58
N LEU D 325 -23.02 -19.62 -32.60
CA LEU D 325 -22.26 -18.37 -32.68
C LEU D 325 -21.27 -18.40 -33.84
N ILE D 326 -20.59 -19.54 -34.03
CA ILE D 326 -19.63 -19.66 -35.13
C ILE D 326 -20.34 -19.53 -36.47
N GLU D 327 -21.55 -20.09 -36.57
CA GLU D 327 -22.31 -20.00 -37.82
C GLU D 327 -22.70 -18.56 -38.12
N ASN D 328 -23.09 -17.79 -37.10
CA ASN D 328 -23.55 -16.42 -37.32
C ASN D 328 -22.41 -15.51 -37.77
N VAL D 329 -21.18 -15.80 -37.36
CA VAL D 329 -20.05 -14.94 -37.71
C VAL D 329 -19.85 -14.87 -39.21
N ALA D 330 -20.18 -15.96 -39.93
CA ALA D 330 -20.05 -16.00 -41.38
C ALA D 330 -21.20 -15.31 -42.10
N ALA D 331 -21.90 -14.38 -41.45
CA ALA D 331 -23.03 -13.70 -42.07
C ALA D 331 -22.62 -12.71 -43.15
N LEU D 332 -21.33 -12.45 -43.32
CA LEU D 332 -20.87 -11.50 -44.32
C LEU D 332 -20.19 -12.16 -45.51
N GLN D 333 -19.91 -13.46 -45.46
CA GLN D 333 -19.28 -14.13 -46.59
C GLN D 333 -20.23 -14.28 -47.77
N ALA D 334 -21.53 -14.18 -47.54
CA ALA D 334 -22.48 -14.14 -48.64
C ALA D 334 -22.28 -12.87 -49.47
N PRO D 335 -22.64 -12.90 -50.75
CA PRO D 335 -22.47 -11.70 -51.57
C PRO D 335 -23.33 -10.57 -51.05
N PRO D 336 -22.94 -9.32 -51.31
CA PRO D 336 -23.73 -8.19 -50.83
C PRO D 336 -25.12 -8.15 -51.47
N PHE D 337 -26.03 -7.48 -50.79
CA PHE D 337 -27.42 -7.41 -51.24
C PHE D 337 -27.53 -6.53 -52.48
N SER D 338 -28.04 -7.10 -53.57
CA SER D 338 -28.30 -6.33 -54.77
C SER D 338 -29.61 -5.56 -54.63
N ALA D 339 -29.96 -4.79 -55.65
CA ALA D 339 -31.19 -4.00 -55.60
C ALA D 339 -32.43 -4.87 -55.65
N GLU D 340 -32.34 -6.04 -56.29
CA GLU D 340 -33.50 -6.91 -56.40
C GLU D 340 -33.84 -7.56 -55.06
N GLU D 341 -32.85 -8.18 -54.41
CA GLU D 341 -33.11 -8.85 -53.15
C GLU D 341 -33.31 -7.89 -52.00
N LEU D 342 -32.83 -6.65 -52.11
CA LEU D 342 -33.15 -5.64 -51.10
C LEU D 342 -34.60 -5.23 -51.18
N ALA D 343 -35.13 -5.08 -52.41
CA ALA D 343 -36.54 -4.77 -52.56
C ALA D 343 -37.42 -5.92 -52.08
N GLU D 344 -36.95 -7.16 -52.24
CA GLU D 344 -37.70 -8.32 -51.74
C GLU D 344 -37.74 -8.31 -50.22
N ILE D 345 -36.64 -7.94 -49.57
CA ILE D 345 -36.60 -7.91 -48.11
C ILE D 345 -37.51 -6.82 -47.58
N ASP D 346 -37.52 -5.65 -48.23
CA ASP D 346 -38.38 -4.56 -47.79
C ASP D 346 -39.85 -4.90 -47.89
N ARG D 347 -40.22 -5.84 -48.77
CA ARG D 347 -41.61 -6.27 -48.87
C ARG D 347 -42.08 -7.06 -47.65
N HIS D 348 -41.16 -7.50 -46.79
CA HIS D 348 -41.51 -8.20 -45.57
C HIS D 348 -41.03 -7.49 -44.31
N ALA D 349 -40.40 -6.33 -44.44
CA ALA D 349 -39.93 -5.56 -43.29
C ALA D 349 -40.82 -4.34 -43.09
N VAL D 350 -40.61 -3.67 -41.95
CA VAL D 350 -41.41 -2.50 -41.60
C VAL D 350 -40.87 -1.26 -42.30
N GLY E 18 -6.44 20.30 17.17
CA GLY E 18 -5.57 21.46 17.07
C GLY E 18 -5.94 22.56 18.04
N SER E 19 -7.25 22.72 18.28
CA SER E 19 -7.72 23.73 19.23
C SER E 19 -7.14 23.46 20.62
N MET E 20 -7.17 22.20 21.05
CA MET E 20 -6.56 21.79 22.31
C MET E 20 -6.44 20.27 22.33
N ARG E 21 -5.22 19.77 22.53
CA ARG E 21 -4.95 18.35 22.59
C ARG E 21 -4.64 17.93 24.01
N TYR E 22 -4.53 16.61 24.22
CA TYR E 22 -4.27 16.10 25.56
C TYR E 22 -2.82 16.37 25.94
N LEU E 23 -2.63 17.30 26.88
CA LEU E 23 -1.33 17.55 27.47
C LEU E 23 -1.33 16.88 28.84
N ALA E 24 -0.59 15.78 28.95
CA ALA E 24 -0.53 15.04 30.20
C ALA E 24 0.07 15.89 31.30
N HIS E 25 -0.34 15.62 32.53
CA HIS E 25 0.16 16.37 33.67
C HIS E 25 1.65 16.06 33.87
N PRO E 26 2.50 17.08 33.96
CA PRO E 26 3.94 16.81 34.15
C PRO E 26 4.26 16.12 35.46
N ASP E 27 3.42 16.29 36.49
CA ASP E 27 3.62 15.66 37.78
C ASP E 27 2.82 14.37 37.93
N ARG E 28 2.43 13.74 36.83
CA ARG E 28 1.58 12.55 36.91
C ARG E 28 2.32 11.38 37.55
N TYR E 29 3.62 11.26 37.31
CA TYR E 29 4.40 10.16 37.87
C TYR E 29 4.94 10.44 39.26
N ASP E 30 4.57 11.59 39.85
CA ASP E 30 4.92 11.92 41.22
C ASP E 30 3.73 11.80 42.16
N ARG E 31 2.60 11.26 41.67
CA ARG E 31 1.36 11.18 42.43
C ARG E 31 1.13 9.80 43.03
N ILE E 32 1.08 8.77 42.18
CA ILE E 32 0.77 7.41 42.61
C ILE E 32 2.06 6.60 42.64
N ALA E 33 2.28 5.88 43.73
CA ALA E 33 3.40 4.94 43.83
C ALA E 33 3.07 3.66 43.08
N TYR E 34 4.10 3.07 42.47
CA TYR E 34 3.94 1.91 41.61
C TYR E 34 4.48 0.66 42.30
N ARG E 35 3.72 -0.43 42.19
CA ARG E 35 4.04 -1.70 42.82
C ARG E 35 4.38 -2.74 41.76
N ARG E 36 5.31 -3.63 42.09
CA ARG E 36 5.71 -4.68 41.17
C ARG E 36 4.70 -5.82 41.20
N VAL E 37 4.42 -6.38 40.02
CA VAL E 37 3.46 -7.46 39.87
C VAL E 37 4.25 -8.76 39.73
N GLY E 38 4.20 -9.59 40.78
CA GLY E 38 4.91 -10.85 40.79
C GLY E 38 6.42 -10.67 40.67
N ARG E 39 7.07 -11.77 40.29
CA ARG E 39 8.52 -11.76 40.05
C ARG E 39 8.79 -11.58 38.56
N SER E 40 8.51 -10.35 38.10
CA SER E 40 8.67 -9.99 36.70
C SER E 40 9.15 -8.55 36.62
N GLY E 41 9.37 -8.07 35.40
CA GLY E 41 9.83 -6.71 35.19
C GLY E 41 8.73 -5.66 35.10
N LEU E 42 7.48 -6.07 34.99
CA LEU E 42 6.37 -5.13 34.90
C LEU E 42 6.05 -4.55 36.27
N VAL E 43 5.70 -3.27 36.29
CA VAL E 43 5.40 -2.54 37.52
C VAL E 43 4.09 -1.81 37.30
N LEU E 44 2.99 -2.36 37.84
CA LEU E 44 1.68 -1.76 37.69
C LEU E 44 1.45 -0.68 38.74
N PRO E 45 0.57 0.27 38.47
CA PRO E 45 0.23 1.27 39.49
C PRO E 45 -0.61 0.65 40.60
N ALA E 46 -0.66 1.36 41.73
CA ALA E 46 -1.44 0.88 42.86
C ALA E 46 -2.91 0.76 42.51
N LEU E 47 -3.44 1.71 41.75
CA LEU E 47 -4.82 1.70 41.29
C LEU E 47 -4.84 1.74 39.76
N SER E 48 -5.76 0.98 39.17
CA SER E 48 -5.90 0.89 37.72
C SER E 48 -7.36 1.02 37.35
N LEU E 49 -7.66 1.91 36.41
CA LEU E 49 -9.03 2.11 35.96
C LEU E 49 -9.43 1.02 35.00
N GLY E 50 -10.57 0.38 35.28
CA GLY E 50 -11.12 -0.66 34.43
C GLY E 50 -12.33 -0.15 33.68
N LEU E 51 -12.49 -0.62 32.44
CA LEU E 51 -13.59 -0.20 31.58
C LEU E 51 -14.74 -1.21 31.58
N TRP E 52 -15.04 -1.79 32.75
CA TRP E 52 -16.12 -2.76 32.84
C TRP E 52 -17.47 -2.12 32.56
N HIS E 53 -17.72 -0.95 33.13
CA HIS E 53 -19.00 -0.26 32.98
C HIS E 53 -18.74 1.20 32.62
N ASN E 54 -19.81 1.87 32.16
CA ASN E 54 -19.79 3.30 31.84
C ASN E 54 -18.77 3.63 30.76
N PHE E 55 -18.48 2.67 29.88
CA PHE E 55 -17.59 2.94 28.75
C PHE E 55 -18.12 2.35 27.44
N GLY E 56 -19.42 2.09 27.35
CA GLY E 56 -20.05 1.65 26.12
C GLY E 56 -20.62 2.83 25.35
N ASP E 57 -21.51 2.50 24.41
CA ASP E 57 -22.16 3.54 23.62
C ASP E 57 -23.25 4.26 24.38
N SER E 58 -23.73 3.70 25.49
CA SER E 58 -24.74 4.35 26.30
C SER E 58 -24.20 5.51 27.12
N THR E 59 -22.87 5.56 27.32
CA THR E 59 -22.22 6.64 28.04
C THR E 59 -21.64 7.65 27.06
N PRO E 60 -21.89 8.95 27.25
CA PRO E 60 -21.36 9.95 26.31
C PRO E 60 -19.84 9.89 26.20
N ILE E 61 -19.34 10.34 25.06
CA ILE E 61 -17.91 10.26 24.78
C ILE E 61 -17.13 11.30 25.58
N ASP E 62 -17.72 12.48 25.78
CA ASP E 62 -17.02 13.54 26.50
C ASP E 62 -16.75 13.18 27.94
N THR E 63 -17.63 12.37 28.55
CA THR E 63 -17.37 11.90 29.90
C THR E 63 -16.30 10.81 29.94
N GLN E 64 -16.22 10.00 28.88
CA GLN E 64 -15.15 9.00 28.79
C GLN E 64 -13.79 9.67 28.63
N ARG E 65 -13.70 10.63 27.71
CA ARG E 65 -12.43 11.33 27.48
C ARG E 65 -12.01 12.12 28.71
N ALA E 66 -12.98 12.71 29.42
CA ALA E 66 -12.65 13.44 30.64
C ALA E 66 -12.20 12.50 31.75
N LEU E 67 -12.67 11.25 31.73
CA LEU E 67 -12.29 10.30 32.78
C LEU E 67 -10.93 9.67 32.49
N LEU E 68 -10.65 9.36 31.22
CA LEU E 68 -9.36 8.77 30.88
C LEU E 68 -8.24 9.79 30.98
N ARG E 69 -8.52 11.05 30.64
CA ARG E 69 -7.53 12.10 30.84
C ARG E 69 -7.21 12.27 32.32
N THR E 70 -8.23 12.12 33.18
CA THR E 70 -8.00 12.26 34.62
C THR E 70 -7.22 11.08 35.19
N ALA E 71 -7.54 9.87 34.73
CA ALA E 71 -6.85 8.68 35.24
C ALA E 71 -5.36 8.74 34.92
N PHE E 72 -5.01 9.11 33.69
CA PHE E 72 -3.60 9.20 33.32
C PHE E 72 -2.92 10.38 34.01
N ASP E 73 -3.67 11.45 34.28
CA ASP E 73 -3.09 12.58 35.00
C ASP E 73 -2.81 12.22 36.45
N LEU E 74 -3.58 11.30 37.03
CA LEU E 74 -3.39 10.87 38.41
C LEU E 74 -2.30 9.81 38.56
N GLY E 75 -1.62 9.45 37.49
CA GLY E 75 -0.57 8.44 37.55
C GLY E 75 -1.01 7.04 37.21
N ILE E 76 -2.29 6.83 36.90
CA ILE E 76 -2.75 5.51 36.50
C ILE E 76 -2.28 5.23 35.07
N THR E 77 -1.60 4.10 34.89
CA THR E 77 -1.07 3.71 33.59
C THR E 77 -1.66 2.41 33.06
N HIS E 78 -2.42 1.67 33.86
CA HIS E 78 -2.97 0.38 33.46
C HIS E 78 -4.46 0.51 33.21
N PHE E 79 -4.88 0.25 31.98
CA PHE E 79 -6.29 0.26 31.60
C PHE E 79 -6.69 -1.16 31.22
N ASP E 80 -7.69 -1.70 31.92
CA ASP E 80 -8.15 -3.07 31.69
C ASP E 80 -9.43 -3.05 30.89
N LEU E 81 -9.47 -3.83 29.81
CA LEU E 81 -10.63 -3.95 28.94
C LEU E 81 -11.00 -5.42 28.80
N ALA E 82 -11.99 -5.68 27.96
CA ALA E 82 -12.45 -7.03 27.67
C ALA E 82 -13.25 -7.01 26.38
N ASN E 83 -13.40 -8.20 25.79
CA ASN E 83 -14.13 -8.29 24.53
C ASN E 83 -15.61 -8.00 24.70
N ASN E 84 -16.17 -8.25 25.88
CA ASN E 84 -17.61 -8.10 26.10
C ASN E 84 -17.96 -6.85 26.89
N TYR E 85 -16.99 -5.98 27.18
CA TYR E 85 -17.28 -4.75 27.91
C TYR E 85 -18.11 -3.81 27.05
N GLY E 86 -19.15 -3.23 27.64
CA GLY E 86 -20.02 -2.33 26.94
C GLY E 86 -20.93 -1.57 27.88
N PRO E 87 -22.24 -1.56 27.58
CA PRO E 87 -22.91 -2.19 26.43
C PRO E 87 -22.94 -1.27 25.21
N PRO E 88 -23.09 -1.81 23.99
CA PRO E 88 -23.21 -3.23 23.64
C PRO E 88 -21.88 -3.96 23.72
N TYR E 89 -21.86 -5.26 23.41
CA TYR E 89 -20.63 -6.03 23.50
C TYR E 89 -19.60 -5.53 22.50
N GLY E 90 -18.38 -5.31 22.99
CA GLY E 90 -17.28 -4.85 22.16
C GLY E 90 -17.22 -3.36 21.92
N SER E 91 -18.18 -2.58 22.44
CA SER E 91 -18.18 -1.16 22.19
C SER E 91 -17.13 -0.43 23.03
N ALA E 92 -16.74 -0.99 24.17
CA ALA E 92 -15.75 -0.33 25.01
C ALA E 92 -14.38 -0.29 24.34
N GLU E 93 -14.03 -1.31 23.56
CA GLU E 93 -12.75 -1.30 22.86
C GLU E 93 -12.77 -0.33 21.69
N ILE E 94 -13.95 -0.09 21.11
CA ILE E 94 -14.03 0.88 20.02
C ILE E 94 -13.93 2.31 20.57
N ASN E 95 -14.59 2.58 21.70
CA ASN E 95 -14.53 3.90 22.29
C ASN E 95 -13.15 4.20 22.84
N PHE E 96 -12.53 3.22 23.51
CA PHE E 96 -11.16 3.41 23.98
C PHE E 96 -10.19 3.50 22.82
N GLY E 97 -10.48 2.82 21.70
CA GLY E 97 -9.60 2.90 20.55
C GLY E 97 -9.59 4.27 19.92
N ARG E 98 -10.77 4.89 19.79
CA ARG E 98 -10.83 6.25 19.25
C ARG E 98 -10.13 7.23 20.18
N LEU E 99 -10.41 7.15 21.49
CA LEU E 99 -9.76 8.04 22.44
C LEU E 99 -8.25 7.84 22.45
N LEU E 100 -7.78 6.65 22.10
CA LEU E 100 -6.34 6.40 22.04
C LEU E 100 -5.72 7.09 20.84
N ARG E 101 -6.34 6.96 19.66
CA ARG E 101 -5.77 7.55 18.46
C ARG E 101 -5.88 9.06 18.43
N GLU E 102 -6.71 9.65 19.29
CA GLU E 102 -6.89 11.10 19.32
C GLU E 102 -6.14 11.78 20.45
N ASP E 103 -5.88 11.08 21.56
CA ASP E 103 -5.23 11.70 22.70
C ASP E 103 -3.99 10.94 23.15
N PHE E 104 -4.15 9.64 23.43
CA PHE E 104 -3.09 8.84 24.04
C PHE E 104 -2.18 8.17 23.02
N LYS E 105 -2.13 8.68 21.78
CA LYS E 105 -1.31 8.02 20.77
C LYS E 105 0.19 8.24 21.02
N PRO E 106 0.68 9.45 21.31
CA PRO E 106 2.10 9.59 21.68
C PRO E 106 2.43 9.04 23.05
N TYR E 107 1.42 8.65 23.86
CA TYR E 107 1.64 8.07 25.17
C TYR E 107 1.44 6.56 25.17
N ARG E 108 1.52 5.92 24.00
CA ARG E 108 1.21 4.49 23.91
C ARG E 108 2.19 3.65 24.71
N ASP E 109 3.49 3.95 24.61
CA ASP E 109 4.50 3.16 25.31
C ASP E 109 4.50 3.41 26.81
N GLU E 110 3.71 4.36 27.31
CA GLU E 110 3.60 4.63 28.74
C GLU E 110 2.37 3.97 29.37
N LEU E 111 1.61 3.19 28.61
CA LEU E 111 0.37 2.59 29.07
C LEU E 111 0.47 1.07 29.04
N ILE E 112 -0.40 0.43 29.80
CA ILE E 112 -0.50 -1.02 29.87
C ILE E 112 -1.95 -1.38 29.56
N LEU E 113 -2.20 -1.80 28.32
CA LEU E 113 -3.53 -2.21 27.91
C LEU E 113 -3.67 -3.73 28.07
N SER E 114 -4.91 -4.17 28.32
CA SER E 114 -5.18 -5.59 28.49
C SER E 114 -6.60 -5.88 28.02
N THR E 115 -6.79 -7.09 27.50
CA THR E 115 -8.08 -7.54 27.01
C THR E 115 -8.32 -8.97 27.49
N LYS E 116 -9.60 -9.36 27.48
CA LYS E 116 -10.02 -10.68 27.93
C LYS E 116 -10.79 -11.38 26.80
N ALA E 117 -11.01 -12.68 26.99
CA ALA E 117 -11.77 -13.47 26.03
C ALA E 117 -12.15 -14.81 26.65
N GLY E 118 -13.45 -15.02 26.87
CA GLY E 118 -13.90 -16.30 27.39
C GLY E 118 -15.32 -16.36 27.91
N TRP E 119 -16.05 -15.24 27.90
CA TRP E 119 -17.38 -15.22 28.49
C TRP E 119 -18.49 -15.33 27.46
N ASP E 120 -18.80 -14.22 26.78
CA ASP E 120 -19.89 -14.23 25.80
C ASP E 120 -19.65 -13.09 24.82
N MET E 121 -19.49 -13.42 23.54
CA MET E 121 -19.14 -12.42 22.54
C MET E 121 -20.13 -12.43 21.38
N TRP E 122 -19.89 -13.29 20.39
CA TRP E 122 -20.72 -13.37 19.20
C TRP E 122 -21.56 -14.65 19.21
N PRO E 123 -22.66 -14.68 18.45
CA PRO E 123 -23.53 -15.87 18.47
C PRO E 123 -22.82 -17.12 17.97
N GLY E 124 -23.20 -18.25 18.55
CA GLY E 124 -22.65 -19.53 18.16
C GLY E 124 -21.85 -20.18 19.27
N PRO E 125 -21.68 -21.51 19.18
CA PRO E 125 -20.87 -22.20 20.19
C PRO E 125 -19.41 -21.79 20.19
N TYR E 126 -18.93 -21.21 19.09
CA TYR E 126 -17.55 -20.73 19.02
C TYR E 126 -17.39 -19.31 19.52
N GLY E 127 -18.47 -18.67 19.99
CA GLY E 127 -18.39 -17.29 20.39
C GLY E 127 -19.09 -16.96 21.69
N GLN E 128 -20.12 -17.73 22.05
CA GLN E 128 -20.87 -17.50 23.27
C GLN E 128 -20.13 -17.98 24.52
N GLY E 129 -18.86 -18.34 24.41
CA GLY E 129 -18.09 -18.76 25.57
C GLY E 129 -17.02 -19.75 25.16
N GLY E 130 -16.24 -20.15 26.16
CA GLY E 130 -15.18 -21.12 25.99
C GLY E 130 -13.80 -20.48 26.03
N SER E 131 -12.79 -21.35 25.98
CA SER E 131 -11.40 -20.91 25.90
C SER E 131 -10.63 -21.73 24.87
N SER E 132 -11.30 -22.10 23.79
CA SER E 132 -10.65 -22.86 22.72
C SER E 132 -9.67 -21.96 21.96
N ARG E 133 -8.73 -22.61 21.27
CA ARG E 133 -7.78 -21.87 20.44
C ARG E 133 -8.49 -21.09 19.34
N LYS E 134 -9.59 -21.64 18.82
CA LYS E 134 -10.39 -20.92 17.82
C LYS E 134 -10.94 -19.62 18.39
N TYR E 135 -11.56 -19.69 19.57
CA TYR E 135 -12.20 -18.51 20.15
C TYR E 135 -11.18 -17.53 20.71
N LEU E 136 -10.06 -18.02 21.24
CA LEU E 136 -9.09 -17.13 21.86
C LEU E 136 -8.37 -16.26 20.83
N LEU E 137 -8.02 -16.85 19.68
CA LEU E 137 -7.31 -16.08 18.67
C LEU E 137 -8.25 -15.21 17.84
N SER E 138 -9.45 -15.71 17.54
CA SER E 138 -10.40 -14.92 16.77
C SER E 138 -10.92 -13.74 17.57
N SER E 139 -11.07 -13.89 18.89
CA SER E 139 -11.50 -12.77 19.72
C SER E 139 -10.36 -11.80 20.00
N LEU E 140 -9.11 -12.29 19.99
CA LEU E 140 -7.98 -11.39 20.13
C LEU E 140 -7.74 -10.59 18.86
N ASP E 141 -8.02 -11.19 17.70
CA ASP E 141 -7.93 -10.44 16.45
C ASP E 141 -9.00 -9.34 16.41
N GLN E 142 -10.18 -9.61 16.96
CA GLN E 142 -11.20 -8.58 17.07
C GLN E 142 -10.77 -7.46 17.99
N SER E 143 -10.12 -7.82 19.11
CA SER E 143 -9.73 -6.81 20.09
C SER E 143 -8.58 -5.94 19.55
N LEU E 144 -7.65 -6.54 18.81
CA LEU E 144 -6.54 -5.77 18.27
C LEU E 144 -6.99 -4.82 17.17
N GLN E 145 -8.09 -5.14 16.48
CA GLN E 145 -8.61 -4.27 15.44
C GLN E 145 -9.55 -3.21 15.98
N ARG E 146 -10.23 -3.49 17.09
CA ARG E 146 -11.09 -2.47 17.71
C ARG E 146 -10.28 -1.47 18.52
N LEU E 147 -9.22 -1.94 19.19
CA LEU E 147 -8.38 -1.03 19.96
C LEU E 147 -7.44 -0.22 19.07
N GLY E 148 -7.08 -0.75 17.90
CA GLY E 148 -6.18 -0.04 17.01
C GLY E 148 -4.73 -0.09 17.42
N VAL E 149 -4.29 -1.18 18.04
CA VAL E 149 -2.91 -1.34 18.49
C VAL E 149 -2.33 -2.62 17.90
N ASP E 150 -1.02 -2.61 17.68
CA ASP E 150 -0.34 -3.81 17.16
C ASP E 150 -0.30 -4.92 18.19
N TYR E 151 -0.47 -4.60 19.47
CA TYR E 151 -0.41 -5.62 20.52
C TYR E 151 -1.05 -5.07 21.78
N VAL E 152 -1.60 -5.99 22.58
CA VAL E 152 -1.98 -5.67 23.94
C VAL E 152 -0.81 -6.06 24.85
N ASP E 153 -0.80 -5.51 26.06
CA ASP E 153 0.28 -5.78 26.99
C ASP E 153 0.05 -7.05 27.80
N ILE E 154 -1.20 -7.35 28.14
CA ILE E 154 -1.55 -8.57 28.85
C ILE E 154 -2.81 -9.15 28.21
N PHE E 155 -2.72 -10.37 27.68
CA PHE E 155 -3.87 -11.05 27.10
C PHE E 155 -4.37 -12.09 28.09
N TYR E 156 -5.64 -11.99 28.47
CA TYR E 156 -6.23 -12.82 29.50
C TYR E 156 -7.11 -13.92 28.91
N SER E 157 -7.36 -14.93 29.73
CA SER E 157 -8.44 -15.90 29.53
C SER E 157 -9.49 -15.56 30.58
N HIS E 158 -10.64 -15.06 30.12
CA HIS E 158 -11.58 -14.41 31.03
C HIS E 158 -12.13 -15.35 32.08
N ARG E 159 -12.32 -16.63 31.74
CA ARG E 159 -12.80 -17.60 32.71
C ARG E 159 -12.27 -18.98 32.33
N PHE E 160 -12.10 -19.83 33.35
CA PHE E 160 -11.64 -21.18 33.12
C PHE E 160 -12.73 -21.99 32.43
N ASP E 161 -12.33 -22.72 31.38
CA ASP E 161 -13.24 -23.56 30.61
C ASP E 161 -13.11 -24.99 31.10
N ALA E 162 -14.13 -25.48 31.81
CA ALA E 162 -14.11 -26.82 32.37
C ALA E 162 -14.22 -27.91 31.32
N ASP E 163 -14.64 -27.58 30.10
CA ASP E 163 -14.83 -28.58 29.04
C ASP E 163 -13.75 -28.53 27.96
N THR E 164 -12.76 -27.66 28.11
CA THR E 164 -11.67 -27.55 27.15
C THR E 164 -10.35 -27.83 27.84
N PRO E 165 -9.51 -28.72 27.30
CA PRO E 165 -8.25 -29.05 27.96
C PRO E 165 -7.32 -27.83 28.03
N LEU E 166 -6.66 -27.68 29.18
CA LEU E 166 -5.78 -26.54 29.40
C LEU E 166 -4.51 -26.60 28.55
N GLU E 167 -4.19 -27.75 27.95
CA GLU E 167 -3.07 -27.81 27.02
C GLU E 167 -3.35 -27.04 25.73
N GLU E 168 -4.62 -26.87 25.37
CA GLU E 168 -4.97 -26.06 24.20
C GLU E 168 -5.02 -24.58 24.55
N THR E 169 -5.58 -24.24 25.71
CA THR E 169 -5.60 -22.84 26.14
C THR E 169 -4.19 -22.31 26.35
N ALA E 170 -3.32 -23.13 26.94
CA ALA E 170 -1.94 -22.72 27.13
C ALA E 170 -1.22 -22.56 25.79
N GLY E 171 -1.56 -23.38 24.80
CA GLY E 171 -0.96 -23.24 23.49
C GLY E 171 -1.42 -21.98 22.77
N ALA E 172 -2.70 -21.62 22.95
CA ALA E 172 -3.21 -20.40 22.35
C ALA E 172 -2.60 -19.17 23.00
N LEU E 173 -2.48 -19.17 24.34
CA LEU E 173 -1.83 -18.07 25.03
C LEU E 173 -0.34 -17.98 24.68
N ALA E 174 0.29 -19.12 24.40
CA ALA E 174 1.70 -19.10 24.03
C ALA E 174 1.90 -18.54 22.63
N SER E 175 1.02 -18.91 21.69
CA SER E 175 1.11 -18.35 20.33
C SER E 175 0.73 -16.88 20.30
N ALA E 176 -0.05 -16.41 21.27
CA ALA E 176 -0.40 -14.99 21.32
C ALA E 176 0.83 -14.12 21.54
N VAL E 177 1.83 -14.64 22.26
CA VAL E 177 3.06 -13.90 22.49
C VAL E 177 4.06 -14.11 21.36
N GLN E 178 4.09 -15.32 20.78
CA GLN E 178 5.03 -15.58 19.69
C GLN E 178 4.64 -14.82 18.43
N GLN E 179 3.35 -14.52 18.24
CA GLN E 179 2.89 -13.73 17.12
C GLN E 179 2.97 -12.23 17.38
N GLY E 180 3.56 -11.83 18.51
CA GLY E 180 3.66 -10.42 18.84
C GLY E 180 2.35 -9.76 19.20
N LYS E 181 1.28 -10.52 19.42
CA LYS E 181 -0.01 -9.94 19.78
C LYS E 181 -0.10 -9.52 21.23
N ALA E 182 0.72 -10.10 22.10
CA ALA E 182 0.67 -9.78 23.53
C ALA E 182 2.05 -9.97 24.12
N LEU E 183 2.46 -9.01 24.96
CA LEU E 183 3.76 -9.10 25.61
C LEU E 183 3.73 -10.08 26.78
N TYR E 184 2.64 -10.09 27.54
CA TYR E 184 2.47 -10.99 28.67
C TYR E 184 1.12 -11.70 28.55
N VAL E 185 1.00 -12.81 29.29
CA VAL E 185 -0.21 -13.60 29.32
C VAL E 185 -0.68 -13.69 30.78
N GLY E 186 -1.97 -13.42 31.00
CA GLY E 186 -2.56 -13.56 32.30
C GLY E 186 -3.83 -14.40 32.24
N ILE E 187 -4.34 -14.73 33.42
CA ILE E 187 -5.58 -15.47 33.56
C ILE E 187 -6.47 -14.74 34.56
N SER E 188 -7.78 -15.01 34.46
CA SER E 188 -8.75 -14.38 35.33
C SER E 188 -9.84 -15.38 35.69
N SER E 189 -10.33 -15.28 36.93
CA SER E 189 -11.41 -16.13 37.42
C SER E 189 -11.03 -17.60 37.35
N TYR E 190 -9.77 -17.91 37.64
CA TYR E 190 -9.28 -19.28 37.65
C TYR E 190 -9.19 -19.80 39.08
N SER E 191 -9.09 -21.13 39.19
CA SER E 191 -9.08 -21.79 40.49
C SER E 191 -7.70 -21.75 41.13
N ALA E 192 -7.49 -22.58 42.14
CA ALA E 192 -6.20 -22.66 42.82
C ALA E 192 -5.28 -23.68 42.14
N ALA E 193 -5.72 -24.94 42.09
CA ALA E 193 -4.94 -25.96 41.39
C ALA E 193 -4.98 -25.75 39.88
N ARG E 194 -6.04 -25.11 39.37
CA ARG E 194 -6.11 -24.85 37.94
C ARG E 194 -5.07 -23.83 37.50
N THR E 195 -4.81 -22.83 38.34
CA THR E 195 -3.76 -21.86 38.03
C THR E 195 -2.39 -22.53 38.02
N ARG E 196 -2.17 -23.49 38.93
CA ARG E 196 -0.87 -24.14 39.00
C ARG E 196 -0.63 -25.06 37.80
N GLU E 197 -1.68 -25.72 37.31
CA GLU E 197 -1.49 -26.66 36.21
C GLU E 197 -1.40 -25.95 34.86
N ILE E 198 -2.00 -24.76 34.72
CA ILE E 198 -1.85 -24.03 33.47
C ILE E 198 -0.54 -23.24 33.47
N ALA E 199 -0.07 -22.78 34.63
CA ALA E 199 1.21 -22.11 34.69
C ALA E 199 2.36 -23.08 34.49
N ALA E 200 2.20 -24.33 34.94
CA ALA E 200 3.22 -25.34 34.68
C ALA E 200 3.28 -25.70 33.20
N LEU E 201 2.14 -25.67 32.51
CA LEU E 201 2.15 -25.93 31.07
C LEU E 201 2.68 -24.74 30.29
N LEU E 202 2.43 -23.52 30.78
CA LEU E 202 2.97 -22.34 30.12
C LEU E 202 4.48 -22.27 30.25
N ARG E 203 5.04 -22.80 31.34
CA ARG E 203 6.49 -22.85 31.50
C ARG E 203 7.13 -23.85 30.55
N ALA E 204 6.36 -24.70 29.90
CA ALA E 204 6.91 -25.56 28.86
C ALA E 204 7.09 -24.79 27.56
N TRP E 205 6.17 -23.88 27.24
CA TRP E 205 6.31 -22.97 26.11
C TRP E 205 7.25 -21.81 26.41
N LYS E 206 7.83 -21.76 27.61
CA LYS E 206 8.74 -20.69 28.04
C LYS E 206 8.06 -19.32 28.00
N VAL E 207 6.74 -19.29 28.17
CA VAL E 207 6.00 -18.04 28.34
C VAL E 207 5.42 -18.05 29.75
N PRO E 208 6.11 -17.43 30.73
CA PRO E 208 5.64 -17.53 32.11
C PRO E 208 4.37 -16.73 32.33
N LEU E 209 3.49 -17.28 33.16
CA LEU E 209 2.26 -16.58 33.52
C LEU E 209 2.59 -15.32 34.30
N LEU E 210 1.94 -14.21 33.93
CA LEU E 210 2.30 -12.92 34.52
C LEU E 210 1.45 -12.58 35.74
N ILE E 211 0.13 -12.63 35.64
CA ILE E 211 -0.74 -12.06 36.65
C ILE E 211 -2.08 -12.77 36.62
N HIS E 212 -2.70 -12.89 37.79
CA HIS E 212 -4.03 -13.45 37.96
C HIS E 212 -4.98 -12.35 38.43
N GLN E 213 -6.21 -12.37 37.91
CA GLN E 213 -7.21 -11.34 38.20
C GLN E 213 -8.41 -12.00 38.87
N PRO E 214 -8.37 -12.19 40.19
CA PRO E 214 -9.51 -12.81 40.88
C PRO E 214 -10.43 -11.78 41.52
N ALA E 215 -11.57 -12.23 42.01
CA ALA E 215 -12.48 -11.37 42.78
C ALA E 215 -11.99 -11.34 44.23
N TYR E 216 -11.45 -10.19 44.65
CA TYR E 216 -10.86 -10.06 45.98
C TYR E 216 -11.30 -8.73 46.58
N ASN E 217 -12.16 -8.80 47.59
CA ASN E 217 -12.64 -7.62 48.30
C ASN E 217 -12.89 -8.01 49.75
N LEU E 218 -13.58 -7.14 50.48
CA LEU E 218 -13.85 -7.39 51.90
C LEU E 218 -15.03 -8.32 52.13
N PHE E 219 -15.94 -8.44 51.16
CA PHE E 219 -17.07 -9.35 51.28
C PHE E 219 -16.84 -10.67 50.55
N ASN E 220 -15.68 -10.86 49.92
CA ASN E 220 -15.38 -12.09 49.20
C ASN E 220 -13.87 -12.28 49.27
N ARG E 221 -13.41 -13.11 50.21
CA ARG E 221 -11.99 -13.32 50.47
C ARG E 221 -11.57 -14.74 50.15
N TRP E 222 -12.08 -15.29 49.05
CA TRP E 222 -11.73 -16.66 48.68
C TRP E 222 -10.32 -16.77 48.13
N ALA E 223 -9.77 -15.69 47.59
CA ALA E 223 -8.44 -15.75 46.99
C ALA E 223 -7.35 -15.96 48.03
N GLU E 224 -7.58 -15.50 49.27
CA GLU E 224 -6.58 -15.64 50.32
C GLU E 224 -6.36 -17.09 50.73
N HIS E 225 -7.31 -17.98 50.44
CA HIS E 225 -7.24 -19.39 50.82
C HIS E 225 -5.94 -20.03 50.35
N GLU E 226 -5.85 -20.37 49.07
CA GLU E 226 -4.63 -20.93 48.51
C GLU E 226 -4.28 -20.35 47.15
N LEU E 227 -5.05 -19.39 46.63
CA LEU E 227 -4.68 -18.72 45.39
C LEU E 227 -3.54 -17.74 45.61
N PHE E 228 -3.54 -17.07 46.77
CA PHE E 228 -2.45 -16.13 47.08
C PHE E 228 -1.13 -16.87 47.25
N ASP E 229 -1.16 -18.02 47.93
CA ASP E 229 0.07 -18.81 48.08
C ASP E 229 0.48 -19.45 46.76
N ALA E 230 -0.47 -19.71 45.87
CA ALA E 230 -0.14 -20.30 44.57
C ALA E 230 0.56 -19.30 43.67
N THR E 231 0.02 -18.07 43.58
CA THR E 231 0.64 -17.06 42.74
C THR E 231 1.98 -16.62 43.29
N ALA E 232 2.18 -16.71 44.61
CA ALA E 232 3.45 -16.31 45.20
C ALA E 232 4.56 -17.28 44.83
N GLU E 233 4.24 -18.57 44.74
CA GLU E 233 5.25 -19.57 44.40
C GLU E 233 5.46 -19.68 42.90
N LEU E 234 4.45 -19.37 42.10
CA LEU E 234 4.56 -19.42 40.65
C LEU E 234 5.25 -18.20 40.06
N GLY E 235 5.42 -17.14 40.85
CA GLY E 235 6.03 -15.92 40.35
C GLY E 235 5.08 -14.96 39.68
N ALA E 236 3.78 -15.21 39.75
CA ALA E 236 2.78 -14.35 39.12
C ALA E 236 2.19 -13.39 40.16
N GLY E 237 1.81 -12.20 39.69
CA GLY E 237 1.17 -11.22 40.54
C GLY E 237 -0.34 -11.39 40.57
N VAL E 238 -0.98 -10.48 41.31
CA VAL E 238 -2.43 -10.50 41.48
C VAL E 238 -2.95 -9.08 41.32
N ILE E 239 -4.07 -8.94 40.62
CA ILE E 239 -4.80 -7.68 40.53
C ILE E 239 -6.23 -7.93 40.98
N ALA E 240 -6.71 -7.09 41.89
CA ALA E 240 -8.02 -7.29 42.50
C ALA E 240 -9.13 -6.82 41.56
N PHE E 241 -10.15 -7.65 41.41
CA PHE E 241 -11.33 -7.29 40.65
C PHE E 241 -12.45 -6.91 41.61
N THR E 242 -13.16 -5.83 41.29
CA THR E 242 -14.20 -5.22 42.12
C THR E 242 -13.77 -5.14 43.58
N PRO E 243 -12.81 -4.25 43.90
CA PRO E 243 -12.40 -4.11 45.31
C PRO E 243 -13.46 -3.46 46.19
N LEU E 244 -14.51 -2.89 45.61
CA LEU E 244 -15.62 -2.33 46.36
C LEU E 244 -16.87 -3.20 46.30
N ALA E 245 -16.72 -4.45 45.84
CA ALA E 245 -17.83 -5.40 45.75
C ALA E 245 -18.97 -4.85 44.89
N GLN E 246 -18.62 -4.38 43.69
CA GLN E 246 -19.57 -3.88 42.71
C GLN E 246 -20.39 -2.72 43.26
N GLY E 247 -19.75 -1.86 44.05
CA GLY E 247 -20.36 -0.63 44.52
C GLY E 247 -21.04 -0.71 45.87
N LEU E 248 -20.98 -1.84 46.56
CA LEU E 248 -21.63 -1.97 47.86
C LEU E 248 -20.82 -1.35 48.99
N LEU E 249 -19.57 -0.97 48.75
CA LEU E 249 -18.70 -0.41 49.78
C LEU E 249 -18.31 1.03 49.46
N THR E 250 -19.20 1.77 48.80
CA THR E 250 -18.92 3.15 48.43
C THR E 250 -19.25 4.12 49.55
N GLY E 251 -20.46 4.04 50.10
CA GLY E 251 -20.89 4.92 51.17
C GLY E 251 -22.04 5.82 50.76
N ARG E 283 -23.66 -4.11 59.27
CA ARG E 283 -22.98 -4.64 58.10
C ARG E 283 -21.82 -3.73 57.71
N ALA E 284 -22.03 -2.95 56.65
CA ALA E 284 -20.98 -2.03 56.19
C ALA E 284 -20.80 -0.85 57.15
N ARG E 285 -21.76 -0.64 58.07
CA ARG E 285 -21.64 0.46 59.01
C ARG E 285 -20.50 0.24 59.99
N GLY E 286 -20.21 -1.01 60.34
CA GLY E 286 -19.08 -1.27 61.20
C GLY E 286 -17.75 -0.93 60.53
N LEU E 287 -17.66 -1.17 59.23
CA LEU E 287 -16.45 -0.81 58.49
C LEU E 287 -16.38 0.70 58.27
N ASP E 288 -17.53 1.37 58.13
CA ASP E 288 -17.54 2.82 57.99
C ASP E 288 -17.15 3.51 59.29
N ALA E 289 -17.42 2.87 60.44
CA ALA E 289 -17.01 3.44 61.71
C ALA E 289 -15.49 3.39 61.86
N ILE E 290 -14.88 2.25 61.51
CA ILE E 290 -13.43 2.16 61.55
C ILE E 290 -12.80 3.09 60.52
N ALA E 291 -13.51 3.36 59.42
CA ALA E 291 -13.00 4.29 58.41
C ALA E 291 -12.92 5.70 58.97
N ARG E 292 -13.94 6.12 59.72
CA ARG E 292 -13.93 7.47 60.30
C ARG E 292 -12.91 7.57 61.43
N GLY E 293 -12.74 6.49 62.20
CA GLY E 293 -11.71 6.48 63.23
C GLY E 293 -10.30 6.51 62.70
N ARG E 294 -10.11 6.27 61.41
CA ARG E 294 -8.81 6.33 60.78
C ARG E 294 -8.63 7.56 59.90
N GLY E 295 -9.66 8.37 59.74
CA GLY E 295 -9.54 9.56 58.91
C GLY E 295 -9.83 9.34 57.45
N GLN E 296 -10.40 8.21 57.08
CA GLN E 296 -10.71 7.88 55.70
C GLN E 296 -12.21 7.64 55.54
N SER E 297 -12.59 7.14 54.37
CA SER E 297 -13.96 6.76 54.06
C SER E 297 -14.06 5.25 53.87
N LEU E 298 -15.29 4.77 53.70
CA LEU E 298 -15.50 3.33 53.50
C LEU E 298 -14.84 2.87 52.20
N ALA E 299 -14.84 3.71 51.17
CA ALA E 299 -14.20 3.35 49.91
C ALA E 299 -12.68 3.33 50.07
N GLN E 300 -12.11 4.33 50.74
CA GLN E 300 -10.67 4.38 50.91
C GLN E 300 -10.17 3.28 51.84
N LEU E 301 -11.00 2.88 52.82
CA LEU E 301 -10.60 1.82 53.73
C LEU E 301 -10.56 0.47 53.02
N ALA E 302 -11.63 0.14 52.28
CA ALA E 302 -11.65 -1.09 51.49
C ALA E 302 -10.60 -1.08 50.38
N LEU E 303 -10.19 0.10 49.92
CA LEU E 303 -9.15 0.17 48.89
C LEU E 303 -7.77 -0.11 49.47
N ALA E 304 -7.45 0.47 50.63
CA ALA E 304 -6.16 0.24 51.25
C ALA E 304 -6.08 -1.16 51.86
N TRP E 305 -7.23 -1.73 52.26
CA TRP E 305 -7.23 -3.09 52.78
C TRP E 305 -6.93 -4.10 51.69
N VAL E 306 -7.21 -3.75 50.43
CA VAL E 306 -6.86 -4.64 49.33
C VAL E 306 -5.37 -4.55 49.02
N LEU E 307 -4.81 -3.34 49.03
CA LEU E 307 -3.40 -3.13 48.74
C LEU E 307 -2.51 -3.32 49.97
N ARG E 308 -3.02 -3.92 51.05
CA ARG E 308 -2.22 -4.06 52.26
C ARG E 308 -1.07 -5.06 52.08
N ASP E 309 -1.28 -6.08 51.25
CA ASP E 309 -0.29 -7.14 51.06
C ASP E 309 0.46 -6.92 49.75
N ALA E 310 1.75 -7.26 49.77
CA ALA E 310 2.59 -7.07 48.59
C ALA E 310 2.17 -7.94 47.41
N ARG E 311 1.50 -9.07 47.68
CA ARG E 311 1.06 -9.95 46.61
C ARG E 311 -0.22 -9.47 45.94
N VAL E 312 -0.76 -8.33 46.33
CA VAL E 312 -1.87 -7.68 45.63
C VAL E 312 -1.29 -6.41 45.00
N SER E 313 -1.00 -6.48 43.71
CA SER E 313 -0.22 -5.43 43.06
C SER E 313 -1.08 -4.25 42.62
N SER E 314 -2.36 -4.45 42.34
CA SER E 314 -3.21 -3.38 41.87
C SER E 314 -4.67 -3.74 42.13
N ALA E 315 -5.54 -2.76 41.96
CA ALA E 315 -6.98 -2.94 42.10
C ALA E 315 -7.68 -2.22 40.96
N LEU E 316 -8.72 -2.85 40.42
CA LEU E 316 -9.47 -2.32 39.29
C LEU E 316 -10.68 -1.56 39.80
N LEU E 317 -10.54 -0.25 39.93
CA LEU E 317 -11.66 0.61 40.30
C LEU E 317 -12.39 1.07 39.03
N GLY E 318 -13.71 0.95 39.03
CA GLY E 318 -14.50 1.31 37.88
C GLY E 318 -15.45 2.46 38.14
N ALA E 319 -14.91 3.57 38.65
CA ALA E 319 -15.72 4.73 38.95
C ALA E 319 -16.08 5.48 37.67
N SER E 320 -17.05 6.40 37.80
CA SER E 320 -17.50 7.21 36.68
C SER E 320 -17.25 8.70 36.86
N ARG E 321 -17.32 9.20 38.08
CA ARG E 321 -17.15 10.63 38.31
C ARG E 321 -15.67 10.98 38.33
N PRO E 322 -15.25 12.03 37.63
CA PRO E 322 -13.81 12.39 37.64
C PRO E 322 -13.34 12.88 38.99
N GLU E 323 -14.23 13.46 39.81
CA GLU E 323 -13.87 13.87 41.16
C GLU E 323 -13.72 12.68 42.11
N GLN E 324 -14.15 11.49 41.71
CA GLN E 324 -14.07 10.29 42.54
C GLN E 324 -12.71 9.61 42.47
N LEU E 325 -12.09 9.56 41.27
CA LEU E 325 -10.77 8.96 41.16
C LEU E 325 -9.73 9.74 41.94
N ILE E 326 -9.91 11.05 42.09
CA ILE E 326 -8.97 11.85 42.86
C ILE E 326 -9.07 11.54 44.34
N GLU E 327 -10.21 11.06 44.81
CA GLU E 327 -10.42 10.73 46.21
C GLU E 327 -10.14 9.26 46.51
N ASN E 328 -9.85 8.45 45.50
CA ASN E 328 -9.37 7.09 45.70
C ASN E 328 -7.86 6.97 45.64
N VAL E 329 -7.20 7.89 44.93
CA VAL E 329 -5.74 7.98 45.01
C VAL E 329 -5.31 8.30 46.43
N ALA E 330 -6.15 9.03 47.19
CA ALA E 330 -5.83 9.40 48.56
C ALA E 330 -6.18 8.27 49.52
N ALA E 331 -5.98 7.03 49.09
CA ALA E 331 -6.20 5.87 49.94
C ALA E 331 -4.93 5.12 50.27
N LEU E 332 -3.88 5.30 49.49
CA LEU E 332 -2.60 4.65 49.76
C LEU E 332 -1.65 5.52 50.56
N GLN E 333 -1.91 6.83 50.63
CA GLN E 333 -1.06 7.72 51.41
C GLN E 333 -1.29 7.58 52.91
N ALA E 334 -2.41 6.99 53.32
CA ALA E 334 -2.71 6.84 54.72
C ALA E 334 -1.70 5.89 55.38
N PRO E 335 -1.49 6.03 56.69
CA PRO E 335 -0.54 5.15 57.38
C PRO E 335 -1.00 3.71 57.35
N PRO E 336 -0.09 2.75 57.50
CA PRO E 336 -0.48 1.34 57.48
C PRO E 336 -1.30 0.97 58.71
N PHE E 337 -1.97 -0.18 58.60
CA PHE E 337 -2.86 -0.64 59.65
C PHE E 337 -2.08 -1.39 60.73
N SER E 338 -2.78 -1.82 61.77
CA SER E 338 -2.18 -2.52 62.89
C SER E 338 -3.14 -3.60 63.35
N ALA E 339 -2.97 -4.07 64.59
CA ALA E 339 -3.74 -5.21 65.07
C ALA E 339 -5.15 -4.82 65.49
N GLU E 340 -5.29 -3.74 66.25
CA GLU E 340 -6.59 -3.37 66.80
C GLU E 340 -7.59 -2.91 65.74
N GLU E 341 -7.16 -2.72 64.51
CA GLU E 341 -8.07 -2.41 63.40
C GLU E 341 -8.30 -3.58 62.46
N LEU E 342 -7.26 -4.38 62.16
CA LEU E 342 -7.45 -5.54 61.30
C LEU E 342 -8.35 -6.58 61.96
N ALA E 343 -8.15 -6.82 63.26
CA ALA E 343 -9.01 -7.76 63.98
C ALA E 343 -10.40 -7.19 64.23
N GLU E 344 -10.57 -5.87 64.13
CA GLU E 344 -11.88 -5.25 64.28
C GLU E 344 -12.66 -5.18 62.96
N ILE E 345 -11.96 -5.26 61.83
CA ILE E 345 -12.64 -5.26 60.53
C ILE E 345 -13.49 -6.51 60.38
N ASP E 346 -12.93 -7.67 60.73
CA ASP E 346 -13.63 -8.94 60.59
C ASP E 346 -14.92 -8.98 61.40
N SER F 19 2.44 -10.61 -28.11
CA SER F 19 2.61 -11.50 -29.26
C SER F 19 3.01 -12.90 -28.82
N MET F 20 4.30 -13.08 -28.56
CA MET F 20 4.85 -14.38 -28.19
C MET F 20 4.75 -14.59 -26.69
N ARG F 21 4.32 -15.79 -26.30
CA ARG F 21 4.21 -16.17 -24.90
C ARG F 21 4.63 -17.63 -24.76
N TYR F 22 5.13 -17.98 -23.58
CA TYR F 22 5.66 -19.31 -23.36
C TYR F 22 4.54 -20.32 -23.17
N LEU F 23 4.60 -21.42 -23.92
CA LEU F 23 3.66 -22.52 -23.80
C LEU F 23 4.45 -23.76 -23.38
N ALA F 24 4.29 -24.17 -22.13
CA ALA F 24 4.98 -25.36 -21.65
C ALA F 24 4.51 -26.58 -22.42
N HIS F 25 5.45 -27.45 -22.75
CA HIS F 25 5.14 -28.63 -23.55
C HIS F 25 4.21 -29.56 -22.77
N PRO F 26 3.15 -30.08 -23.39
CA PRO F 26 2.26 -30.99 -22.66
C PRO F 26 2.92 -32.31 -22.27
N ASP F 27 3.87 -32.79 -23.08
CA ASP F 27 4.60 -34.02 -22.79
C ASP F 27 5.88 -33.76 -22.01
N ARG F 28 5.97 -32.65 -21.29
CA ARG F 28 7.20 -32.34 -20.56
C ARG F 28 7.39 -33.28 -19.38
N TYR F 29 6.32 -33.84 -18.84
CA TYR F 29 6.40 -34.77 -17.73
C TYR F 29 6.38 -36.23 -18.18
N ASP F 30 6.72 -36.47 -19.44
CA ASP F 30 6.83 -37.83 -19.99
C ASP F 30 8.17 -38.03 -20.68
N ARG F 31 9.19 -37.27 -20.26
CA ARG F 31 10.49 -37.30 -20.92
C ARG F 31 11.64 -37.63 -19.97
N ILE F 32 11.58 -37.17 -18.73
CA ILE F 32 12.67 -37.39 -17.78
C ILE F 32 12.12 -38.11 -16.56
N ALA F 33 12.99 -38.84 -15.87
CA ALA F 33 12.65 -39.56 -14.66
C ALA F 33 13.00 -38.73 -13.44
N TYR F 34 12.12 -38.75 -12.44
CA TYR F 34 12.30 -37.98 -11.22
C TYR F 34 12.75 -38.91 -10.09
N ARG F 35 13.91 -38.61 -9.53
CA ARG F 35 14.54 -39.43 -8.50
C ARG F 35 14.36 -38.80 -7.14
N ARG F 36 14.15 -39.63 -6.11
CA ARG F 36 13.95 -39.13 -4.77
C ARG F 36 15.25 -38.58 -4.20
N VAL F 37 15.15 -37.51 -3.43
CA VAL F 37 16.33 -36.87 -2.82
C VAL F 37 16.56 -37.56 -1.49
N GLY F 38 17.25 -38.70 -1.56
CA GLY F 38 17.52 -39.46 -0.34
C GLY F 38 16.23 -40.03 0.22
N ARG F 39 15.98 -39.75 1.50
CA ARG F 39 14.78 -40.23 2.18
C ARG F 39 13.66 -39.20 2.22
N SER F 40 13.94 -37.94 1.90
CA SER F 40 12.92 -36.90 1.94
C SER F 40 11.93 -37.08 0.78
N GLY F 41 10.74 -36.50 0.96
CA GLY F 41 9.69 -36.62 -0.04
C GLY F 41 9.92 -35.82 -1.31
N LEU F 42 10.88 -34.90 -1.30
CA LEU F 42 11.16 -34.10 -2.48
C LEU F 42 11.85 -34.95 -3.55
N VAL F 43 11.45 -34.75 -4.80
CA VAL F 43 12.03 -35.46 -5.94
C VAL F 43 12.62 -34.43 -6.90
N LEU F 44 13.79 -34.75 -7.46
CA LEU F 44 14.45 -33.91 -8.43
C LEU F 44 14.54 -34.63 -9.77
N PRO F 45 14.56 -33.90 -10.88
CA PRO F 45 14.79 -34.55 -12.18
C PRO F 45 16.15 -35.22 -12.22
N ALA F 46 16.27 -36.25 -13.04
CA ALA F 46 17.53 -36.97 -13.17
C ALA F 46 18.66 -36.04 -13.57
N LEU F 47 18.36 -35.03 -14.40
CA LEU F 47 19.32 -34.00 -14.77
C LEU F 47 18.72 -32.64 -14.43
N SER F 48 19.44 -31.87 -13.64
CA SER F 48 19.06 -30.50 -13.31
C SER F 48 19.87 -29.52 -14.16
N LEU F 49 19.47 -28.26 -14.12
CA LEU F 49 20.15 -27.20 -14.85
C LEU F 49 20.77 -26.23 -13.84
N GLY F 50 22.09 -26.06 -13.92
CA GLY F 50 22.80 -25.13 -13.07
C GLY F 50 23.12 -23.86 -13.84
N LEU F 51 22.72 -22.72 -13.26
CA LEU F 51 22.93 -21.42 -13.89
C LEU F 51 24.34 -20.88 -13.66
N TRP F 52 25.34 -21.75 -13.71
CA TRP F 52 26.73 -21.32 -13.54
C TRP F 52 27.22 -20.58 -14.78
N HIS F 53 27.17 -21.25 -15.93
CA HIS F 53 27.74 -20.72 -17.17
C HIS F 53 26.65 -20.04 -18.00
N ASN F 54 27.01 -18.91 -18.61
CA ASN F 54 26.21 -18.25 -19.64
C ASN F 54 24.81 -17.90 -19.13
N PHE F 55 24.76 -17.30 -17.95
CA PHE F 55 23.49 -16.80 -17.41
C PHE F 55 23.59 -15.42 -16.79
N GLY F 56 24.76 -14.80 -16.79
CA GLY F 56 24.92 -13.44 -16.32
C GLY F 56 24.58 -12.43 -17.38
N ASP F 57 25.07 -11.20 -17.17
CA ASP F 57 24.87 -10.14 -18.16
C ASP F 57 25.67 -10.36 -19.44
N SER F 58 26.64 -11.28 -19.43
CA SER F 58 27.47 -11.51 -20.60
C SER F 58 26.71 -12.22 -21.72
N THR F 59 25.60 -12.88 -21.41
CA THR F 59 24.85 -13.64 -22.40
C THR F 59 23.57 -12.92 -22.76
N PRO F 60 23.19 -12.90 -24.04
CA PRO F 60 21.92 -12.28 -24.42
C PRO F 60 20.74 -12.95 -23.74
N ILE F 61 19.68 -12.17 -23.54
CA ILE F 61 18.52 -12.67 -22.81
C ILE F 61 17.72 -13.64 -23.66
N ASP F 62 17.72 -13.47 -24.99
CA ASP F 62 16.96 -14.37 -25.85
C ASP F 62 17.55 -15.77 -25.86
N THR F 63 18.86 -15.90 -25.68
CA THR F 63 19.47 -17.22 -25.57
C THR F 63 19.33 -17.81 -24.17
N GLN F 64 19.07 -16.97 -23.16
CA GLN F 64 18.83 -17.49 -21.82
C GLN F 64 17.43 -18.09 -21.71
N ARG F 65 16.41 -17.36 -22.17
CA ARG F 65 15.05 -17.88 -22.09
C ARG F 65 14.84 -19.06 -23.02
N ALA F 66 15.53 -19.09 -24.16
CA ALA F 66 15.41 -20.24 -25.06
C ALA F 66 15.97 -21.49 -24.42
N LEU F 67 17.06 -21.36 -23.67
CA LEU F 67 17.63 -22.52 -22.97
C LEU F 67 16.76 -22.95 -21.81
N LEU F 68 16.18 -21.99 -21.08
CA LEU F 68 15.33 -22.32 -19.95
C LEU F 68 14.02 -22.94 -20.40
N ARG F 69 13.47 -22.48 -21.52
CA ARG F 69 12.26 -23.09 -22.08
C ARG F 69 12.54 -24.52 -22.54
N THR F 70 13.69 -24.75 -23.18
CA THR F 70 14.05 -26.09 -23.61
C THR F 70 14.23 -27.02 -22.42
N ALA F 71 14.83 -26.52 -21.33
CA ALA F 71 15.00 -27.34 -20.14
C ALA F 71 13.66 -27.74 -19.53
N PHE F 72 12.72 -26.80 -19.49
CA PHE F 72 11.42 -27.10 -18.88
C PHE F 72 10.58 -28.00 -19.78
N ASP F 73 10.70 -27.87 -21.10
CA ASP F 73 9.97 -28.74 -22.01
C ASP F 73 10.45 -30.18 -21.93
N LEU F 74 11.68 -30.41 -21.46
CA LEU F 74 12.22 -31.75 -21.31
C LEU F 74 11.94 -32.34 -19.94
N GLY F 75 11.34 -31.58 -19.02
CA GLY F 75 11.03 -32.05 -17.70
C GLY F 75 11.94 -31.54 -16.60
N ILE F 76 13.01 -30.81 -16.95
CA ILE F 76 13.91 -30.26 -15.95
C ILE F 76 13.17 -29.15 -15.21
N THR F 77 12.86 -29.38 -13.93
CA THR F 77 12.17 -28.41 -13.10
C THR F 77 13.05 -27.77 -12.05
N HIS F 78 14.27 -28.26 -11.85
CA HIS F 78 15.18 -27.73 -10.85
C HIS F 78 16.21 -26.83 -11.51
N PHE F 79 16.34 -25.60 -11.01
CA PHE F 79 17.33 -24.65 -11.48
C PHE F 79 18.15 -24.19 -10.30
N ASP F 80 19.44 -24.50 -10.31
CA ASP F 80 20.33 -24.23 -9.17
C ASP F 80 21.04 -22.91 -9.39
N LEU F 81 20.83 -21.98 -8.48
CA LEU F 81 21.41 -20.64 -8.53
C LEU F 81 22.32 -20.41 -7.33
N ALA F 82 22.99 -19.27 -7.34
CA ALA F 82 23.86 -18.86 -6.24
C ALA F 82 23.97 -17.35 -6.26
N ASN F 83 24.41 -16.79 -5.13
CA ASN F 83 24.53 -15.34 -5.03
C ASN F 83 25.64 -14.80 -5.92
N ASN F 84 26.66 -15.60 -6.21
CA ASN F 84 27.80 -15.16 -6.99
C ASN F 84 27.77 -15.64 -8.44
N TYR F 85 26.65 -16.21 -8.88
CA TYR F 85 26.55 -16.63 -10.27
C TYR F 85 26.38 -15.43 -11.18
N GLY F 86 27.19 -15.38 -12.24
CA GLY F 86 27.14 -14.29 -13.19
C GLY F 86 27.79 -14.65 -14.51
N PRO F 87 28.74 -13.83 -14.96
CA PRO F 87 29.24 -12.59 -14.35
C PRO F 87 28.47 -11.36 -14.84
N PRO F 88 28.43 -10.26 -14.07
CA PRO F 88 29.06 -10.05 -12.76
C PRO F 88 28.31 -10.78 -11.65
N TYR F 89 28.82 -10.74 -10.42
CA TYR F 89 28.22 -11.49 -9.33
C TYR F 89 26.83 -10.95 -9.00
N GLY F 90 25.85 -11.86 -8.94
CA GLY F 90 24.48 -11.50 -8.65
C GLY F 90 23.62 -11.21 -9.85
N SER F 91 24.18 -11.26 -11.07
CA SER F 91 23.39 -10.94 -12.26
C SER F 91 22.58 -12.12 -12.75
N ALA F 92 23.04 -13.35 -12.48
CA ALA F 92 22.29 -14.52 -12.92
C ALA F 92 20.95 -14.63 -12.19
N GLU F 93 20.90 -14.21 -10.92
CA GLU F 93 19.65 -14.22 -10.19
C GLU F 93 18.70 -13.14 -10.69
N ILE F 94 19.23 -12.01 -11.16
CA ILE F 94 18.38 -10.97 -11.72
C ILE F 94 17.80 -11.41 -13.05
N ASN F 95 18.62 -12.03 -13.90
CA ASN F 95 18.14 -12.46 -15.21
C ASN F 95 17.16 -13.62 -15.10
N PHE F 96 17.40 -14.54 -14.15
CA PHE F 96 16.44 -15.62 -13.94
C PHE F 96 15.17 -15.11 -13.28
N GLY F 97 15.29 -14.11 -12.40
CA GLY F 97 14.11 -13.51 -11.80
C GLY F 97 13.22 -12.82 -12.81
N ARG F 98 13.81 -12.29 -13.88
CA ARG F 98 13.01 -11.69 -14.95
C ARG F 98 12.33 -12.77 -15.79
N LEU F 99 13.06 -13.84 -16.14
CA LEU F 99 12.47 -14.91 -16.93
C LEU F 99 11.45 -15.71 -16.14
N LEU F 100 11.52 -15.69 -14.80
CA LEU F 100 10.45 -16.26 -13.99
C LEU F 100 9.24 -15.34 -13.93
N ARG F 101 9.47 -14.03 -14.01
CA ARG F 101 8.37 -13.07 -14.02
C ARG F 101 7.63 -13.05 -15.36
N GLU F 102 8.35 -13.33 -16.45
CA GLU F 102 7.80 -13.17 -17.79
C GLU F 102 7.39 -14.48 -18.44
N ASP F 103 8.02 -15.60 -18.08
CA ASP F 103 7.75 -16.88 -18.73
C ASP F 103 7.29 -17.96 -17.76
N PHE F 104 8.01 -18.17 -16.66
CA PHE F 104 7.77 -19.28 -15.76
C PHE F 104 6.89 -18.90 -14.57
N LYS F 105 6.08 -17.84 -14.69
CA LYS F 105 5.28 -17.41 -13.55
C LYS F 105 4.14 -18.37 -13.24
N PRO F 106 3.32 -18.82 -14.21
CA PRO F 106 2.29 -19.81 -13.88
C PRO F 106 2.82 -21.20 -13.57
N TYR F 107 4.15 -21.40 -13.62
CA TYR F 107 4.75 -22.70 -13.35
C TYR F 107 5.65 -22.67 -12.12
N ARG F 108 5.51 -21.65 -11.27
CA ARG F 108 6.39 -21.52 -10.11
C ARG F 108 6.21 -22.69 -9.15
N ASP F 109 4.97 -23.08 -8.88
CA ASP F 109 4.72 -24.19 -7.96
C ASP F 109 5.14 -25.53 -8.54
N GLU F 110 5.53 -25.59 -9.82
CA GLU F 110 6.08 -26.79 -10.42
C GLU F 110 7.61 -26.78 -10.45
N LEU F 111 8.24 -25.65 -10.14
CA LEU F 111 9.68 -25.50 -10.23
C LEU F 111 10.33 -25.63 -8.86
N ILE F 112 11.61 -25.98 -8.87
CA ILE F 112 12.43 -26.09 -7.67
C ILE F 112 13.63 -25.17 -7.84
N LEU F 113 13.64 -24.07 -7.11
CA LEU F 113 14.72 -23.09 -7.18
C LEU F 113 15.57 -23.17 -5.91
N SER F 114 16.86 -22.92 -6.07
CA SER F 114 17.80 -23.00 -4.95
C SER F 114 18.83 -21.89 -5.07
N THR F 115 19.28 -21.40 -3.92
CA THR F 115 20.30 -20.37 -3.86
C THR F 115 21.30 -20.72 -2.76
N LYS F 116 22.50 -20.16 -2.88
CA LYS F 116 23.59 -20.45 -1.97
C LYS F 116 24.18 -19.15 -1.45
N ALA F 117 25.01 -19.27 -0.41
CA ALA F 117 25.70 -18.13 0.17
C ALA F 117 26.93 -18.63 0.91
N GLY F 118 28.12 -18.21 0.46
CA GLY F 118 29.34 -18.64 1.10
C GLY F 118 30.60 -18.04 0.50
N TRP F 119 30.59 -17.81 -0.81
CA TRP F 119 31.77 -17.28 -1.49
C TRP F 119 31.82 -15.76 -1.43
N ASP F 120 32.47 -15.14 -2.41
CA ASP F 120 32.66 -13.69 -2.42
C ASP F 120 31.53 -13.03 -3.22
N MET F 121 30.94 -12.00 -2.63
CA MET F 121 29.83 -11.29 -3.28
C MET F 121 30.10 -9.79 -3.35
N TRP F 122 30.05 -9.12 -2.20
CA TRP F 122 30.29 -7.68 -2.11
C TRP F 122 31.51 -7.41 -1.26
N PRO F 123 32.17 -6.26 -1.45
CA PRO F 123 33.41 -5.98 -0.72
C PRO F 123 33.19 -5.90 0.79
N GLY F 124 34.22 -6.28 1.54
CA GLY F 124 34.18 -6.21 2.97
C GLY F 124 34.33 -7.58 3.61
N PRO F 125 34.72 -7.61 4.89
CA PRO F 125 34.84 -8.89 5.60
C PRO F 125 33.50 -9.56 5.87
N TYR F 126 32.39 -8.86 5.67
CA TYR F 126 31.06 -9.43 5.82
C TYR F 126 30.47 -9.90 4.51
N GLY F 127 31.17 -9.73 3.39
CA GLY F 127 30.64 -10.11 2.10
C GLY F 127 31.61 -10.91 1.25
N GLN F 128 32.74 -11.30 1.84
CA GLN F 128 33.73 -12.11 1.14
C GLN F 128 34.29 -13.15 2.09
N GLY F 129 34.15 -14.42 1.72
CA GLY F 129 34.68 -15.51 2.53
C GLY F 129 34.05 -15.62 3.89
N GLY F 130 32.76 -15.92 3.95
CA GLY F 130 32.07 -16.04 5.21
C GLY F 130 30.83 -16.91 5.10
N SER F 131 30.41 -17.44 6.24
CA SER F 131 29.19 -18.23 6.33
C SER F 131 28.50 -17.99 7.67
N SER F 132 28.63 -16.78 8.21
CA SER F 132 28.05 -16.44 9.50
C SER F 132 26.55 -16.16 9.37
N ARG F 133 25.90 -15.95 10.51
CA ARG F 133 24.48 -15.61 10.51
C ARG F 133 24.24 -14.26 9.83
N LYS F 134 25.18 -13.32 10.01
CA LYS F 134 25.06 -12.02 9.36
C LYS F 134 25.11 -12.14 7.83
N TYR F 135 26.04 -12.95 7.32
CA TYR F 135 26.22 -13.06 5.88
C TYR F 135 25.14 -13.92 5.23
N LEU F 136 24.73 -15.01 5.90
CA LEU F 136 23.78 -15.93 5.30
C LEU F 136 22.40 -15.30 5.16
N LEU F 137 21.92 -14.63 6.21
CA LEU F 137 20.58 -14.06 6.15
C LEU F 137 20.53 -12.83 5.25
N SER F 138 21.60 -12.02 5.27
CA SER F 138 21.63 -10.84 4.40
C SER F 138 21.72 -11.23 2.93
N SER F 139 22.44 -12.31 2.62
CA SER F 139 22.54 -12.76 1.24
C SER F 139 21.32 -13.54 0.79
N LEU F 140 20.57 -14.13 1.72
CA LEU F 140 19.31 -14.77 1.35
C LEU F 140 18.26 -13.73 1.01
N ASP F 141 18.18 -12.65 1.81
CA ASP F 141 17.29 -11.54 1.48
C ASP F 141 17.74 -10.85 0.19
N GLN F 142 19.03 -10.89 -0.11
CA GLN F 142 19.51 -10.31 -1.37
C GLN F 142 19.09 -11.15 -2.55
N SER F 143 19.07 -12.48 -2.40
CA SER F 143 18.63 -13.34 -3.49
C SER F 143 17.12 -13.34 -3.67
N LEU F 144 16.36 -13.19 -2.58
CA LEU F 144 14.91 -13.17 -2.69
C LEU F 144 14.41 -11.91 -3.37
N GLN F 145 15.13 -10.78 -3.22
CA GLN F 145 14.72 -9.56 -3.89
C GLN F 145 15.19 -9.51 -5.33
N ARG F 146 16.26 -10.24 -5.67
CA ARG F 146 16.71 -10.30 -7.05
C ARG F 146 15.88 -11.30 -7.86
N LEU F 147 15.50 -12.42 -7.25
CA LEU F 147 14.70 -13.42 -7.94
C LEU F 147 13.23 -13.00 -8.04
N GLY F 148 12.76 -12.17 -7.12
CA GLY F 148 11.35 -11.82 -7.11
C GLY F 148 10.44 -12.93 -6.64
N VAL F 149 10.95 -13.85 -5.83
CA VAL F 149 10.17 -14.97 -5.32
C VAL F 149 9.95 -14.77 -3.81
N ASP F 150 8.87 -15.38 -3.32
CA ASP F 150 8.57 -15.30 -1.89
C ASP F 150 9.54 -16.13 -1.07
N TYR F 151 10.02 -17.25 -1.63
CA TYR F 151 10.91 -18.15 -0.92
C TYR F 151 11.67 -18.98 -1.92
N VAL F 152 12.75 -19.61 -1.44
CA VAL F 152 13.52 -20.57 -2.23
C VAL F 152 13.23 -21.96 -1.68
N ASP F 153 13.37 -22.97 -2.54
CA ASP F 153 13.09 -24.34 -2.13
C ASP F 153 14.26 -24.93 -1.35
N ILE F 154 15.48 -24.69 -1.79
CA ILE F 154 16.70 -25.14 -1.11
C ILE F 154 17.61 -23.94 -0.92
N PHE F 155 18.21 -23.84 0.27
CA PHE F 155 19.15 -22.76 0.58
C PHE F 155 20.43 -23.41 1.10
N TYR F 156 21.41 -23.56 0.20
CA TYR F 156 22.67 -24.20 0.54
C TYR F 156 23.57 -23.24 1.32
N SER F 157 24.62 -23.82 1.89
CA SER F 157 25.79 -23.06 2.34
C SER F 157 26.89 -23.33 1.32
N HIS F 158 27.27 -22.28 0.58
CA HIS F 158 28.07 -22.48 -0.63
C HIS F 158 29.43 -23.10 -0.33
N ARG F 159 29.99 -22.83 0.85
CA ARG F 159 31.29 -23.40 1.21
C ARG F 159 31.33 -23.63 2.71
N PHE F 160 32.37 -24.33 3.14
CA PHE F 160 32.62 -24.58 4.56
C PHE F 160 33.54 -23.49 5.10
N ASP F 161 33.01 -22.63 5.96
CA ASP F 161 33.80 -21.61 6.63
C ASP F 161 34.29 -22.18 7.96
N ALA F 162 35.56 -22.58 8.01
CA ALA F 162 36.12 -23.16 9.21
C ALA F 162 36.19 -22.15 10.36
N ASP F 163 36.15 -20.86 10.06
CA ASP F 163 36.19 -19.85 11.12
C ASP F 163 34.85 -19.77 11.86
N THR F 164 33.75 -19.76 11.11
CA THR F 164 32.43 -19.68 11.72
C THR F 164 32.06 -21.02 12.34
N PRO F 165 31.60 -21.04 13.59
CA PRO F 165 31.13 -22.31 14.17
C PRO F 165 29.88 -22.81 13.46
N LEU F 166 29.82 -24.12 13.27
CA LEU F 166 28.70 -24.70 12.52
C LEU F 166 27.38 -24.60 13.26
N GLU F 167 27.40 -24.33 14.57
CA GLU F 167 26.15 -24.13 15.29
C GLU F 167 25.49 -22.81 14.89
N GLU F 168 26.31 -21.79 14.62
CA GLU F 168 25.78 -20.52 14.14
C GLU F 168 25.25 -20.65 12.71
N THR F 169 25.97 -21.39 11.87
CA THR F 169 25.49 -21.62 10.51
C THR F 169 24.20 -22.44 10.50
N ALA F 170 24.12 -23.47 11.34
CA ALA F 170 22.89 -24.23 11.45
C ALA F 170 21.74 -23.38 11.99
N GLY F 171 22.03 -22.45 12.90
CA GLY F 171 21.00 -21.56 13.39
C GLY F 171 20.53 -20.58 12.35
N ALA F 172 21.41 -20.20 11.41
CA ALA F 172 21.00 -19.31 10.34
C ALA F 172 20.11 -20.04 9.33
N LEU F 173 20.51 -21.25 8.95
CA LEU F 173 19.67 -22.05 8.05
C LEU F 173 18.34 -22.41 8.71
N ALA F 174 18.35 -22.61 10.03
CA ALA F 174 17.10 -22.91 10.73
C ALA F 174 16.19 -21.70 10.79
N SER F 175 16.75 -20.51 11.05
CA SER F 175 15.95 -19.30 11.05
C SER F 175 15.39 -18.99 9.67
N ALA F 176 16.09 -19.39 8.62
CA ALA F 176 15.59 -19.16 7.26
C ALA F 176 14.37 -20.03 6.97
N VAL F 177 14.36 -21.27 7.47
CA VAL F 177 13.23 -22.16 7.24
C VAL F 177 12.05 -21.77 8.12
N GLN F 178 12.32 -21.32 9.34
CA GLN F 178 11.24 -20.90 10.24
C GLN F 178 10.58 -19.62 9.75
N GLN F 179 11.32 -18.74 9.08
CA GLN F 179 10.78 -17.49 8.58
C GLN F 179 10.06 -17.64 7.24
N GLY F 180 9.87 -18.86 6.75
CA GLY F 180 9.18 -19.09 5.50
C GLY F 180 9.92 -18.65 4.26
N LYS F 181 11.22 -18.40 4.35
CA LYS F 181 12.02 -18.02 3.19
C LYS F 181 12.72 -19.20 2.53
N ALA F 182 12.71 -20.37 3.16
CA ALA F 182 13.33 -21.56 2.60
C ALA F 182 12.56 -22.79 3.06
N LEU F 183 12.17 -23.65 2.12
CA LEU F 183 11.46 -24.87 2.49
C LEU F 183 12.41 -25.93 3.03
N TYR F 184 13.59 -26.05 2.43
CA TYR F 184 14.62 -26.98 2.88
C TYR F 184 15.96 -26.26 2.88
N VAL F 185 16.98 -26.95 3.41
CA VAL F 185 18.34 -26.43 3.46
C VAL F 185 19.30 -27.53 3.05
N GLY F 186 20.56 -27.15 2.86
CA GLY F 186 21.59 -28.10 2.49
C GLY F 186 22.96 -27.47 2.62
N ILE F 187 23.97 -28.25 2.23
CA ILE F 187 25.36 -27.81 2.28
C ILE F 187 26.02 -28.13 0.95
N SER F 188 27.09 -27.40 0.66
CA SER F 188 27.81 -27.52 -0.61
C SER F 188 29.30 -27.61 -0.33
N SER F 189 29.93 -28.68 -0.81
CA SER F 189 31.37 -28.90 -0.67
C SER F 189 31.80 -28.85 0.79
N TYR F 190 31.09 -29.59 1.63
CA TYR F 190 31.41 -29.72 3.04
C TYR F 190 32.15 -31.02 3.30
N SER F 191 32.98 -31.02 4.36
CA SER F 191 33.69 -32.22 4.75
C SER F 191 32.71 -33.31 5.16
N ALA F 192 33.17 -34.56 5.05
CA ALA F 192 32.31 -35.69 5.41
C ALA F 192 31.96 -35.67 6.90
N ALA F 193 32.92 -35.28 7.75
CA ALA F 193 32.65 -35.22 9.18
C ALA F 193 31.88 -33.97 9.56
N ARG F 194 32.14 -32.84 8.88
CA ARG F 194 31.39 -31.63 9.15
C ARG F 194 29.95 -31.74 8.67
N THR F 195 29.70 -32.58 7.68
CA THR F 195 28.32 -32.84 7.26
C THR F 195 27.54 -33.52 8.38
N ARG F 196 28.15 -34.50 9.05
CA ARG F 196 27.51 -35.14 10.19
C ARG F 196 27.29 -34.16 11.34
N GLU F 197 28.21 -33.20 11.50
CA GLU F 197 28.08 -32.23 12.58
C GLU F 197 26.90 -31.30 12.34
N ILE F 198 26.88 -30.62 11.19
CA ILE F 198 25.86 -29.62 10.94
C ILE F 198 24.48 -30.27 10.79
N ALA F 199 24.42 -31.50 10.28
CA ALA F 199 23.14 -32.18 10.13
C ALA F 199 22.52 -32.48 11.49
N ALA F 200 23.34 -32.90 12.45
CA ALA F 200 22.85 -33.11 13.81
C ALA F 200 22.49 -31.80 14.48
N LEU F 201 23.18 -30.71 14.12
CA LEU F 201 22.82 -29.40 14.65
C LEU F 201 21.50 -28.90 14.08
N LEU F 202 21.19 -29.26 12.84
CA LEU F 202 19.87 -28.96 12.30
C LEU F 202 18.79 -29.81 12.96
N ARG F 203 19.14 -31.03 13.38
CA ARG F 203 18.18 -31.88 14.08
C ARG F 203 17.78 -31.29 15.42
N ALA F 204 18.66 -30.50 16.05
CA ALA F 204 18.29 -29.83 17.28
C ALA F 204 17.20 -28.80 17.04
N TRP F 205 17.26 -28.10 15.91
CA TRP F 205 16.21 -27.17 15.51
C TRP F 205 15.00 -27.86 14.89
N LYS F 206 15.01 -29.19 14.84
CA LYS F 206 13.90 -29.98 14.29
C LYS F 206 13.63 -29.62 12.83
N VAL F 207 14.71 -29.38 12.08
CA VAL F 207 14.64 -29.14 10.65
C VAL F 207 15.60 -30.10 9.96
N PRO F 208 15.12 -31.02 9.12
CA PRO F 208 16.02 -32.01 8.54
C PRO F 208 16.91 -31.42 7.46
N LEU F 209 18.04 -32.10 7.23
CA LEU F 209 18.91 -31.76 6.13
C LEU F 209 18.41 -32.44 4.86
N LEU F 210 18.32 -31.67 3.78
CA LEU F 210 17.70 -32.18 2.56
C LEU F 210 18.70 -32.81 1.61
N ILE F 211 19.77 -32.08 1.25
CA ILE F 211 20.62 -32.50 0.15
C ILE F 211 22.02 -31.93 0.36
N HIS F 212 23.02 -32.69 -0.09
CA HIS F 212 24.42 -32.29 -0.07
C HIS F 212 24.92 -32.21 -1.50
N GLN F 213 25.69 -31.16 -1.81
CA GLN F 213 26.16 -30.92 -3.16
C GLN F 213 27.67 -31.04 -3.23
N PRO F 214 28.22 -32.23 -3.51
CA PRO F 214 29.66 -32.35 -3.73
C PRO F 214 30.02 -32.36 -5.20
N ALA F 215 31.26 -31.98 -5.51
CA ALA F 215 31.74 -32.05 -6.89
C ALA F 215 32.02 -33.50 -7.27
N TYR F 216 31.03 -34.17 -7.87
CA TYR F 216 31.10 -35.59 -8.18
C TYR F 216 31.17 -35.76 -9.69
N ASN F 217 32.27 -36.33 -10.16
CA ASN F 217 32.44 -36.68 -11.57
C ASN F 217 33.44 -37.82 -11.67
N LEU F 218 33.88 -38.13 -12.89
CA LEU F 218 34.79 -39.23 -13.13
C LEU F 218 36.24 -38.92 -12.77
N PHE F 219 36.59 -37.64 -12.60
CA PHE F 219 37.95 -37.26 -12.25
C PHE F 219 38.04 -36.67 -10.85
N ASN F 220 36.99 -36.82 -10.04
CA ASN F 220 37.02 -36.36 -8.65
C ASN F 220 36.17 -37.33 -7.83
N ARG F 221 36.82 -38.06 -6.92
CA ARG F 221 36.17 -39.05 -6.09
C ARG F 221 35.89 -38.55 -4.67
N TRP F 222 35.87 -37.22 -4.49
CA TRP F 222 35.64 -36.55 -3.22
C TRP F 222 34.51 -37.18 -2.41
N ALA F 223 33.38 -37.47 -3.06
CA ALA F 223 32.19 -37.97 -2.38
C ALA F 223 32.20 -39.48 -2.16
N GLU F 224 32.86 -40.25 -3.03
CA GLU F 224 32.80 -41.71 -2.93
C GLU F 224 33.46 -42.24 -1.67
N HIS F 225 34.29 -41.44 -1.00
CA HIS F 225 35.02 -41.88 0.19
C HIS F 225 34.42 -41.21 1.43
N GLU F 226 33.85 -42.02 2.31
CA GLU F 226 33.41 -41.64 3.66
C GLU F 226 32.24 -40.66 3.66
N LEU F 227 31.76 -40.21 2.49
CA LEU F 227 30.68 -39.23 2.43
C LEU F 227 29.33 -39.85 2.11
N PHE F 228 29.27 -40.78 1.15
CA PHE F 228 27.99 -41.42 0.83
C PHE F 228 27.49 -42.28 1.98
N ASP F 229 28.39 -42.79 2.81
CA ASP F 229 27.97 -43.51 4.01
C ASP F 229 27.30 -42.55 5.00
N ALA F 230 27.68 -41.28 4.98
CA ALA F 230 27.09 -40.32 5.90
C ALA F 230 25.77 -39.74 5.37
N THR F 231 25.67 -39.55 4.06
CA THR F 231 24.46 -38.98 3.48
C THR F 231 23.30 -39.96 3.53
N ALA F 232 23.58 -41.26 3.45
CA ALA F 232 22.51 -42.24 3.47
C ALA F 232 21.94 -42.41 4.88
N GLU F 233 22.81 -42.45 5.89
CA GLU F 233 22.32 -42.58 7.27
C GLU F 233 21.55 -41.34 7.71
N LEU F 234 22.01 -40.16 7.30
CA LEU F 234 21.30 -38.93 7.63
C LEU F 234 20.01 -38.78 6.83
N GLY F 235 19.84 -39.55 5.76
CA GLY F 235 18.66 -39.44 4.93
C GLY F 235 18.71 -38.33 3.90
N ALA F 236 19.84 -37.65 3.76
CA ALA F 236 19.96 -36.55 2.82
C ALA F 236 20.37 -37.08 1.44
N GLY F 237 19.94 -36.35 0.41
CA GLY F 237 20.30 -36.67 -0.95
C GLY F 237 21.64 -36.07 -1.35
N VAL F 238 22.00 -36.31 -2.61
CA VAL F 238 23.26 -35.84 -3.17
C VAL F 238 23.00 -35.37 -4.60
N ILE F 239 23.52 -34.20 -4.94
CA ILE F 239 23.48 -33.68 -6.30
C ILE F 239 24.91 -33.39 -6.74
N ALA F 240 25.25 -33.83 -7.95
CA ALA F 240 26.63 -33.79 -8.43
C ALA F 240 26.90 -32.45 -9.13
N PHE F 241 27.78 -31.64 -8.56
CA PHE F 241 28.21 -30.42 -9.20
C PHE F 241 29.31 -30.71 -10.21
N THR F 242 29.18 -30.11 -11.40
CA THR F 242 30.06 -30.32 -12.55
C THR F 242 30.34 -31.80 -12.77
N PRO F 243 29.36 -32.58 -13.26
CA PRO F 243 29.61 -34.00 -13.50
C PRO F 243 30.45 -34.28 -14.73
N LEU F 244 30.74 -33.26 -15.55
CA LEU F 244 31.55 -33.41 -16.75
C LEU F 244 32.94 -32.81 -16.60
N ALA F 245 33.40 -32.62 -15.35
CA ALA F 245 34.73 -32.09 -15.07
C ALA F 245 34.97 -30.75 -15.75
N GLN F 246 33.96 -29.88 -15.71
CA GLN F 246 34.03 -28.54 -16.28
C GLN F 246 34.39 -28.58 -17.77
N GLY F 247 33.64 -29.40 -18.53
CA GLY F 247 33.84 -29.52 -19.95
C GLY F 247 34.96 -30.45 -20.36
N LEU F 248 35.64 -31.09 -19.42
CA LEU F 248 36.72 -32.01 -19.80
C LEU F 248 36.18 -33.29 -20.41
N LEU F 249 34.97 -33.69 -20.04
CA LEU F 249 34.33 -34.88 -20.58
C LEU F 249 33.31 -34.50 -21.66
N THR F 250 33.81 -33.86 -22.71
CA THR F 250 32.98 -33.41 -23.82
C THR F 250 33.60 -33.79 -25.16
N ARG F 283 43.59 -40.23 -20.48
CA ARG F 283 42.63 -41.00 -19.68
C ARG F 283 41.22 -40.80 -20.22
N ALA F 284 40.90 -39.56 -20.60
CA ALA F 284 39.58 -39.28 -21.17
C ALA F 284 39.44 -39.87 -22.57
N ARG F 285 40.52 -39.88 -23.35
CA ARG F 285 40.47 -40.47 -24.69
C ARG F 285 40.22 -41.98 -24.62
N GLY F 286 40.67 -42.63 -23.53
CA GLY F 286 40.39 -44.04 -23.37
C GLY F 286 38.93 -44.29 -22.99
N LEU F 287 38.35 -43.41 -22.18
CA LEU F 287 36.95 -43.53 -21.83
C LEU F 287 36.03 -43.27 -23.02
N ASP F 288 36.50 -42.48 -23.98
CA ASP F 288 35.70 -42.23 -25.18
C ASP F 288 35.52 -43.50 -26.00
N ALA F 289 36.53 -44.38 -26.00
CA ALA F 289 36.39 -45.66 -26.68
C ALA F 289 35.37 -46.55 -25.98
N ILE F 290 35.28 -46.47 -24.65
CA ILE F 290 34.25 -47.22 -23.94
C ILE F 290 32.87 -46.66 -24.25
N ALA F 291 32.77 -45.34 -24.44
CA ALA F 291 31.50 -44.74 -24.83
C ALA F 291 31.09 -45.17 -26.23
N ARG F 292 32.06 -45.32 -27.13
CA ARG F 292 31.76 -45.77 -28.48
C ARG F 292 31.35 -47.25 -28.52
N GLY F 293 31.67 -48.01 -27.47
CA GLY F 293 31.20 -49.38 -27.40
C GLY F 293 29.70 -49.51 -27.20
N ARG F 294 29.05 -48.43 -26.78
CA ARG F 294 27.60 -48.39 -26.59
C ARG F 294 27.04 -47.19 -27.34
N GLY F 295 25.74 -46.98 -27.21
CA GLY F 295 25.07 -45.90 -27.91
C GLY F 295 25.10 -44.58 -27.17
N GLN F 296 26.28 -44.17 -26.72
CA GLN F 296 26.44 -42.92 -25.99
C GLN F 296 27.75 -42.26 -26.38
N SER F 297 27.86 -40.97 -26.05
CA SER F 297 29.06 -40.20 -26.27
C SER F 297 29.87 -40.14 -24.98
N LEU F 298 30.96 -39.36 -25.00
CA LEU F 298 31.77 -39.21 -23.79
C LEU F 298 31.00 -38.48 -22.69
N ALA F 299 30.26 -37.44 -23.05
CA ALA F 299 29.48 -36.71 -22.06
C ALA F 299 28.30 -37.52 -21.59
N GLN F 300 27.65 -38.26 -22.50
CA GLN F 300 26.50 -39.08 -22.11
C GLN F 300 26.91 -40.23 -21.20
N LEU F 301 28.11 -40.77 -21.39
CA LEU F 301 28.58 -41.85 -20.53
C LEU F 301 28.87 -41.33 -19.12
N ALA F 302 29.40 -40.11 -19.01
CA ALA F 302 29.69 -39.54 -17.70
C ALA F 302 28.41 -39.30 -16.91
N LEU F 303 27.36 -38.81 -17.58
CA LEU F 303 26.10 -38.57 -16.90
C LEU F 303 25.48 -39.87 -16.41
N ALA F 304 25.58 -40.94 -17.20
CA ALA F 304 25.03 -42.21 -16.79
C ALA F 304 25.82 -42.85 -15.66
N TRP F 305 27.13 -42.60 -15.61
CA TRP F 305 27.96 -43.16 -14.54
C TRP F 305 27.74 -42.46 -13.21
N VAL F 306 27.48 -41.14 -13.23
CA VAL F 306 27.18 -40.44 -11.98
C VAL F 306 25.79 -40.82 -11.47
N LEU F 307 24.84 -41.02 -12.39
CA LEU F 307 23.50 -41.44 -12.04
C LEU F 307 23.34 -42.96 -11.99
N ARG F 308 24.46 -43.70 -11.94
CA ARG F 308 24.39 -45.15 -11.95
C ARG F 308 23.84 -45.72 -10.64
N ASP F 309 23.71 -44.92 -9.60
CA ASP F 309 23.27 -45.39 -8.29
C ASP F 309 22.21 -44.44 -7.75
N ALA F 310 21.35 -44.99 -6.89
CA ALA F 310 20.22 -44.22 -6.37
C ALA F 310 20.63 -43.19 -5.33
N ARG F 311 21.80 -43.34 -4.70
CA ARG F 311 22.23 -42.36 -3.71
C ARG F 311 22.56 -41.01 -4.33
N VAL F 312 22.67 -40.94 -5.65
CA VAL F 312 22.84 -39.69 -6.37
C VAL F 312 21.50 -39.31 -6.97
N SER F 313 20.98 -38.14 -6.60
CA SER F 313 19.66 -37.70 -7.02
C SER F 313 19.67 -37.01 -8.38
N SER F 314 20.68 -36.20 -8.66
CA SER F 314 20.76 -35.48 -9.92
C SER F 314 22.19 -35.02 -10.13
N ALA F 315 22.44 -34.48 -11.33
CA ALA F 315 23.74 -33.91 -11.69
C ALA F 315 23.51 -32.58 -12.38
N LEU F 316 24.05 -31.51 -11.80
CA LEU F 316 23.88 -30.17 -12.35
C LEU F 316 24.55 -30.07 -13.72
N LEU F 317 23.73 -30.13 -14.78
CA LEU F 317 24.25 -30.10 -16.14
C LEU F 317 24.93 -28.77 -16.43
N GLY F 318 24.15 -27.68 -16.44
CA GLY F 318 24.69 -26.37 -16.73
C GLY F 318 25.18 -26.24 -18.15
N ALA F 319 24.33 -26.61 -19.11
CA ALA F 319 24.72 -26.57 -20.51
C ALA F 319 24.72 -25.11 -21.01
N SER F 320 25.09 -24.95 -22.28
CA SER F 320 25.13 -23.65 -22.93
C SER F 320 24.10 -23.53 -24.04
N ARG F 321 24.15 -24.45 -25.02
CA ARG F 321 23.22 -24.42 -26.14
C ARG F 321 22.01 -25.32 -25.86
N PRO F 322 20.88 -25.06 -26.52
CA PRO F 322 19.68 -25.89 -26.28
C PRO F 322 19.75 -27.24 -26.98
N GLU F 323 20.36 -27.28 -28.18
CA GLU F 323 20.41 -28.51 -28.94
C GLU F 323 21.28 -29.57 -28.26
N GLN F 324 22.36 -29.15 -27.59
CA GLN F 324 23.15 -30.09 -26.82
C GLN F 324 22.44 -30.52 -25.54
N LEU F 325 21.48 -29.72 -25.05
CA LEU F 325 20.74 -30.09 -23.87
C LEU F 325 19.77 -31.24 -24.16
N ILE F 326 19.20 -31.26 -25.37
CA ILE F 326 18.29 -32.33 -25.74
C ILE F 326 19.03 -33.66 -25.83
N GLU F 327 20.32 -33.63 -26.19
CA GLU F 327 21.11 -34.85 -26.29
C GLU F 327 21.69 -35.28 -24.95
N ASN F 328 22.03 -34.33 -24.08
CA ASN F 328 22.45 -34.71 -22.73
C ASN F 328 21.28 -35.31 -21.94
N VAL F 329 20.11 -34.68 -22.02
CA VAL F 329 18.91 -35.27 -21.45
C VAL F 329 18.51 -36.48 -22.28
N ALA F 330 17.80 -37.43 -21.65
CA ALA F 330 17.39 -38.69 -22.26
C ALA F 330 18.62 -39.53 -22.61
N ALA F 331 19.43 -39.79 -21.59
CA ALA F 331 20.53 -40.73 -21.67
C ALA F 331 20.37 -41.88 -20.69
N LEU F 332 19.23 -41.96 -20.01
CA LEU F 332 18.98 -43.02 -19.04
C LEU F 332 18.42 -44.27 -19.69
N GLN F 333 17.84 -44.17 -20.89
CA GLN F 333 17.31 -45.34 -21.57
C GLN F 333 18.39 -46.33 -21.96
N ALA F 334 19.65 -45.90 -22.01
CA ALA F 334 20.74 -46.82 -22.28
C ALA F 334 20.79 -47.89 -21.20
N PRO F 335 21.18 -49.13 -21.55
CA PRO F 335 21.15 -50.20 -20.57
C PRO F 335 22.23 -50.01 -19.53
N PRO F 336 21.98 -50.39 -18.27
CA PRO F 336 22.96 -50.17 -17.21
C PRO F 336 24.24 -50.95 -17.45
N PHE F 337 25.27 -50.59 -16.69
CA PHE F 337 26.55 -51.26 -16.80
C PHE F 337 26.44 -52.69 -16.29
N SER F 338 27.14 -53.61 -16.97
CA SER F 338 27.05 -55.03 -16.69
C SER F 338 28.13 -55.51 -15.73
N ALA F 339 28.70 -54.61 -14.92
CA ALA F 339 29.85 -54.86 -14.05
C ALA F 339 31.13 -55.06 -14.85
N GLU F 340 31.00 -55.58 -16.08
CA GLU F 340 32.12 -55.59 -17.01
C GLU F 340 32.53 -54.17 -17.36
N GLU F 341 31.57 -53.35 -17.78
CA GLU F 341 31.87 -51.97 -18.17
C GLU F 341 32.26 -51.13 -16.96
N LEU F 342 31.76 -51.46 -15.77
CA LEU F 342 32.13 -50.72 -14.58
C LEU F 342 33.60 -50.89 -14.25
N ALA F 343 34.12 -52.12 -14.38
CA ALA F 343 35.53 -52.36 -14.11
C ALA F 343 36.41 -51.58 -15.07
N GLU F 344 36.02 -51.50 -16.35
CA GLU F 344 36.79 -50.75 -17.33
C GLU F 344 36.80 -49.27 -16.99
N ILE F 345 35.66 -48.72 -16.57
CA ILE F 345 35.58 -47.30 -16.25
C ILE F 345 36.44 -46.97 -15.05
N ASP F 346 36.42 -47.82 -14.02
CA ASP F 346 37.18 -47.54 -12.80
C ASP F 346 38.68 -47.50 -13.06
N ARG F 347 39.16 -48.25 -14.05
CA ARG F 347 40.58 -48.25 -14.37
C ARG F 347 40.98 -46.98 -15.13
N HIS F 348 40.22 -46.62 -16.17
CA HIS F 348 40.58 -45.46 -16.99
C HIS F 348 40.46 -44.17 -16.21
N ALA F 349 39.47 -44.07 -15.33
CA ALA F 349 39.26 -42.87 -14.51
C ALA F 349 39.17 -43.28 -13.05
N VAL F 350 39.91 -42.58 -12.20
CA VAL F 350 39.99 -42.84 -10.76
C VAL F 350 38.68 -43.29 -10.12
N GLY G 18 -28.19 -2.38 0.11
CA GLY G 18 -28.31 -3.38 -0.94
C GLY G 18 -29.59 -4.19 -0.85
N SER G 19 -30.05 -4.68 -2.00
CA SER G 19 -31.28 -5.47 -2.07
C SER G 19 -30.93 -6.95 -2.02
N MET G 20 -31.61 -7.69 -1.13
CA MET G 20 -31.43 -9.12 -0.95
C MET G 20 -29.97 -9.44 -0.61
N ARG G 21 -29.60 -9.05 0.61
CA ARG G 21 -28.34 -9.44 1.22
C ARG G 21 -28.60 -10.50 2.27
N TYR G 22 -27.65 -11.43 2.41
CA TYR G 22 -27.88 -12.58 3.27
C TYR G 22 -27.98 -12.17 4.73
N LEU G 23 -29.08 -12.56 5.37
CA LEU G 23 -29.29 -12.37 6.80
C LEU G 23 -29.56 -13.74 7.39
N ALA G 24 -28.65 -14.21 8.25
CA ALA G 24 -28.79 -15.53 8.86
C ALA G 24 -29.99 -15.56 9.80
N HIS G 25 -30.48 -16.77 10.04
CA HIS G 25 -31.66 -16.95 10.88
C HIS G 25 -31.36 -16.52 12.32
N PRO G 26 -32.32 -15.91 13.01
CA PRO G 26 -32.05 -15.46 14.38
C PRO G 26 -31.84 -16.60 15.36
N ASP G 27 -32.45 -17.77 15.13
CA ASP G 27 -32.36 -18.91 16.02
C ASP G 27 -31.76 -20.11 15.32
N ARG G 28 -30.72 -19.88 14.50
CA ARG G 28 -30.06 -20.96 13.78
C ARG G 28 -29.22 -21.84 14.69
N TYR G 29 -28.91 -21.38 15.91
CA TYR G 29 -28.16 -22.17 16.87
C TYR G 29 -29.06 -22.89 17.86
N ASP G 30 -30.32 -23.14 17.48
CA ASP G 30 -31.26 -23.88 18.31
C ASP G 30 -31.98 -24.97 17.52
N ARG G 31 -31.46 -25.32 16.33
CA ARG G 31 -32.10 -26.30 15.47
C ARG G 31 -31.11 -27.39 15.02
N ILE G 32 -30.00 -27.55 15.74
CA ILE G 32 -29.03 -28.60 15.45
C ILE G 32 -28.16 -28.78 16.68
N ALA G 33 -27.67 -30.00 16.88
CA ALA G 33 -26.80 -30.30 18.00
C ALA G 33 -25.34 -30.09 17.63
N TYR G 34 -24.51 -29.89 18.64
CA TYR G 34 -23.08 -29.68 18.46
C TYR G 34 -22.32 -30.63 19.36
N ARG G 35 -21.30 -31.28 18.81
CA ARG G 35 -20.55 -32.33 19.49
C ARG G 35 -19.08 -31.95 19.59
N ARG G 36 -18.48 -32.26 20.73
CA ARG G 36 -17.07 -31.96 20.94
C ARG G 36 -16.19 -32.84 20.05
N VAL G 37 -15.14 -32.25 19.50
CA VAL G 37 -14.23 -32.98 18.58
C VAL G 37 -13.19 -33.64 19.47
N GLY G 38 -13.55 -34.82 19.99
CA GLY G 38 -12.64 -35.58 20.82
C GLY G 38 -12.33 -34.90 22.15
N ARG G 39 -11.04 -34.65 22.40
CA ARG G 39 -10.64 -33.98 23.62
C ARG G 39 -10.01 -32.63 23.31
N SER G 40 -10.76 -31.76 22.64
CA SER G 40 -10.27 -30.42 22.33
C SER G 40 -11.23 -29.38 22.89
N GLY G 41 -11.22 -28.18 22.30
CA GLY G 41 -12.15 -27.14 22.69
C GLY G 41 -13.06 -26.77 21.54
N LEU G 42 -12.84 -27.41 20.40
CA LEU G 42 -13.60 -27.13 19.19
C LEU G 42 -14.79 -28.07 19.08
N VAL G 43 -15.93 -27.52 18.69
CA VAL G 43 -17.13 -28.31 18.43
C VAL G 43 -17.39 -28.29 16.93
N LEU G 44 -18.31 -29.16 16.50
CA LEU G 44 -18.78 -29.22 15.13
C LEU G 44 -20.26 -29.55 15.15
N PRO G 45 -21.02 -29.04 14.17
CA PRO G 45 -22.42 -29.45 14.06
C PRO G 45 -22.52 -30.95 13.82
N ALA G 46 -23.62 -31.55 14.30
CA ALA G 46 -23.82 -32.98 14.13
C ALA G 46 -23.76 -33.37 12.66
N LEU G 47 -24.18 -32.48 11.77
CA LEU G 47 -24.10 -32.70 10.33
C LEU G 47 -23.35 -31.52 9.71
N SER G 48 -22.30 -31.83 8.97
CA SER G 48 -21.51 -30.83 8.27
C SER G 48 -21.79 -30.89 6.77
N LEU G 49 -21.33 -29.86 6.07
CA LEU G 49 -21.53 -29.74 4.62
C LEU G 49 -20.18 -29.93 3.93
N GLY G 50 -20.11 -30.91 3.04
CA GLY G 50 -18.91 -31.14 2.27
C GLY G 50 -19.07 -30.73 0.82
N LEU G 51 -18.29 -29.75 0.39
CA LEU G 51 -18.39 -29.22 -0.97
C LEU G 51 -17.63 -30.08 -1.99
N TRP G 52 -17.77 -31.40 -1.90
CA TRP G 52 -17.11 -32.29 -2.85
C TRP G 52 -17.73 -32.19 -4.23
N HIS G 53 -19.07 -32.10 -4.30
CA HIS G 53 -19.78 -32.05 -5.56
C HIS G 53 -20.76 -30.89 -5.55
N ASN G 54 -21.24 -30.54 -6.75
CA ASN G 54 -22.22 -29.47 -6.96
C ASN G 54 -21.71 -28.11 -6.49
N PHE G 55 -20.40 -27.92 -6.42
CA PHE G 55 -19.83 -26.63 -6.04
C PHE G 55 -18.68 -26.20 -6.95
N GLY G 56 -18.44 -26.92 -8.04
CA GLY G 56 -17.49 -26.49 -9.04
C GLY G 56 -18.13 -25.50 -10.00
N ASP G 57 -17.40 -25.23 -11.09
CA ASP G 57 -17.93 -24.34 -12.12
C ASP G 57 -19.03 -24.99 -12.94
N SER G 58 -19.28 -26.29 -12.76
CA SER G 58 -20.35 -26.94 -13.51
C SER G 58 -21.72 -26.57 -12.97
N THR G 59 -21.81 -26.23 -11.69
CA THR G 59 -23.07 -25.93 -11.03
C THR G 59 -23.29 -24.44 -10.95
N PRO G 60 -24.48 -23.94 -11.27
CA PRO G 60 -24.72 -22.49 -11.21
C PRO G 60 -24.55 -21.95 -9.80
N ILE G 61 -24.27 -20.64 -9.73
CA ILE G 61 -24.10 -19.97 -8.45
C ILE G 61 -25.42 -19.93 -7.66
N ASP G 62 -26.56 -19.93 -8.37
CA ASP G 62 -27.86 -19.89 -7.71
C ASP G 62 -28.00 -21.00 -6.68
N THR G 63 -27.73 -22.25 -7.10
CA THR G 63 -27.90 -23.37 -6.19
C THR G 63 -26.81 -23.40 -5.12
N GLN G 64 -25.62 -22.90 -5.43
CA GLN G 64 -24.55 -22.88 -4.44
C GLN G 64 -24.86 -21.89 -3.32
N ARG G 65 -25.33 -20.69 -3.68
CA ARG G 65 -25.67 -19.70 -2.67
C ARG G 65 -26.86 -20.15 -1.83
N ALA G 66 -27.87 -20.74 -2.47
CA ALA G 66 -29.03 -21.23 -1.72
C ALA G 66 -28.66 -22.37 -0.80
N LEU G 67 -27.69 -23.20 -1.19
CA LEU G 67 -27.32 -24.35 -0.38
C LEU G 67 -26.47 -23.95 0.82
N LEU G 68 -25.58 -22.97 0.64
CA LEU G 68 -24.78 -22.49 1.75
C LEU G 68 -25.62 -21.68 2.73
N ARG G 69 -26.58 -20.91 2.23
CA ARG G 69 -27.46 -20.15 3.10
C ARG G 69 -28.38 -21.06 3.90
N THR G 70 -28.93 -22.08 3.25
CA THR G 70 -29.79 -23.03 3.96
C THR G 70 -29.02 -23.81 5.00
N ALA G 71 -27.78 -24.19 4.68
CA ALA G 71 -26.95 -24.91 5.65
C ALA G 71 -26.64 -24.04 6.87
N PHE G 72 -26.39 -22.75 6.65
CA PHE G 72 -26.07 -21.87 7.77
C PHE G 72 -27.32 -21.49 8.57
N ASP G 73 -28.48 -21.49 7.92
CA ASP G 73 -29.72 -21.25 8.66
C ASP G 73 -30.12 -22.45 9.50
N LEU G 74 -29.73 -23.65 9.08
CA LEU G 74 -30.00 -24.85 9.86
C LEU G 74 -29.06 -25.01 11.04
N GLY G 75 -27.89 -24.37 11.00
CA GLY G 75 -26.91 -24.50 12.05
C GLY G 75 -25.60 -25.14 11.62
N ILE G 76 -25.50 -25.60 10.37
CA ILE G 76 -24.25 -26.15 9.88
C ILE G 76 -23.24 -25.03 9.75
N THR G 77 -22.17 -25.11 10.53
CA THR G 77 -21.12 -24.10 10.52
C THR G 77 -19.81 -24.60 9.94
N HIS G 78 -19.65 -25.90 9.76
CA HIS G 78 -18.41 -26.48 9.25
C HIS G 78 -18.58 -26.79 7.76
N PHE G 79 -17.72 -26.19 6.94
CA PHE G 79 -17.72 -26.39 5.49
C PHE G 79 -16.39 -27.01 5.09
N ASP G 80 -16.43 -28.25 4.61
CA ASP G 80 -15.23 -28.99 4.27
C ASP G 80 -14.89 -28.78 2.79
N LEU G 81 -13.70 -28.28 2.54
CA LEU G 81 -13.19 -28.06 1.19
C LEU G 81 -11.87 -28.78 1.00
N ALA G 82 -11.41 -28.81 -0.25
CA ALA G 82 -10.15 -29.48 -0.58
C ALA G 82 -9.57 -28.81 -1.81
N ASN G 83 -8.31 -29.13 -2.09
CA ASN G 83 -7.62 -28.52 -3.22
C ASN G 83 -8.16 -29.02 -4.55
N ASN G 84 -8.60 -30.27 -4.62
CA ASN G 84 -9.05 -30.87 -5.88
C ASN G 84 -10.57 -30.88 -6.02
N TYR G 85 -11.29 -30.27 -5.09
CA TYR G 85 -12.75 -30.22 -5.20
C TYR G 85 -13.17 -29.31 -6.33
N GLY G 86 -14.17 -29.74 -7.10
CA GLY G 86 -14.66 -28.99 -8.22
C GLY G 86 -15.92 -29.58 -8.83
N PRO G 87 -15.88 -29.90 -10.12
CA PRO G 87 -14.77 -29.71 -11.07
C PRO G 87 -14.80 -28.33 -11.73
N PRO G 88 -13.67 -27.84 -12.26
CA PRO G 88 -12.33 -28.47 -12.28
C PRO G 88 -11.63 -28.39 -10.93
N TYR G 89 -10.38 -28.83 -10.85
CA TYR G 89 -9.67 -28.86 -9.58
C TYR G 89 -9.42 -27.44 -9.08
N GLY G 90 -9.73 -27.20 -7.80
CA GLY G 90 -9.59 -25.89 -7.21
C GLY G 90 -10.76 -24.96 -7.44
N SER G 91 -11.78 -25.39 -8.20
CA SER G 91 -12.90 -24.50 -8.51
C SER G 91 -13.85 -24.34 -7.33
N ALA G 92 -14.02 -25.38 -6.52
CA ALA G 92 -14.91 -25.26 -5.36
C ALA G 92 -14.38 -24.26 -4.35
N GLU G 93 -13.05 -24.11 -4.25
CA GLU G 93 -12.49 -23.11 -3.35
C GLU G 93 -12.67 -21.70 -3.90
N ILE G 94 -12.66 -21.55 -5.23
CA ILE G 94 -12.87 -20.23 -5.82
C ILE G 94 -14.32 -19.80 -5.65
N ASN G 95 -15.26 -20.73 -5.79
CA ASN G 95 -16.67 -20.38 -5.64
C ASN G 95 -17.03 -20.13 -4.18
N PHE G 96 -16.52 -20.96 -3.26
CA PHE G 96 -16.77 -20.72 -1.85
C PHE G 96 -16.05 -19.45 -1.38
N GLY G 97 -14.95 -19.09 -2.02
CA GLY G 97 -14.28 -17.84 -1.68
C GLY G 97 -15.12 -16.63 -2.05
N ARG G 98 -15.80 -16.70 -3.19
CA ARG G 98 -16.70 -15.62 -3.58
C ARG G 98 -17.93 -15.58 -2.68
N LEU G 99 -18.53 -16.74 -2.41
CA LEU G 99 -19.69 -16.80 -1.54
C LEU G 99 -19.34 -16.34 -0.13
N LEU G 100 -18.08 -16.48 0.27
CA LEU G 100 -17.66 -15.99 1.58
C LEU G 100 -17.53 -14.47 1.58
N ARG G 101 -17.04 -13.90 0.47
CA ARG G 101 -16.83 -12.46 0.41
C ARG G 101 -18.15 -11.70 0.34
N GLU G 102 -19.14 -12.26 -0.35
CA GLU G 102 -20.38 -11.55 -0.64
C GLU G 102 -21.52 -11.87 0.31
N ASP G 103 -21.42 -12.95 1.09
CA ASP G 103 -22.50 -13.32 2.01
C ASP G 103 -21.99 -13.60 3.41
N PHE G 104 -21.01 -14.50 3.52
CA PHE G 104 -20.53 -14.99 4.82
C PHE G 104 -19.33 -14.20 5.32
N LYS G 105 -19.31 -12.89 5.12
CA LYS G 105 -18.18 -12.08 5.55
C LYS G 105 -18.32 -11.64 7.01
N PRO G 106 -19.47 -11.13 7.46
CA PRO G 106 -19.64 -10.86 8.89
C PRO G 106 -19.84 -12.10 9.74
N TYR G 107 -19.86 -13.29 9.14
CA TYR G 107 -20.04 -14.55 9.87
C TYR G 107 -18.79 -15.41 9.84
N ARG G 108 -17.64 -14.84 9.46
CA ARG G 108 -16.42 -15.64 9.31
C ARG G 108 -15.99 -16.25 10.63
N ASP G 109 -16.03 -15.48 11.72
CA ASP G 109 -15.61 -16.00 13.02
C ASP G 109 -16.58 -17.02 13.59
N GLU G 110 -17.72 -17.25 12.94
CA GLU G 110 -18.66 -18.29 13.36
C GLU G 110 -18.56 -19.56 12.54
N LEU G 111 -17.82 -19.54 11.42
CA LEU G 111 -17.67 -20.69 10.56
C LEU G 111 -16.47 -21.53 10.97
N ILE G 112 -16.39 -22.74 10.41
CA ILE G 112 -15.26 -23.64 10.57
C ILE G 112 -14.92 -24.13 9.17
N LEU G 113 -13.86 -23.57 8.58
CA LEU G 113 -13.44 -23.93 7.24
C LEU G 113 -12.26 -24.89 7.29
N SER G 114 -12.22 -25.84 6.37
CA SER G 114 -11.16 -26.84 6.32
C SER G 114 -10.71 -27.04 4.88
N THR G 115 -9.45 -27.45 4.73
CA THR G 115 -8.85 -27.65 3.42
C THR G 115 -7.78 -28.74 3.52
N LYS G 116 -7.72 -29.61 2.52
CA LYS G 116 -6.79 -30.72 2.47
C LYS G 116 -5.83 -30.54 1.30
N ALA G 117 -4.88 -31.47 1.20
CA ALA G 117 -3.91 -31.46 0.11
C ALA G 117 -3.22 -32.82 0.09
N GLY G 118 -3.43 -33.58 -0.97
CA GLY G 118 -2.81 -34.89 -1.08
C GLY G 118 -2.90 -35.55 -2.43
N TRP G 119 -4.03 -35.40 -3.13
CA TRP G 119 -4.25 -36.09 -4.39
C TRP G 119 -3.73 -35.26 -5.56
N ASP G 120 -4.05 -35.67 -6.78
CA ASP G 120 -3.59 -34.95 -7.97
C ASP G 120 -4.24 -33.57 -8.03
N MET G 121 -3.40 -32.54 -8.15
CA MET G 121 -3.89 -31.16 -8.23
C MET G 121 -3.44 -30.50 -9.52
N TRP G 122 -2.17 -30.12 -9.62
CA TRP G 122 -1.61 -29.53 -10.83
C TRP G 122 -0.55 -30.45 -11.42
N PRO G 123 -0.30 -30.36 -12.73
CA PRO G 123 0.64 -31.29 -13.36
C PRO G 123 2.04 -31.18 -12.79
N GLY G 124 2.73 -32.33 -12.74
CA GLY G 124 4.07 -32.40 -12.21
C GLY G 124 4.16 -33.30 -11.01
N PRO G 125 5.36 -33.81 -10.72
CA PRO G 125 5.56 -34.62 -9.52
C PRO G 125 5.40 -33.84 -8.22
N TYR G 126 5.34 -32.51 -8.28
CA TYR G 126 5.15 -31.68 -7.12
C TYR G 126 3.71 -31.23 -6.93
N GLY G 127 2.79 -31.69 -7.77
CA GLY G 127 1.40 -31.33 -7.66
C GLY G 127 0.45 -32.50 -7.84
N GLN G 128 0.81 -33.43 -8.72
CA GLN G 128 0.03 -34.63 -8.96
C GLN G 128 0.33 -35.63 -7.86
N GLY G 129 -0.36 -35.50 -6.74
CA GLY G 129 -0.19 -36.39 -5.61
C GLY G 129 0.98 -36.02 -4.73
N GLY G 130 1.02 -36.65 -3.56
CA GLY G 130 2.10 -36.46 -2.61
C GLY G 130 1.62 -35.76 -1.34
N SER G 131 2.50 -35.77 -0.35
CA SER G 131 2.30 -35.10 0.93
C SER G 131 3.62 -34.56 1.46
N SER G 132 4.48 -34.10 0.56
CA SER G 132 5.77 -33.55 0.94
C SER G 132 5.60 -32.14 1.49
N ARG G 133 6.68 -31.61 2.06
CA ARG G 133 6.65 -30.28 2.64
C ARG G 133 6.39 -29.21 1.58
N LYS G 134 7.01 -29.37 0.40
CA LYS G 134 6.82 -28.40 -0.66
C LYS G 134 5.39 -28.41 -1.18
N TYR G 135 4.84 -29.60 -1.41
CA TYR G 135 3.50 -29.69 -1.97
C TYR G 135 2.43 -29.27 -0.96
N LEU G 136 2.66 -29.57 0.33
CA LEU G 136 1.66 -29.24 1.34
C LEU G 136 1.54 -27.72 1.53
N LEU G 137 2.68 -27.04 1.64
CA LEU G 137 2.65 -25.61 1.89
C LEU G 137 2.29 -24.81 0.63
N SER G 138 2.70 -25.28 -0.54
CA SER G 138 2.33 -24.59 -1.77
C SER G 138 0.84 -24.75 -2.06
N SER G 139 0.30 -25.94 -1.83
CA SER G 139 -1.14 -26.13 -2.03
C SER G 139 -1.94 -25.38 -0.98
N LEU G 140 -1.38 -25.20 0.22
CA LEU G 140 -2.06 -24.39 1.23
C LEU G 140 -2.06 -22.92 0.86
N ASP G 141 -0.97 -22.45 0.22
CA ASP G 141 -0.94 -21.07 -0.25
C ASP G 141 -1.93 -20.83 -1.37
N GLN G 142 -2.10 -21.83 -2.25
CA GLN G 142 -3.12 -21.73 -3.29
C GLN G 142 -4.52 -21.71 -2.69
N SER G 143 -4.74 -22.50 -1.64
CA SER G 143 -6.07 -22.55 -1.02
C SER G 143 -6.38 -21.26 -0.30
N LEU G 144 -5.40 -20.69 0.41
CA LEU G 144 -5.62 -19.40 1.05
C LEU G 144 -5.83 -18.29 0.03
N GLN G 145 -5.31 -18.46 -1.19
CA GLN G 145 -5.54 -17.50 -2.26
C GLN G 145 -6.95 -17.64 -2.82
N ARG G 146 -7.38 -18.87 -3.09
CA ARG G 146 -8.68 -19.08 -3.70
C ARG G 146 -9.82 -18.84 -2.72
N LEU G 147 -9.62 -19.15 -1.44
CA LEU G 147 -10.67 -18.93 -0.44
C LEU G 147 -10.76 -17.46 -0.04
N GLY G 148 -9.66 -16.73 -0.08
CA GLY G 148 -9.67 -15.35 0.35
C GLY G 148 -9.66 -15.15 1.85
N VAL G 149 -9.04 -16.07 2.59
CA VAL G 149 -8.98 -16.00 4.05
C VAL G 149 -7.53 -15.85 4.48
N ASP G 150 -7.35 -15.38 5.72
CA ASP G 150 -6.02 -15.34 6.31
C ASP G 150 -5.56 -16.73 6.73
N TYR G 151 -6.48 -17.53 7.26
CA TYR G 151 -6.14 -18.85 7.77
C TYR G 151 -7.34 -19.77 7.61
N VAL G 152 -7.06 -21.07 7.56
CA VAL G 152 -8.10 -22.08 7.63
C VAL G 152 -8.17 -22.57 9.06
N ASP G 153 -9.28 -23.22 9.41
CA ASP G 153 -9.46 -23.70 10.77
C ASP G 153 -8.88 -25.11 10.96
N ILE G 154 -8.98 -25.96 9.95
CA ILE G 154 -8.44 -27.31 10.00
C ILE G 154 -7.73 -27.58 8.67
N PHE G 155 -6.46 -27.95 8.72
CA PHE G 155 -5.69 -28.29 7.53
C PHE G 155 -5.42 -29.79 7.55
N TYR G 156 -6.04 -30.50 6.61
CA TYR G 156 -5.92 -31.96 6.54
C TYR G 156 -4.72 -32.37 5.70
N SER G 157 -4.35 -33.65 5.83
CA SER G 157 -3.50 -34.34 4.87
C SER G 157 -4.39 -35.36 4.17
N HIS G 158 -4.68 -35.10 2.89
CA HIS G 158 -5.80 -35.78 2.23
C HIS G 158 -5.54 -37.28 2.09
N ARG G 159 -4.30 -37.68 1.85
CA ARG G 159 -3.97 -39.09 1.68
C ARG G 159 -2.69 -39.41 2.43
N PHE G 160 -2.50 -40.70 2.71
CA PHE G 160 -1.25 -41.17 3.29
C PHE G 160 -0.22 -41.37 2.18
N ASP G 161 0.93 -40.72 2.34
CA ASP G 161 2.01 -40.81 1.36
C ASP G 161 3.00 -41.87 1.85
N ALA G 162 3.01 -43.01 1.15
CA ALA G 162 3.90 -44.11 1.55
C ALA G 162 5.37 -43.73 1.35
N ASP G 163 5.68 -43.05 0.26
CA ASP G 163 7.06 -42.66 -0.05
C ASP G 163 7.31 -41.22 0.38
N THR G 164 7.07 -40.96 1.67
CA THR G 164 7.36 -39.69 2.32
C THR G 164 7.37 -39.91 3.83
N PRO G 165 8.44 -39.51 4.53
CA PRO G 165 8.49 -39.72 5.97
C PRO G 165 7.43 -38.89 6.69
N LEU G 166 6.78 -39.51 7.66
CA LEU G 166 5.79 -38.80 8.46
C LEU G 166 6.43 -37.70 9.30
N GLU G 167 7.74 -37.75 9.53
CA GLU G 167 8.42 -36.66 10.20
C GLU G 167 8.43 -35.39 9.35
N GLU G 168 8.50 -35.54 8.02
CA GLU G 168 8.45 -34.37 7.15
C GLU G 168 7.05 -33.81 7.08
N THR G 169 6.03 -34.67 6.97
CA THR G 169 4.65 -34.20 6.96
C THR G 169 4.28 -33.56 8.29
N ALA G 170 4.77 -34.10 9.39
CA ALA G 170 4.51 -33.50 10.70
C ALA G 170 5.16 -32.12 10.81
N GLY G 171 6.35 -31.95 10.20
CA GLY G 171 6.97 -30.65 10.19
C GLY G 171 6.27 -29.66 9.28
N ALA G 172 5.59 -30.15 8.25
CA ALA G 172 4.85 -29.28 7.35
C ALA G 172 3.54 -28.82 7.99
N LEU G 173 2.79 -29.75 8.58
CA LEU G 173 1.56 -29.39 9.27
C LEU G 173 1.84 -28.50 10.48
N ALA G 174 2.98 -28.70 11.15
CA ALA G 174 3.33 -27.85 12.27
C ALA G 174 3.69 -26.44 11.81
N SER G 175 4.45 -26.33 10.72
CA SER G 175 4.78 -25.01 10.18
C SER G 175 3.54 -24.27 9.73
N ALA G 176 2.53 -24.99 9.22
CA ALA G 176 1.28 -24.34 8.85
C ALA G 176 0.55 -23.77 10.05
N VAL G 177 0.76 -24.35 11.23
CA VAL G 177 0.12 -23.85 12.45
C VAL G 177 0.94 -22.70 13.04
N GLN G 178 2.27 -22.81 12.99
CA GLN G 178 3.11 -21.76 13.56
C GLN G 178 3.09 -20.49 12.73
N GLN G 179 2.91 -20.62 11.41
CA GLN G 179 2.84 -19.46 10.54
C GLN G 179 1.48 -18.78 10.55
N GLY G 180 0.54 -19.25 11.39
CA GLY G 180 -0.77 -18.63 11.46
C GLY G 180 -1.68 -18.89 10.28
N LYS G 181 -1.37 -19.87 9.45
CA LYS G 181 -2.21 -20.22 8.31
C LYS G 181 -3.21 -21.31 8.63
N ALA G 182 -3.23 -21.80 9.87
CA ALA G 182 -4.18 -22.84 10.28
C ALA G 182 -4.24 -22.87 11.80
N LEU G 183 -5.44 -23.07 12.34
CA LEU G 183 -5.60 -23.19 13.78
C LEU G 183 -5.31 -24.61 14.24
N TYR G 184 -5.88 -25.60 13.57
CA TYR G 184 -5.67 -27.00 13.90
C TYR G 184 -5.26 -27.76 12.64
N VAL G 185 -4.77 -28.98 12.83
CA VAL G 185 -4.38 -29.86 11.74
C VAL G 185 -5.00 -31.23 11.96
N GLY G 186 -5.30 -31.91 10.85
CA GLY G 186 -5.85 -33.24 10.90
C GLY G 186 -5.30 -34.09 9.77
N ILE G 187 -5.77 -35.33 9.71
CA ILE G 187 -5.37 -36.28 8.68
C ILE G 187 -6.60 -36.99 8.15
N SER G 188 -6.55 -37.36 6.86
CA SER G 188 -7.66 -38.02 6.19
C SER G 188 -7.16 -39.28 5.52
N SER G 189 -7.91 -40.37 5.68
CA SER G 189 -7.61 -41.65 5.04
C SER G 189 -6.21 -42.15 5.44
N TYR G 190 -5.95 -42.11 6.74
CA TYR G 190 -4.70 -42.60 7.31
C TYR G 190 -4.95 -43.89 8.08
N SER G 191 -3.97 -44.79 8.03
CA SER G 191 -4.09 -46.07 8.72
C SER G 191 -4.09 -45.86 10.23
N ALA G 192 -4.49 -46.92 10.95
CA ALA G 192 -4.59 -46.83 12.40
C ALA G 192 -3.21 -46.68 13.04
N ALA G 193 -2.21 -47.43 12.57
CA ALA G 193 -0.87 -47.32 13.13
C ALA G 193 -0.19 -46.04 12.70
N ARG G 194 -0.45 -45.56 11.48
CA ARG G 194 0.20 -44.34 11.01
C ARG G 194 -0.40 -43.09 11.64
N THR G 195 -1.68 -43.16 12.02
CA THR G 195 -2.28 -42.05 12.76
C THR G 195 -1.60 -41.88 14.11
N ARG G 196 -1.27 -42.99 14.78
CA ARG G 196 -0.54 -42.90 16.05
C ARG G 196 0.87 -42.40 15.85
N GLU G 197 1.49 -42.70 14.71
CA GLU G 197 2.87 -42.28 14.47
C GLU G 197 2.94 -40.79 14.19
N ILE G 198 2.09 -40.28 13.29
CA ILE G 198 2.11 -38.87 12.96
C ILE G 198 1.57 -38.02 14.11
N ALA G 199 0.72 -38.59 14.97
CA ALA G 199 0.26 -37.85 16.15
C ALA G 199 1.39 -37.66 17.16
N ALA G 200 2.18 -38.72 17.39
CA ALA G 200 3.31 -38.60 18.30
C ALA G 200 4.39 -37.67 17.73
N LEU G 201 4.44 -37.53 16.40
CA LEU G 201 5.39 -36.61 15.79
C LEU G 201 4.88 -35.17 15.86
N LEU G 202 3.58 -34.96 15.66
CA LEU G 202 3.01 -33.63 15.84
C LEU G 202 3.08 -33.19 17.29
N ARG G 203 2.99 -34.13 18.23
CA ARG G 203 3.13 -33.80 19.65
C ARG G 203 4.56 -33.42 20.00
N ALA G 204 5.54 -33.73 19.14
CA ALA G 204 6.89 -33.26 19.35
C ALA G 204 7.03 -31.77 19.02
N TRP G 205 6.20 -31.27 18.10
CA TRP G 205 6.15 -29.85 17.78
C TRP G 205 5.20 -29.08 18.69
N LYS G 206 4.67 -29.72 19.72
CA LYS G 206 3.74 -29.09 20.66
C LYS G 206 2.48 -28.58 19.95
N VAL G 207 1.99 -29.37 19.01
CA VAL G 207 0.71 -29.08 18.35
C VAL G 207 -0.10 -30.37 18.28
N PRO G 208 -1.25 -30.44 18.97
CA PRO G 208 -2.03 -31.67 18.96
C PRO G 208 -2.70 -31.91 17.62
N LEU G 209 -2.99 -33.18 17.35
CA LEU G 209 -3.72 -33.59 16.16
C LEU G 209 -5.21 -33.50 16.48
N LEU G 210 -5.91 -32.60 15.79
CA LEU G 210 -7.30 -32.31 16.13
C LEU G 210 -8.25 -33.43 15.74
N ILE G 211 -8.42 -33.63 14.43
CA ILE G 211 -9.51 -34.47 13.92
C ILE G 211 -8.96 -35.42 12.87
N HIS G 212 -9.73 -36.48 12.62
CA HIS G 212 -9.41 -37.49 11.63
C HIS G 212 -10.65 -37.74 10.78
N GLN G 213 -10.47 -37.83 9.45
CA GLN G 213 -11.57 -38.00 8.51
C GLN G 213 -11.44 -39.35 7.81
N PRO G 214 -12.03 -40.41 8.37
CA PRO G 214 -12.07 -41.69 7.64
C PRO G 214 -13.38 -41.83 6.87
N ALA G 215 -13.52 -42.93 6.14
CA ALA G 215 -14.74 -43.22 5.40
C ALA G 215 -15.59 -44.19 6.23
N TYR G 216 -16.31 -43.63 7.20
CA TYR G 216 -17.18 -44.40 8.07
C TYR G 216 -18.53 -44.57 7.40
N ASN G 217 -19.01 -45.81 7.34
CA ASN G 217 -20.17 -46.11 6.50
C ASN G 217 -20.83 -47.39 6.99
N LEU G 218 -22.13 -47.49 6.76
CA LEU G 218 -22.85 -48.73 7.04
C LEU G 218 -22.40 -49.86 6.13
N PHE G 219 -21.85 -49.54 4.96
CA PHE G 219 -21.36 -50.54 4.03
C PHE G 219 -19.83 -50.62 4.04
N ASN G 220 -19.18 -50.08 5.07
CA ASN G 220 -17.73 -50.12 5.18
C ASN G 220 -17.30 -50.56 6.56
N ARG G 221 -17.47 -49.68 7.55
CA ARG G 221 -17.18 -50.00 8.97
C ARG G 221 -15.74 -50.43 9.14
N TRP G 222 -14.83 -49.84 8.37
CA TRP G 222 -13.44 -50.27 8.43
C TRP G 222 -12.69 -49.64 9.60
N ALA G 223 -13.04 -48.41 9.98
CA ALA G 223 -12.28 -47.71 11.01
C ALA G 223 -12.60 -48.21 12.41
N GLU G 224 -13.67 -48.98 12.60
CA GLU G 224 -14.03 -49.46 13.93
C GLU G 224 -13.03 -50.47 14.48
N HIS G 225 -12.25 -51.12 13.61
CA HIS G 225 -11.34 -52.17 14.07
C HIS G 225 -10.29 -51.61 15.03
N GLU G 226 -9.44 -50.71 14.54
CA GLU G 226 -8.37 -50.16 15.35
C GLU G 226 -8.25 -48.64 15.30
N LEU G 227 -8.92 -47.97 14.36
CA LEU G 227 -8.77 -46.53 14.23
C LEU G 227 -9.55 -45.78 15.30
N PHE G 228 -10.77 -46.22 15.60
CA PHE G 228 -11.57 -45.56 16.63
C PHE G 228 -10.91 -45.68 18.00
N ASP G 229 -10.29 -46.83 18.29
CA ASP G 229 -9.59 -46.99 19.55
C ASP G 229 -8.34 -46.12 19.61
N ALA G 230 -7.78 -45.76 18.46
CA ALA G 230 -6.60 -44.90 18.43
C ALA G 230 -6.98 -43.44 18.65
N THR G 231 -7.97 -42.95 17.90
CA THR G 231 -8.37 -41.55 18.01
C THR G 231 -8.97 -41.25 19.38
N ALA G 232 -9.67 -42.22 19.98
CA ALA G 232 -10.30 -41.98 21.27
C ALA G 232 -9.27 -41.78 22.38
N GLU G 233 -8.16 -42.52 22.31
CA GLU G 233 -7.14 -42.39 23.36
C GLU G 233 -6.22 -41.20 23.10
N LEU G 234 -6.02 -40.82 21.84
CA LEU G 234 -5.20 -39.66 21.51
C LEU G 234 -5.91 -38.34 21.73
N GLY G 235 -7.23 -38.36 21.93
CA GLY G 235 -7.99 -37.14 22.03
C GLY G 235 -8.37 -36.53 20.70
N ALA G 236 -8.21 -37.26 19.60
CA ALA G 236 -8.52 -36.74 18.28
C ALA G 236 -9.96 -37.11 17.90
N GLY G 237 -10.71 -36.12 17.46
CA GLY G 237 -12.07 -36.36 17.00
C GLY G 237 -12.10 -37.07 15.67
N VAL G 238 -13.31 -37.49 15.28
CA VAL G 238 -13.54 -38.21 14.04
C VAL G 238 -14.70 -37.55 13.31
N ILE G 239 -14.57 -37.43 12.00
CA ILE G 239 -15.66 -36.93 11.15
C ILE G 239 -15.89 -37.95 10.03
N ALA G 240 -17.15 -38.31 9.81
CA ALA G 240 -17.49 -39.34 8.84
C ALA G 240 -17.51 -38.74 7.43
N PHE G 241 -16.89 -39.46 6.50
CA PHE G 241 -16.88 -39.08 5.10
C PHE G 241 -17.81 -40.01 4.32
N THR G 242 -18.53 -39.43 3.36
CA THR G 242 -19.59 -40.10 2.60
C THR G 242 -20.47 -40.95 3.52
N PRO G 243 -21.18 -40.33 4.47
CA PRO G 243 -21.97 -41.12 5.43
C PRO G 243 -23.16 -41.82 4.81
N LEU G 244 -23.69 -41.32 3.69
CA LEU G 244 -24.82 -41.94 3.02
C LEU G 244 -24.37 -42.83 1.86
N ALA G 245 -23.10 -43.25 1.85
CA ALA G 245 -22.59 -44.27 0.94
C ALA G 245 -22.67 -43.82 -0.52
N GLN G 246 -22.37 -42.55 -0.77
CA GLN G 246 -22.32 -41.98 -2.13
C GLN G 246 -23.62 -42.24 -2.88
N GLY G 247 -24.75 -42.12 -2.18
CA GLY G 247 -26.06 -42.28 -2.77
C GLY G 247 -26.79 -43.55 -2.41
N LEU G 248 -26.05 -44.60 -2.02
CA LEU G 248 -26.67 -45.89 -1.68
C LEU G 248 -27.74 -45.71 -0.60
N LEU G 249 -27.33 -45.21 0.57
CA LEU G 249 -28.24 -45.02 1.68
C LEU G 249 -29.14 -43.80 1.45
N GLN G 282 -29.77 -54.17 -2.80
CA GLN G 282 -29.50 -55.47 -2.21
C GLN G 282 -29.75 -55.46 -0.70
N ARG G 283 -28.76 -54.98 0.04
CA ARG G 283 -28.89 -54.91 1.49
C ARG G 283 -29.67 -53.68 1.95
N ALA G 284 -29.75 -52.64 1.13
CA ALA G 284 -30.41 -51.41 1.54
C ALA G 284 -31.91 -51.54 1.65
N ARG G 285 -32.50 -52.63 1.17
CA ARG G 285 -33.95 -52.80 1.27
C ARG G 285 -34.37 -53.14 2.69
N GLY G 286 -33.56 -53.92 3.40
CA GLY G 286 -33.87 -54.23 4.78
C GLY G 286 -33.62 -53.05 5.71
N LEU G 287 -32.53 -52.31 5.46
CA LEU G 287 -32.28 -51.11 6.24
C LEU G 287 -33.35 -50.05 6.01
N ASP G 288 -33.89 -49.98 4.80
CA ASP G 288 -34.99 -49.05 4.53
C ASP G 288 -36.25 -49.48 5.26
N ALA G 289 -36.42 -50.78 5.52
CA ALA G 289 -37.58 -51.25 6.26
C ALA G 289 -37.53 -50.82 7.72
N ILE G 290 -36.34 -50.90 8.33
CA ILE G 290 -36.20 -50.46 9.71
C ILE G 290 -36.41 -48.96 9.83
N ALA G 291 -36.01 -48.20 8.81
CA ALA G 291 -36.17 -46.75 8.85
C ALA G 291 -37.64 -46.36 8.78
N ARG G 292 -38.40 -46.97 7.89
CA ARG G 292 -39.83 -46.68 7.80
C ARG G 292 -40.60 -47.16 9.02
N GLY G 293 -40.07 -48.15 9.73
CA GLY G 293 -40.67 -48.61 10.96
C GLY G 293 -40.09 -47.87 12.16
N ARG G 294 -39.70 -46.62 11.94
CA ARG G 294 -39.09 -45.81 12.98
C ARG G 294 -39.37 -44.33 12.73
N GLY G 295 -39.77 -44.00 11.51
CA GLY G 295 -40.06 -42.63 11.14
C GLY G 295 -38.97 -41.91 10.37
N GLN G 296 -38.17 -42.63 9.58
CA GLN G 296 -37.08 -42.01 8.83
C GLN G 296 -37.11 -42.48 7.37
N SER G 297 -36.07 -42.15 6.61
CA SER G 297 -36.07 -42.38 5.17
C SER G 297 -34.79 -43.06 4.70
N LEU G 298 -34.21 -43.92 5.55
CA LEU G 298 -32.97 -44.66 5.29
C LEU G 298 -31.75 -43.75 5.30
N ALA G 299 -31.85 -42.58 4.67
CA ALA G 299 -30.79 -41.59 4.79
C ALA G 299 -30.70 -41.03 6.19
N GLN G 300 -31.85 -40.71 6.80
CA GLN G 300 -31.86 -40.26 8.19
C GLN G 300 -31.41 -41.36 9.14
N LEU G 301 -31.69 -42.62 8.81
CA LEU G 301 -31.29 -43.73 9.67
C LEU G 301 -29.77 -43.91 9.67
N ALA G 302 -29.14 -43.78 8.50
CA ALA G 302 -27.70 -43.93 8.43
C ALA G 302 -26.99 -42.76 9.11
N LEU G 303 -27.55 -41.55 9.01
CA LEU G 303 -26.93 -40.40 9.65
C LEU G 303 -27.03 -40.49 11.17
N ALA G 304 -28.17 -40.96 11.68
CA ALA G 304 -28.31 -41.18 13.11
C ALA G 304 -27.47 -42.35 13.59
N TRP G 305 -27.13 -43.29 12.69
CA TRP G 305 -26.33 -44.44 13.08
C TRP G 305 -24.84 -44.11 13.13
N VAL G 306 -24.36 -43.34 12.15
CA VAL G 306 -22.94 -42.98 12.15
C VAL G 306 -22.61 -42.05 13.33
N LEU G 307 -23.59 -41.38 13.90
CA LEU G 307 -23.41 -40.56 15.09
C LEU G 307 -24.11 -41.16 16.31
N ARG G 308 -24.20 -42.49 16.36
CA ARG G 308 -24.83 -43.15 17.50
C ARG G 308 -23.93 -43.19 18.71
N ASP G 309 -22.62 -43.05 18.53
CA ASP G 309 -21.65 -43.03 19.61
C ASP G 309 -20.88 -41.72 19.57
N ALA G 310 -20.43 -41.27 20.74
CA ALA G 310 -19.73 -39.99 20.85
C ALA G 310 -18.36 -40.01 20.18
N ARG G 311 -17.91 -41.17 19.69
CA ARG G 311 -16.63 -41.22 18.98
C ARG G 311 -16.67 -40.37 17.72
N VAL G 312 -17.68 -40.57 16.89
CA VAL G 312 -17.88 -39.74 15.71
C VAL G 312 -18.44 -38.40 16.13
N SER G 313 -17.91 -37.33 15.54
CA SER G 313 -18.31 -35.97 15.88
C SER G 313 -19.21 -35.33 14.84
N SER G 314 -19.10 -35.71 13.57
CA SER G 314 -19.92 -35.12 12.52
C SER G 314 -19.88 -36.04 11.29
N ALA G 315 -20.56 -35.62 10.24
CA ALA G 315 -20.59 -36.35 8.98
C ALA G 315 -20.71 -35.34 7.84
N LEU G 316 -20.06 -35.65 6.72
CA LEU G 316 -19.94 -34.73 5.59
C LEU G 316 -21.04 -35.04 4.58
N LEU G 317 -22.12 -34.26 4.62
CA LEU G 317 -23.20 -34.42 3.67
C LEU G 317 -22.87 -33.70 2.36
N GLY G 318 -23.00 -34.43 1.25
CA GLY G 318 -22.81 -33.82 -0.05
C GLY G 318 -23.98 -32.93 -0.43
N ALA G 319 -25.14 -33.54 -0.66
CA ALA G 319 -26.41 -32.87 -0.91
C ALA G 319 -26.41 -32.08 -2.22
N SER G 320 -27.62 -31.80 -2.74
CA SER G 320 -27.76 -31.07 -3.98
C SER G 320 -28.91 -30.07 -3.87
N ARG G 321 -29.99 -30.46 -3.18
CA ARG G 321 -31.15 -29.62 -3.01
C ARG G 321 -31.26 -29.14 -1.57
N PRO G 322 -31.79 -27.93 -1.35
CA PRO G 322 -32.00 -27.48 0.04
C PRO G 322 -33.12 -28.23 0.74
N GLU G 323 -34.07 -28.79 -0.01
CA GLU G 323 -35.20 -29.47 0.60
C GLU G 323 -34.79 -30.81 1.21
N GLN G 324 -33.83 -31.50 0.61
CA GLN G 324 -33.31 -32.72 1.21
C GLN G 324 -32.31 -32.45 2.32
N LEU G 325 -31.74 -31.24 2.37
CA LEU G 325 -30.80 -30.92 3.44
C LEU G 325 -31.54 -30.67 4.75
N ILE G 326 -32.63 -29.90 4.71
CA ILE G 326 -33.46 -29.74 5.89
C ILE G 326 -34.12 -31.05 6.30
N GLU G 327 -34.24 -32.00 5.37
CA GLU G 327 -34.75 -33.32 5.71
C GLU G 327 -33.73 -34.13 6.50
N ASN G 328 -32.45 -34.04 6.11
CA ASN G 328 -31.42 -34.82 6.78
C ASN G 328 -31.13 -34.28 8.18
N VAL G 329 -31.35 -32.99 8.41
CA VAL G 329 -31.10 -32.41 9.73
C VAL G 329 -32.04 -33.01 10.77
N ALA G 330 -33.24 -33.42 10.36
CA ALA G 330 -34.18 -34.07 11.27
C ALA G 330 -33.73 -35.48 11.67
N ALA G 331 -32.54 -35.93 11.30
CA ALA G 331 -32.09 -37.26 11.70
C ALA G 331 -31.76 -37.32 13.19
N LEU G 332 -31.25 -36.22 13.75
CA LEU G 332 -31.04 -36.18 15.20
C LEU G 332 -32.34 -36.02 15.98
N GLN G 333 -33.46 -35.83 15.30
CA GLN G 333 -34.79 -35.81 15.92
C GLN G 333 -35.37 -37.21 16.07
N ALA G 334 -34.54 -38.19 16.45
CA ALA G 334 -34.94 -39.58 16.52
C ALA G 334 -34.57 -40.16 17.88
N PRO G 335 -35.29 -41.19 18.33
CA PRO G 335 -34.92 -41.84 19.58
C PRO G 335 -33.59 -42.55 19.44
N PRO G 336 -32.86 -42.73 20.54
CA PRO G 336 -31.59 -43.45 20.47
C PRO G 336 -31.79 -44.91 20.04
N PHE G 337 -30.70 -45.50 19.57
CA PHE G 337 -30.73 -46.87 19.08
C PHE G 337 -30.80 -47.86 20.23
N SER G 338 -31.52 -48.95 20.02
CA SER G 338 -31.73 -49.99 21.02
C SER G 338 -30.98 -51.24 20.62
N ALA G 339 -30.96 -52.21 21.55
CA ALA G 339 -30.24 -53.45 21.31
C ALA G 339 -30.87 -54.28 20.21
N GLU G 340 -32.19 -54.17 20.03
CA GLU G 340 -32.87 -54.94 18.99
C GLU G 340 -32.60 -54.36 17.62
N GLU G 341 -32.65 -53.03 17.48
CA GLU G 341 -32.44 -52.41 16.18
C GLU G 341 -31.00 -52.55 15.72
N LEU G 342 -30.04 -52.43 16.65
CA LEU G 342 -28.64 -52.56 16.28
C LEU G 342 -28.31 -53.99 15.84
N ALA G 343 -28.96 -54.99 16.43
CA ALA G 343 -28.71 -56.37 16.02
C ALA G 343 -29.29 -56.64 14.63
N GLU G 344 -30.43 -56.03 14.32
CA GLU G 344 -31.04 -56.23 13.01
C GLU G 344 -30.29 -55.49 11.91
N ILE G 345 -29.47 -54.50 12.27
CA ILE G 345 -28.69 -53.79 11.26
C ILE G 345 -27.65 -54.71 10.63
N ASP G 346 -26.96 -55.49 11.46
CA ASP G 346 -25.95 -56.41 10.96
C ASP G 346 -26.60 -57.67 10.39
N GLY H 18 25.18 21.03 -6.99
CA GLY H 18 25.82 19.83 -7.46
C GLY H 18 25.50 18.60 -6.62
N SER H 19 25.54 17.43 -7.25
CA SER H 19 25.28 16.19 -6.54
C SER H 19 26.42 15.86 -5.58
N MET H 20 26.07 15.26 -4.45
CA MET H 20 27.05 14.92 -3.42
C MET H 20 27.45 13.45 -3.48
N ARG H 21 26.46 12.55 -3.36
CA ARG H 21 26.69 11.11 -3.36
C ARG H 21 27.65 10.71 -2.26
N TYR H 22 28.23 9.51 -2.36
CA TYR H 22 29.22 9.05 -1.39
C TYR H 22 30.13 8.06 -2.11
N LEU H 23 31.27 8.55 -2.59
CA LEU H 23 32.29 7.69 -3.20
C LEU H 23 33.16 7.17 -2.06
N ALA H 24 32.80 6.01 -1.54
CA ALA H 24 33.60 5.38 -0.49
C ALA H 24 34.99 5.07 -1.00
N HIS H 25 35.96 5.05 -0.09
CA HIS H 25 37.34 4.83 -0.46
C HIS H 25 37.49 3.45 -1.09
N PRO H 26 38.10 3.33 -2.28
CA PRO H 26 38.19 2.02 -2.93
C PRO H 26 38.95 0.99 -2.12
N ASP H 27 40.07 1.37 -1.51
CA ASP H 27 40.86 0.49 -0.67
C ASP H 27 40.58 0.73 0.82
N ARG H 28 39.32 0.94 1.18
CA ARG H 28 38.97 1.18 2.57
C ARG H 28 39.13 -0.06 3.44
N TYR H 29 39.04 -1.25 2.86
CA TYR H 29 39.22 -2.50 3.60
C TYR H 29 40.67 -2.94 3.69
N ASP H 30 41.60 -2.17 3.11
CA ASP H 30 43.03 -2.42 3.21
C ASP H 30 43.70 -1.46 4.19
N ARG H 31 42.93 -0.85 5.09
CA ARG H 31 43.46 0.14 6.02
C ARG H 31 43.44 -0.35 7.46
N ILE H 32 42.28 -0.74 7.97
CA ILE H 32 42.13 -1.15 9.36
C ILE H 32 42.15 -2.67 9.44
N ALA H 33 42.52 -3.18 10.62
CA ALA H 33 42.51 -4.61 10.88
C ALA H 33 41.18 -5.03 11.47
N TYR H 34 40.84 -6.31 11.26
CA TYR H 34 39.58 -6.87 11.72
C TYR H 34 39.86 -8.02 12.69
N ARG H 35 39.14 -8.04 13.80
CA ARG H 35 39.31 -9.04 14.84
C ARG H 35 38.01 -9.79 15.04
N ARG H 36 38.10 -11.10 15.23
CA ARG H 36 36.91 -11.92 15.43
C ARG H 36 36.37 -11.73 16.83
N VAL H 37 35.04 -11.67 16.93
CA VAL H 37 34.36 -11.54 18.22
C VAL H 37 34.06 -12.95 18.73
N GLY H 38 34.73 -13.33 19.82
CA GLY H 38 34.59 -14.64 20.43
C GLY H 38 34.78 -15.75 19.43
N ARG H 39 34.07 -16.85 19.66
CA ARG H 39 34.03 -17.96 18.70
C ARG H 39 32.74 -17.88 17.88
N SER H 40 32.62 -16.77 17.15
CA SER H 40 31.46 -16.53 16.30
C SER H 40 31.95 -16.16 14.89
N GLY H 41 31.02 -16.23 13.94
CA GLY H 41 31.34 -15.91 12.56
C GLY H 41 31.49 -14.44 12.25
N LEU H 42 31.14 -13.58 13.20
CA LEU H 42 31.23 -12.14 12.99
C LEU H 42 32.65 -11.64 13.24
N VAL H 43 33.04 -10.61 12.50
CA VAL H 43 34.28 -9.89 12.73
C VAL H 43 33.94 -8.42 12.91
N LEU H 44 34.86 -7.69 13.52
CA LEU H 44 34.65 -6.28 13.82
C LEU H 44 35.93 -5.50 13.58
N PRO H 45 35.83 -4.22 13.26
CA PRO H 45 37.04 -3.40 13.15
C PRO H 45 37.74 -3.28 14.49
N ALA H 46 39.07 -3.18 14.44
CA ALA H 46 39.84 -3.03 15.67
C ALA H 46 39.45 -1.77 16.43
N LEU H 47 38.94 -0.76 15.72
CA LEU H 47 38.42 0.46 16.33
C LEU H 47 37.00 0.68 15.83
N SER H 48 36.05 0.77 16.75
CA SER H 48 34.66 1.03 16.43
C SER H 48 34.31 2.46 16.79
N LEU H 49 33.37 3.04 16.04
CA LEU H 49 32.91 4.40 16.26
C LEU H 49 31.56 4.37 16.97
N GLY H 50 31.48 5.06 18.10
CA GLY H 50 30.26 5.11 18.90
C GLY H 50 29.65 6.50 18.84
N LEU H 51 28.32 6.54 18.74
CA LEU H 51 27.57 7.79 18.69
C LEU H 51 27.10 8.24 20.07
N TRP H 52 27.93 8.01 21.10
CA TRP H 52 27.55 8.41 22.45
C TRP H 52 27.47 9.92 22.58
N HIS H 53 28.46 10.63 22.06
CA HIS H 53 28.51 12.09 22.12
C HIS H 53 28.71 12.67 20.73
N ASN H 54 28.40 13.96 20.61
CA ASN H 54 28.62 14.73 19.39
C ASN H 54 27.87 14.14 18.19
N PHE H 55 26.75 13.47 18.44
CA PHE H 55 25.87 13.01 17.38
C PHE H 55 24.41 13.37 17.63
N GLY H 56 24.10 14.08 18.70
CA GLY H 56 22.76 14.57 18.93
C GLY H 56 22.46 15.79 18.08
N ASP H 57 21.35 16.46 18.41
CA ASP H 57 20.92 17.63 17.66
C ASP H 57 21.76 18.86 17.94
N SER H 58 22.55 18.86 19.02
CA SER H 58 23.41 20.01 19.29
C SER H 58 24.60 20.09 18.35
N THR H 59 24.96 18.98 17.70
CA THR H 59 26.06 18.94 16.73
C THR H 59 25.51 19.07 15.32
N PRO H 60 26.10 19.93 14.48
CA PRO H 60 25.57 20.11 13.12
C PRO H 60 25.64 18.82 12.31
N ILE H 61 24.84 18.80 11.23
CA ILE H 61 24.84 17.65 10.32
C ILE H 61 26.16 17.56 9.58
N ASP H 62 26.83 18.69 9.34
CA ASP H 62 28.09 18.69 8.62
C ASP H 62 29.15 17.85 9.34
N THR H 63 29.22 17.98 10.67
CA THR H 63 30.21 17.22 11.42
C THR H 63 29.85 15.74 11.48
N GLN H 64 28.57 15.42 11.63
CA GLN H 64 28.14 14.03 11.69
C GLN H 64 28.42 13.31 10.37
N ARG H 65 28.08 13.94 9.26
CA ARG H 65 28.28 13.31 7.96
C ARG H 65 29.75 13.13 7.65
N ALA H 66 30.58 14.14 7.96
CA ALA H 66 32.00 14.04 7.66
C ALA H 66 32.68 12.98 8.52
N LEU H 67 32.24 12.82 9.77
CA LEU H 67 32.87 11.86 10.65
C LEU H 67 32.50 10.43 10.26
N LEU H 68 31.26 10.20 9.83
CA LEU H 68 30.85 8.87 9.42
C LEU H 68 31.50 8.46 8.11
N ARG H 69 31.64 9.40 7.17
CA ARG H 69 32.30 9.08 5.91
C ARG H 69 33.78 8.78 6.13
N THR H 70 34.44 9.53 7.01
CA THR H 70 35.86 9.31 7.26
C THR H 70 36.09 7.99 7.99
N ALA H 71 35.23 7.68 8.98
CA ALA H 71 35.38 6.43 9.71
C ALA H 71 35.13 5.22 8.80
N PHE H 72 34.14 5.32 7.92
CA PHE H 72 33.87 4.22 6.99
C PHE H 72 34.95 4.10 5.93
N ASP H 73 35.52 5.23 5.50
CA ASP H 73 36.60 5.18 4.52
C ASP H 73 37.88 4.57 5.07
N LEU H 74 38.01 4.49 6.39
CA LEU H 74 39.17 3.85 7.01
C LEU H 74 38.93 2.38 7.36
N GLY H 75 37.72 1.88 7.14
CA GLY H 75 37.41 0.48 7.39
C GLY H 75 36.53 0.23 8.60
N ILE H 76 36.16 1.27 9.35
CA ILE H 76 35.30 1.09 10.52
C ILE H 76 33.87 0.86 10.03
N THR H 77 33.38 -0.36 10.20
CA THR H 77 32.02 -0.72 9.79
C THR H 77 31.03 -0.73 10.94
N HIS H 78 31.48 -1.00 12.16
CA HIS H 78 30.58 -1.05 13.31
C HIS H 78 30.33 0.36 13.83
N PHE H 79 29.05 0.72 13.94
CA PHE H 79 28.63 2.00 14.49
C PHE H 79 27.67 1.71 15.64
N ASP H 80 28.15 1.85 16.87
CA ASP H 80 27.36 1.53 18.05
C ASP H 80 26.56 2.74 18.49
N LEU H 81 25.24 2.55 18.63
CA LEU H 81 24.33 3.59 19.06
C LEU H 81 23.60 3.13 20.32
N ALA H 82 22.63 3.93 20.75
CA ALA H 82 21.77 3.58 21.88
C ALA H 82 20.51 4.43 21.79
N ASN H 83 19.53 4.09 22.62
CA ASN H 83 18.25 4.78 22.57
C ASN H 83 18.29 6.16 23.21
N ASN H 84 19.09 6.34 24.26
CA ASN H 84 19.15 7.60 24.98
C ASN H 84 20.30 8.49 24.54
N TYR H 85 21.08 8.08 23.55
CA TYR H 85 22.20 8.89 23.09
C TYR H 85 21.69 10.20 22.49
N GLY H 86 22.19 11.32 23.02
CA GLY H 86 21.79 12.62 22.56
C GLY H 86 22.87 13.66 22.73
N PRO H 87 22.49 14.87 23.17
CA PRO H 87 21.14 15.33 23.50
C PRO H 87 20.42 15.93 22.28
N PRO H 88 19.08 15.92 22.25
CA PRO H 88 18.16 15.33 23.25
C PRO H 88 18.08 13.81 23.13
N TYR H 89 17.31 13.15 23.99
CA TYR H 89 17.25 11.70 24.00
C TYR H 89 16.59 11.19 22.73
N GLY H 90 17.29 10.30 22.02
CA GLY H 90 16.80 9.73 20.79
C GLY H 90 17.19 10.48 19.53
N SER H 91 17.85 11.62 19.65
CA SER H 91 18.19 12.41 18.47
C SER H 91 19.35 11.80 17.70
N ALA H 92 20.22 11.05 18.36
CA ALA H 92 21.35 10.44 17.68
C ALA H 92 20.91 9.34 16.72
N GLU H 93 19.75 8.74 16.94
CA GLU H 93 19.29 7.66 16.06
C GLU H 93 18.60 8.21 14.82
N ILE H 94 17.82 9.28 14.97
CA ILE H 94 17.20 9.90 13.79
C ILE H 94 18.22 10.71 13.00
N ASN H 95 19.32 11.14 13.62
CA ASN H 95 20.40 11.77 12.87
C ASN H 95 21.21 10.74 12.10
N PHE H 96 21.50 9.60 12.72
CA PHE H 96 22.19 8.53 12.01
C PHE H 96 21.29 7.88 10.97
N GLY H 97 19.98 7.87 11.21
CA GLY H 97 19.06 7.35 10.21
C GLY H 97 19.00 8.22 8.97
N ARG H 98 18.95 9.53 9.15
CA ARG H 98 19.04 10.45 8.02
C ARG H 98 20.34 10.26 7.26
N LEU H 99 21.45 10.06 7.99
CA LEU H 99 22.72 9.81 7.35
C LEU H 99 22.72 8.50 6.57
N LEU H 100 21.89 7.54 6.98
CA LEU H 100 21.82 6.27 6.27
C LEU H 100 21.08 6.41 4.94
N ARG H 101 19.97 7.14 4.93
CA ARG H 101 19.20 7.28 3.70
C ARG H 101 19.96 8.07 2.64
N GLU H 102 20.81 9.01 3.06
CA GLU H 102 21.48 9.90 2.13
C GLU H 102 22.82 9.38 1.64
N ASP H 103 23.53 8.59 2.46
CA ASP H 103 24.87 8.16 2.10
C ASP H 103 25.03 6.65 2.14
N PHE H 104 24.78 6.05 3.30
CA PHE H 104 25.06 4.63 3.54
C PHE H 104 23.90 3.72 3.15
N LYS H 105 23.06 4.15 2.21
CA LYS H 105 21.96 3.28 1.79
C LYS H 105 22.43 2.06 1.02
N PRO H 106 23.35 2.16 0.05
CA PRO H 106 23.83 0.93 -0.60
C PRO H 106 24.71 0.09 0.30
N TYR H 107 25.47 0.71 1.22
CA TYR H 107 26.42 0.01 2.08
C TYR H 107 25.76 -0.55 3.34
N ARG H 108 24.47 -0.88 3.29
CA ARG H 108 23.79 -1.36 4.49
C ARG H 108 24.34 -2.70 4.96
N ASP H 109 24.41 -3.67 4.06
CA ASP H 109 24.88 -5.00 4.43
C ASP H 109 26.37 -5.03 4.80
N GLU H 110 27.11 -3.96 4.51
CA GLU H 110 28.51 -3.87 4.90
C GLU H 110 28.70 -3.33 6.31
N LEU H 111 27.68 -2.68 6.88
CA LEU H 111 27.79 -2.05 8.19
C LEU H 111 27.28 -3.00 9.29
N ILE H 112 27.64 -2.65 10.52
CA ILE H 112 27.20 -3.37 11.71
C ILE H 112 26.58 -2.33 12.64
N LEU H 113 25.26 -2.28 12.71
CA LEU H 113 24.56 -1.32 13.55
C LEU H 113 24.06 -2.02 14.82
N SER H 114 24.24 -1.36 15.95
CA SER H 114 23.83 -1.90 17.24
C SER H 114 23.17 -0.82 18.07
N THR H 115 22.14 -1.20 18.81
CA THR H 115 21.43 -0.28 19.69
C THR H 115 21.25 -0.93 21.06
N LYS H 116 21.11 -0.07 22.07
CA LYS H 116 20.97 -0.51 23.45
C LYS H 116 19.71 0.09 24.05
N ALA H 117 19.21 -0.56 25.10
CA ALA H 117 18.00 -0.12 25.78
C ALA H 117 18.09 -0.54 27.24
N GLY H 118 18.36 0.41 28.13
CA GLY H 118 18.45 0.09 29.54
C GLY H 118 18.59 1.29 30.45
N TRP H 119 18.76 2.48 29.89
CA TRP H 119 18.91 3.69 30.66
C TRP H 119 17.64 4.54 30.58
N ASP H 120 17.73 5.77 31.06
CA ASP H 120 16.57 6.65 31.15
C ASP H 120 16.17 7.14 29.77
N MET H 121 14.93 6.86 29.37
CA MET H 121 14.43 7.26 28.06
C MET H 121 13.20 8.15 28.19
N TRP H 122 12.02 7.53 28.32
CA TRP H 122 10.78 8.29 28.45
C TRP H 122 10.22 8.17 29.86
N PRO H 123 9.42 9.13 30.32
CA PRO H 123 8.93 9.09 31.70
C PRO H 123 8.02 7.91 31.96
N GLY H 124 8.02 7.46 33.21
CA GLY H 124 7.20 6.36 33.63
C GLY H 124 8.00 5.16 34.10
N PRO H 125 7.39 4.31 34.91
CA PRO H 125 8.09 3.09 35.34
C PRO H 125 8.44 2.16 34.18
N TYR H 126 7.62 2.15 33.13
CA TYR H 126 7.91 1.36 31.95
C TYR H 126 8.98 2.01 31.09
N GLY H 127 9.23 3.30 31.26
CA GLY H 127 10.38 3.97 30.72
C GLY H 127 11.50 4.06 31.73
N GLN H 128 12.34 5.07 31.57
CA GLN H 128 13.47 5.34 32.48
C GLN H 128 14.36 4.08 32.52
N GLY H 129 15.05 3.86 33.63
CA GLY H 129 15.92 2.71 33.73
C GLY H 129 15.14 1.42 33.88
N GLY H 130 15.72 0.35 33.37
CA GLY H 130 15.11 -0.96 33.46
C GLY H 130 15.48 -1.82 32.26
N SER H 131 15.13 -3.10 32.36
CA SER H 131 15.37 -4.05 31.27
C SER H 131 14.25 -5.09 31.25
N SER H 132 13.01 -4.64 31.45
CA SER H 132 11.87 -5.53 31.40
C SER H 132 11.49 -5.85 29.95
N ARG H 133 10.59 -6.82 29.80
CA ARG H 133 10.16 -7.21 28.45
C ARG H 133 9.36 -6.10 27.79
N LYS H 134 8.57 -5.36 28.58
CA LYS H 134 7.81 -4.24 28.03
C LYS H 134 8.76 -3.14 27.55
N TYR H 135 9.75 -2.78 28.36
CA TYR H 135 10.64 -1.69 28.01
C TYR H 135 11.60 -2.07 26.89
N LEU H 136 11.99 -3.35 26.81
CA LEU H 136 12.97 -3.75 25.81
C LEU H 136 12.36 -3.80 24.42
N LEU H 137 11.15 -4.36 24.29
CA LEU H 137 10.53 -4.45 22.97
C LEU H 137 10.00 -3.12 22.49
N SER H 138 9.53 -2.26 23.39
CA SER H 138 9.04 -0.95 22.98
C SER H 138 10.20 -0.03 22.59
N SER H 139 11.33 -0.12 23.30
CA SER H 139 12.50 0.68 22.93
C SER H 139 13.20 0.14 21.70
N LEU H 140 13.05 -1.15 21.40
CA LEU H 140 13.61 -1.69 20.16
C LEU H 140 12.78 -1.25 18.96
N ASP H 141 11.46 -1.21 19.11
CA ASP H 141 10.62 -0.70 18.03
C ASP H 141 10.78 0.81 17.85
N GLN H 142 11.10 1.53 18.92
CA GLN H 142 11.42 2.94 18.79
C GLN H 142 12.71 3.15 18.01
N SER H 143 13.72 2.33 18.29
CA SER H 143 15.00 2.48 17.60
C SER H 143 14.91 2.06 16.13
N LEU H 144 14.17 0.98 15.85
CA LEU H 144 14.02 0.54 14.46
C LEU H 144 13.21 1.53 13.65
N GLN H 145 12.29 2.26 14.28
CA GLN H 145 11.52 3.27 13.57
C GLN H 145 12.36 4.53 13.32
N ARG H 146 13.19 4.90 14.29
CA ARG H 146 14.02 6.09 14.14
C ARG H 146 15.15 5.87 13.15
N LEU H 147 15.83 4.72 13.26
CA LEU H 147 16.96 4.44 12.38
C LEU H 147 16.54 4.24 10.93
N GLY H 148 15.37 3.65 10.72
CA GLY H 148 14.92 3.34 9.37
C GLY H 148 15.45 2.04 8.82
N VAL H 149 15.83 1.10 9.69
CA VAL H 149 16.34 -0.20 9.29
C VAL H 149 15.33 -1.26 9.67
N ASP H 150 15.29 -2.34 8.87
CA ASP H 150 14.43 -3.47 9.20
C ASP H 150 14.89 -4.16 10.48
N TYR H 151 16.19 -4.21 10.71
CA TYR H 151 16.74 -4.90 11.87
C TYR H 151 18.06 -4.26 12.25
N VAL H 152 18.51 -4.56 13.47
CA VAL H 152 19.84 -4.19 13.94
C VAL H 152 20.66 -5.46 14.05
N ASP H 153 21.97 -5.31 13.81
CA ASP H 153 22.85 -6.47 13.81
C ASP H 153 23.06 -7.00 15.23
N ILE H 154 23.28 -6.10 16.20
CA ILE H 154 23.41 -6.48 17.59
C ILE H 154 22.41 -5.65 18.41
N PHE H 155 21.88 -6.26 19.46
CA PHE H 155 20.93 -5.58 20.35
C PHE H 155 21.29 -5.93 21.79
N TYR H 156 21.81 -4.94 22.51
CA TYR H 156 22.27 -5.15 23.88
C TYR H 156 21.12 -4.99 24.86
N SER H 157 21.34 -5.50 26.08
CA SER H 157 20.45 -5.28 27.20
C SER H 157 20.80 -4.01 27.97
N HIS H 158 21.93 -3.37 27.63
CA HIS H 158 22.43 -2.16 28.30
C HIS H 158 22.65 -2.51 29.78
N ARG H 159 22.42 -1.58 30.70
CA ARG H 159 22.71 -1.85 32.10
C ARG H 159 21.82 -2.94 32.67
N PHE H 160 22.31 -3.59 33.71
CA PHE H 160 21.60 -4.69 34.35
C PHE H 160 20.64 -4.16 35.41
N ASP H 161 19.44 -4.74 35.46
CA ASP H 161 18.42 -4.37 36.43
C ASP H 161 18.24 -5.53 37.41
N ALA H 162 18.48 -5.26 38.69
CA ALA H 162 18.34 -6.30 39.71
C ALA H 162 16.89 -6.65 39.98
N ASP H 163 15.96 -5.74 39.69
CA ASP H 163 14.55 -6.01 39.96
C ASP H 163 13.94 -6.93 38.91
N THR H 164 14.35 -6.79 37.65
CA THR H 164 13.80 -7.61 36.59
C THR H 164 14.52 -8.96 36.57
N PRO H 165 13.80 -10.08 36.60
CA PRO H 165 14.45 -11.38 36.52
C PRO H 165 15.14 -11.56 35.18
N LEU H 166 16.33 -12.16 35.22
CA LEU H 166 17.09 -12.40 33.99
C LEU H 166 16.43 -13.43 33.09
N GLU H 167 15.41 -14.14 33.56
CA GLU H 167 14.66 -15.03 32.68
C GLU H 167 13.77 -14.24 31.73
N GLU H 168 13.20 -13.13 32.21
CA GLU H 168 12.39 -12.28 31.34
C GLU H 168 13.24 -11.45 30.39
N THR H 169 14.40 -10.98 30.86
CA THR H 169 15.31 -10.25 29.98
C THR H 169 15.84 -11.16 28.87
N ALA H 170 16.23 -12.39 29.22
CA ALA H 170 16.67 -13.34 28.21
C ALA H 170 15.52 -13.75 27.29
N GLY H 171 14.30 -13.81 27.82
CA GLY H 171 13.16 -14.12 26.97
C GLY H 171 12.82 -13.02 25.99
N ALA H 172 13.05 -11.76 26.39
CA ALA H 172 12.82 -10.65 25.47
C ALA H 172 13.93 -10.57 24.42
N LEU H 173 15.18 -10.80 24.84
CA LEU H 173 16.27 -10.82 23.87
C LEU H 173 16.15 -11.97 22.89
N ALA H 174 15.57 -13.09 23.33
CA ALA H 174 15.36 -14.22 22.42
C ALA H 174 14.19 -13.93 21.48
N SER H 175 13.14 -13.28 21.98
CA SER H 175 12.02 -12.90 21.12
C SER H 175 12.41 -11.79 20.15
N ALA H 176 13.48 -11.05 20.42
CA ALA H 176 13.90 -9.99 19.52
C ALA H 176 14.63 -10.56 18.30
N VAL H 177 15.42 -11.62 18.49
CA VAL H 177 16.12 -12.22 17.36
C VAL H 177 15.25 -13.21 16.60
N GLN H 178 14.21 -13.76 17.24
CA GLN H 178 13.30 -14.65 16.53
C GLN H 178 12.38 -13.90 15.58
N GLN H 179 11.98 -12.68 15.95
CA GLN H 179 11.11 -11.87 15.12
C GLN H 179 11.85 -11.15 14.00
N GLY H 180 13.11 -11.49 13.76
CA GLY H 180 13.87 -10.83 12.71
C GLY H 180 14.26 -9.40 13.00
N LYS H 181 14.02 -8.91 14.21
CA LYS H 181 14.41 -7.55 14.57
C LYS H 181 15.89 -7.43 14.89
N ALA H 182 16.54 -8.54 15.25
CA ALA H 182 17.96 -8.51 15.57
C ALA H 182 18.59 -9.84 15.17
N LEU H 183 19.89 -9.81 14.93
CA LEU H 183 20.65 -11.00 14.59
C LEU H 183 21.48 -11.53 15.75
N TYR H 184 22.03 -10.64 16.57
CA TYR H 184 22.90 -11.01 17.68
C TYR H 184 22.43 -10.30 18.94
N VAL H 185 22.78 -10.90 20.08
CA VAL H 185 22.38 -10.39 21.39
C VAL H 185 23.63 -9.99 22.14
N GLY H 186 23.55 -8.88 22.88
CA GLY H 186 24.66 -8.41 23.67
C GLY H 186 24.21 -7.91 25.03
N ILE H 187 25.19 -7.55 25.86
CA ILE H 187 24.95 -6.97 27.18
C ILE H 187 26.02 -5.92 27.44
N SER H 188 25.80 -5.11 28.47
CA SER H 188 26.72 -4.04 28.80
C SER H 188 26.70 -3.79 30.30
N SER H 189 27.88 -3.62 30.89
CA SER H 189 28.03 -3.32 32.31
C SER H 189 27.35 -4.37 33.18
N TYR H 190 27.50 -5.64 32.80
CA TYR H 190 26.95 -6.75 33.55
C TYR H 190 28.02 -7.36 34.44
N SER H 191 27.61 -7.79 35.63
CA SER H 191 28.53 -8.45 36.55
C SER H 191 29.05 -9.74 35.93
N ALA H 192 30.22 -10.18 36.40
CA ALA H 192 30.86 -11.36 35.83
C ALA H 192 30.00 -12.60 36.01
N ALA H 193 29.42 -12.78 37.20
CA ALA H 193 28.59 -13.95 37.45
C ALA H 193 27.26 -13.86 36.71
N ARG H 194 26.66 -12.67 36.68
CA ARG H 194 25.39 -12.50 36.00
C ARG H 194 25.53 -12.65 34.49
N THR H 195 26.73 -12.40 33.95
CA THR H 195 26.97 -12.65 32.53
C THR H 195 26.89 -14.15 32.23
N ARG H 196 27.35 -14.99 33.16
CA ARG H 196 27.22 -16.43 32.99
C ARG H 196 25.77 -16.86 33.11
N GLU H 197 25.02 -16.23 34.01
CA GLU H 197 23.63 -16.63 34.24
C GLU H 197 22.75 -16.28 33.04
N ILE H 198 22.85 -15.04 32.54
CA ILE H 198 22.04 -14.64 31.40
C ILE H 198 22.48 -15.34 30.13
N ALA H 199 23.73 -15.79 30.06
CA ALA H 199 24.18 -16.54 28.88
C ALA H 199 23.58 -17.93 28.86
N ALA H 200 23.49 -18.59 30.02
CA ALA H 200 22.90 -19.92 30.07
C ALA H 200 21.41 -19.88 29.76
N LEU H 201 20.73 -18.81 30.20
CA LEU H 201 19.30 -18.67 29.88
C LEU H 201 19.10 -18.43 28.39
N LEU H 202 19.98 -17.65 27.77
CA LEU H 202 19.90 -17.44 26.33
C LEU H 202 20.22 -18.73 25.58
N ARG H 203 21.16 -19.53 26.09
CA ARG H 203 21.47 -20.81 25.48
C ARG H 203 20.30 -21.79 25.60
N ALA H 204 19.40 -21.59 26.57
CA ALA H 204 18.19 -22.40 26.64
C ALA H 204 17.27 -22.09 25.47
N TRP H 205 17.18 -20.82 25.08
CA TRP H 205 16.43 -20.40 23.90
C TRP H 205 17.16 -20.71 22.60
N LYS H 206 18.31 -21.40 22.67
CA LYS H 206 19.18 -21.64 21.53
C LYS H 206 19.57 -20.34 20.84
N VAL H 207 19.72 -19.27 21.62
CA VAL H 207 20.15 -17.97 21.13
C VAL H 207 21.45 -17.62 21.83
N PRO H 208 22.57 -17.50 21.11
CA PRO H 208 23.85 -17.25 21.77
C PRO H 208 24.03 -15.77 22.11
N LEU H 209 24.88 -15.53 23.11
CA LEU H 209 25.34 -14.19 23.43
C LEU H 209 26.58 -13.90 22.60
N LEU H 210 26.56 -12.78 21.88
CA LEU H 210 27.66 -12.45 20.98
C LEU H 210 28.73 -11.61 21.65
N ILE H 211 28.35 -10.60 22.43
CA ILE H 211 29.30 -9.57 22.83
C ILE H 211 28.88 -9.00 24.18
N HIS H 212 29.87 -8.69 25.00
CA HIS H 212 29.72 -7.95 26.25
C HIS H 212 30.51 -6.66 26.12
N GLN H 213 29.90 -5.53 26.53
CA GLN H 213 30.51 -4.22 26.38
C GLN H 213 30.82 -3.62 27.75
N PRO H 214 31.94 -3.96 28.35
CA PRO H 214 32.33 -3.32 29.62
C PRO H 214 33.20 -2.11 29.39
N ALA H 215 33.32 -1.30 30.45
CA ALA H 215 34.18 -0.13 30.42
C ALA H 215 35.61 -0.57 30.73
N TYR H 216 36.40 -0.83 29.70
CA TYR H 216 37.75 -1.34 29.84
C TYR H 216 38.74 -0.29 29.34
N ASN H 217 39.65 0.11 30.22
CA ASN H 217 40.68 1.10 29.88
C ASN H 217 41.84 0.91 30.86
N LEU H 218 42.73 1.90 30.91
CA LEU H 218 43.90 1.80 31.78
C LEU H 218 43.54 2.02 33.25
N PHE H 219 42.55 2.87 33.52
CA PHE H 219 42.23 3.24 34.89
C PHE H 219 41.12 2.38 35.50
N ASN H 220 40.51 1.49 34.72
CA ASN H 220 39.46 0.59 35.22
C ASN H 220 39.71 -0.79 34.60
N ARG H 221 40.51 -1.60 35.29
CA ARG H 221 40.86 -2.94 34.83
C ARG H 221 40.08 -4.02 35.58
N TRP H 222 38.82 -3.73 35.95
CA TRP H 222 38.02 -4.71 36.67
C TRP H 222 37.64 -5.90 35.80
N ALA H 223 37.66 -5.74 34.47
CA ALA H 223 37.26 -6.83 33.59
C ALA H 223 38.30 -7.94 33.58
N GLU H 224 39.56 -7.62 33.86
CA GLU H 224 40.61 -8.64 33.86
C GLU H 224 40.53 -9.57 35.06
N HIS H 225 39.78 -9.19 36.09
CA HIS H 225 39.64 -10.01 37.29
C HIS H 225 39.00 -11.35 36.98
N GLU H 226 37.72 -11.33 36.60
CA GLU H 226 37.01 -12.56 36.27
C GLU H 226 36.06 -12.41 35.09
N LEU H 227 35.91 -11.22 34.52
CA LEU H 227 34.99 -11.06 33.40
C LEU H 227 35.55 -11.61 32.11
N PHE H 228 36.85 -11.40 31.86
CA PHE H 228 37.47 -11.93 30.64
C PHE H 228 37.53 -13.45 30.64
N ASP H 229 37.63 -14.06 31.82
CA ASP H 229 37.62 -15.52 31.89
C ASP H 229 36.24 -16.11 31.63
N ALA H 230 35.19 -15.29 31.75
CA ALA H 230 33.83 -15.74 31.47
C ALA H 230 33.46 -15.59 30.00
N THR H 231 33.83 -14.47 29.38
CA THR H 231 33.49 -14.24 27.99
C THR H 231 34.24 -15.22 27.07
N ALA H 232 35.49 -15.55 27.41
CA ALA H 232 36.25 -16.48 26.60
C ALA H 232 35.68 -17.88 26.69
N GLU H 233 35.17 -18.27 27.86
CA GLU H 233 34.58 -19.59 28.01
C GLU H 233 33.25 -19.69 27.27
N LEU H 234 32.41 -18.66 27.37
CA LEU H 234 31.11 -18.68 26.73
C LEU H 234 31.18 -18.51 25.22
N GLY H 235 32.35 -18.14 24.68
CA GLY H 235 32.48 -17.94 23.25
C GLY H 235 32.03 -16.59 22.76
N ALA H 236 31.95 -15.60 23.64
CA ALA H 236 31.51 -14.26 23.28
C ALA H 236 32.67 -13.28 23.38
N GLY H 237 32.75 -12.36 22.43
CA GLY H 237 33.78 -11.34 22.42
C GLY H 237 33.47 -10.22 23.39
N VAL H 238 34.29 -9.17 23.30
CA VAL H 238 34.20 -8.02 24.20
C VAL H 238 34.50 -6.75 23.41
N ILE H 239 33.64 -5.74 23.56
CA ILE H 239 33.90 -4.40 23.05
C ILE H 239 34.16 -3.50 24.24
N ALA H 240 35.31 -2.84 24.24
CA ALA H 240 35.71 -1.99 25.36
C ALA H 240 35.08 -0.61 25.21
N PHE H 241 34.08 -0.33 26.03
CA PHE H 241 33.44 0.98 26.06
C PHE H 241 34.33 1.97 26.80
N THR H 242 34.41 3.20 26.27
CA THR H 242 35.26 4.28 26.76
C THR H 242 36.65 3.77 27.11
N PRO H 243 37.50 3.50 26.11
CA PRO H 243 38.86 3.02 26.40
C PRO H 243 39.85 4.14 26.69
N LEU H 244 39.41 5.39 26.74
CA LEU H 244 40.28 6.53 27.03
C LEU H 244 39.84 7.28 28.28
N ALA H 245 39.08 6.62 29.16
CA ALA H 245 38.61 7.22 30.41
C ALA H 245 37.79 8.48 30.15
N GLN H 246 36.94 8.42 29.12
CA GLN H 246 36.04 9.53 28.77
C GLN H 246 36.83 10.80 28.46
N GLY H 247 37.99 10.65 27.82
CA GLY H 247 38.80 11.77 27.41
C GLY H 247 39.99 12.08 28.28
N LEU H 248 40.19 11.33 29.37
CA LEU H 248 41.32 11.60 30.26
C LEU H 248 42.65 11.16 29.67
N LEU H 249 42.66 10.39 28.59
CA LEU H 249 43.87 9.91 27.95
C LEU H 249 44.03 10.48 26.55
N THR H 250 43.77 11.78 26.39
CA THR H 250 43.94 12.45 25.11
C THR H 250 44.27 13.92 25.30
N ARG H 283 48.29 9.42 38.36
CA ARG H 283 48.88 10.21 37.31
C ARG H 283 49.18 9.36 36.07
N ALA H 284 48.90 9.91 34.89
CA ALA H 284 49.12 9.21 33.63
C ALA H 284 50.25 9.84 32.81
N ARG H 285 51.09 10.66 33.45
CA ARG H 285 52.20 11.27 32.74
C ARG H 285 53.35 10.29 32.53
N GLY H 286 53.49 9.30 33.41
CA GLY H 286 54.40 8.20 33.13
C GLY H 286 53.99 7.40 31.91
N LEU H 287 52.67 7.30 31.67
CA LEU H 287 52.18 6.73 30.42
C LEU H 287 52.47 7.65 29.26
N ASP H 288 52.42 8.96 29.48
CA ASP H 288 52.75 9.93 28.44
C ASP H 288 54.22 9.84 28.04
N ALA H 289 55.09 9.34 28.92
CA ALA H 289 56.49 9.12 28.54
C ALA H 289 56.61 7.98 27.54
N ILE H 290 55.88 6.88 27.76
CA ILE H 290 55.84 5.79 26.80
C ILE H 290 55.10 6.16 25.53
N ALA H 291 54.44 7.33 25.51
CA ALA H 291 53.79 7.80 24.30
C ALA H 291 54.81 8.36 23.31
N ARG H 292 55.75 9.18 23.78
CA ARG H 292 56.83 9.64 22.91
C ARG H 292 57.67 8.46 22.42
N GLY H 293 57.93 7.50 23.30
CA GLY H 293 58.51 6.25 22.86
C GLY H 293 57.55 5.45 22.00
N ARG H 294 58.12 4.58 21.16
CA ARG H 294 57.39 3.77 20.20
C ARG H 294 56.63 4.59 19.17
N GLY H 295 56.92 5.89 19.08
CA GLY H 295 56.37 6.76 18.05
C GLY H 295 54.86 6.83 17.96
N GLN H 296 54.23 7.41 18.98
CA GLN H 296 52.77 7.54 18.96
C GLN H 296 52.37 8.61 19.98
N SER H 297 51.15 8.50 20.51
CA SER H 297 50.62 9.43 21.49
C SER H 297 49.98 8.63 22.62
N LEU H 298 49.50 9.33 23.65
CA LEU H 298 48.87 8.66 24.79
C LEU H 298 47.57 7.98 24.37
N ALA H 299 46.77 8.65 23.54
CA ALA H 299 45.54 8.02 23.05
C ALA H 299 45.85 6.81 22.18
N GLN H 300 46.94 6.87 21.41
CA GLN H 300 47.31 5.74 20.57
C GLN H 300 47.92 4.62 21.39
N LEU H 301 48.51 4.93 22.54
CA LEU H 301 49.04 3.91 23.43
C LEU H 301 47.93 3.20 24.19
N ALA H 302 46.91 3.95 24.62
CA ALA H 302 45.80 3.34 25.36
C ALA H 302 44.99 2.41 24.48
N LEU H 303 44.78 2.78 23.22
CA LEU H 303 44.03 1.93 22.31
C LEU H 303 44.75 0.61 22.05
N ALA H 304 46.04 0.67 21.74
CA ALA H 304 46.79 -0.55 21.47
C ALA H 304 46.93 -1.41 22.73
N TRP H 305 46.90 -0.78 23.91
CA TRP H 305 46.95 -1.56 25.15
C TRP H 305 45.66 -2.34 25.36
N VAL H 306 44.53 -1.76 24.97
CA VAL H 306 43.26 -2.46 25.08
C VAL H 306 43.19 -3.62 24.09
N LEU H 307 43.76 -3.43 22.90
CA LEU H 307 43.76 -4.45 21.87
C LEU H 307 44.99 -5.37 22.02
N ARG H 308 45.04 -6.04 23.17
CA ARG H 308 46.17 -6.92 23.47
C ARG H 308 45.97 -8.31 22.88
N ASP H 309 45.06 -9.09 23.45
CA ASP H 309 44.80 -10.45 23.01
C ASP H 309 43.44 -10.52 22.31
N ALA H 310 43.07 -11.76 21.93
CA ALA H 310 41.86 -11.98 21.15
C ALA H 310 40.58 -11.80 21.96
N ARG H 311 40.67 -11.64 23.28
CA ARG H 311 39.46 -11.43 24.07
C ARG H 311 38.80 -10.11 23.73
N VAL H 312 39.60 -9.05 23.56
CA VAL H 312 39.09 -7.74 23.18
C VAL H 312 38.98 -7.67 21.67
N SER H 313 37.76 -7.51 21.17
CA SER H 313 37.51 -7.49 19.73
C SER H 313 37.41 -6.09 19.15
N SER H 314 36.99 -5.10 19.94
CA SER H 314 36.86 -3.73 19.46
C SER H 314 37.02 -2.78 20.63
N ALA H 315 37.37 -1.54 20.29
CA ALA H 315 37.48 -0.45 21.26
C ALA H 315 36.53 0.66 20.81
N LEU H 316 35.40 0.77 21.50
CA LEU H 316 34.37 1.74 21.16
C LEU H 316 34.85 3.14 21.53
N LEU H 317 35.39 3.85 20.55
CA LEU H 317 35.88 5.21 20.75
C LEU H 317 34.83 6.22 20.32
N GLY H 318 34.88 7.40 20.93
CA GLY H 318 33.94 8.45 20.61
C GLY H 318 34.61 9.73 20.17
N ALA H 319 35.47 9.65 19.16
CA ALA H 319 36.17 10.82 18.65
C ALA H 319 35.19 11.73 17.90
N SER H 320 35.62 12.97 17.70
CA SER H 320 34.79 13.96 17.02
C SER H 320 35.53 14.60 15.85
N ARG H 321 36.78 14.97 16.07
CA ARG H 321 37.55 15.62 15.01
C ARG H 321 37.86 14.60 13.91
N PRO H 322 37.64 14.95 12.64
CA PRO H 322 37.92 13.98 11.57
C PRO H 322 39.39 13.63 11.42
N GLU H 323 40.31 14.49 11.86
CA GLU H 323 41.73 14.20 11.68
C GLU H 323 42.25 13.29 12.78
N GLN H 324 41.76 13.45 14.02
CA GLN H 324 42.18 12.56 15.09
C GLN H 324 41.67 11.15 14.88
N LEU H 325 40.59 10.98 14.12
CA LEU H 325 40.12 9.64 13.77
C LEU H 325 41.10 8.94 12.85
N ILE H 326 41.73 9.69 11.94
CA ILE H 326 42.69 9.11 11.02
C ILE H 326 43.96 8.70 11.77
N GLU H 327 44.42 9.54 12.70
CA GLU H 327 45.64 9.25 13.42
C GLU H 327 45.46 8.16 14.46
N ASN H 328 44.23 7.90 14.89
CA ASN H 328 43.99 6.82 15.86
C ASN H 328 43.97 5.45 15.19
N VAL H 329 43.58 5.38 13.92
CA VAL H 329 43.64 4.12 13.20
C VAL H 329 45.09 3.72 12.92
N ALA H 330 45.99 4.71 12.83
CA ALA H 330 47.42 4.46 12.67
C ALA H 330 48.08 3.95 13.94
N ALA H 331 47.32 3.56 14.95
CA ALA H 331 47.86 3.01 16.19
C ALA H 331 47.86 1.49 16.23
N LEU H 332 47.46 0.84 15.14
CA LEU H 332 47.41 -0.62 15.09
C LEU H 332 48.74 -1.23 14.65
N GLN H 333 49.41 -0.62 13.67
CA GLN H 333 50.67 -1.16 13.16
C GLN H 333 51.82 -0.98 14.13
N ALA H 334 51.59 -0.35 15.28
CA ALA H 334 52.64 -0.23 16.29
C ALA H 334 53.04 -1.62 16.78
N PRO H 335 54.32 -1.81 17.13
CA PRO H 335 54.77 -3.14 17.55
C PRO H 335 54.14 -3.51 18.88
N PRO H 336 54.01 -4.80 19.17
CA PRO H 336 53.44 -5.23 20.46
C PRO H 336 54.35 -4.86 21.61
N PHE H 337 53.84 -5.10 22.82
CA PHE H 337 54.53 -4.73 24.05
C PHE H 337 55.51 -5.78 24.53
N SER H 338 55.68 -6.88 23.79
CA SER H 338 56.54 -8.00 24.15
C SER H 338 56.34 -8.42 25.61
N ALA H 339 57.28 -8.06 26.48
CA ALA H 339 57.18 -8.41 27.90
C ALA H 339 57.59 -7.23 28.78
N GLU H 340 58.76 -6.64 28.52
CA GLU H 340 59.22 -5.53 29.34
C GLU H 340 58.38 -4.28 29.13
N GLU H 341 58.09 -3.95 27.86
CA GLU H 341 57.28 -2.78 27.57
C GLU H 341 55.88 -2.89 28.16
N LEU H 342 55.36 -4.11 28.26
CA LEU H 342 54.07 -4.31 28.91
C LEU H 342 54.18 -4.23 30.42
N ALA H 343 55.31 -4.66 30.99
CA ALA H 343 55.52 -4.56 32.43
C ALA H 343 55.78 -3.14 32.89
N GLU H 344 55.97 -2.20 31.96
CA GLU H 344 56.11 -0.79 32.32
C GLU H 344 54.76 -0.08 32.43
N ILE H 345 53.76 -0.53 31.66
CA ILE H 345 52.43 0.05 31.76
C ILE H 345 51.78 -0.30 33.09
N ASP H 346 52.08 -1.48 33.63
CA ASP H 346 51.49 -1.94 34.88
C ASP H 346 51.87 -1.07 36.07
N ARG H 347 52.90 -0.22 35.95
CA ARG H 347 53.26 0.67 37.05
C ARG H 347 52.14 1.65 37.35
N HIS H 348 51.57 2.26 36.32
CA HIS H 348 50.54 3.28 36.49
C HIS H 348 49.17 2.78 36.03
N ALA H 349 48.79 1.58 36.49
CA ALA H 349 47.52 0.98 36.14
C ALA H 349 46.83 0.50 37.41
N VAL H 350 45.69 -0.16 37.23
CA VAL H 350 44.87 -0.68 38.33
C VAL H 350 44.48 0.45 39.29
#